data_5N9F
#
_entry.id   5N9F
#
_cell.length_a   306.683
_cell.length_b   51.311
_cell.length_c   164.860
_cell.angle_alpha   90.00
_cell.angle_beta   115.55
_cell.angle_gamma   90.00
#
_symmetry.space_group_name_H-M   'C 1 2 1'
#
loop_
_entity.id
_entity.type
_entity.pdbx_description
1 polymer 'CG9323, isoform A'
2 polymer "DNA (5'-D(*GP*GP*GP*GP*AP*CP*GP*AP*TP*C)-3')"
3 non-polymer 'SODIUM ION'
4 non-polymer 'CHLORIDE ION'
#
loop_
_entity_poly.entity_id
_entity_poly.type
_entity_poly.pdbx_seq_one_letter_code
_entity_poly.pdbx_strand_id
1 'polypeptide(L)'
;MQRDRDSSGSNARKGNRPPGLRGKDIGLYYRNLARQQKKDRGENAESKEPQIRLGCNVSAPSGVLERVKELMEDYSRAPS
RQNVDDKNVDAKFQQQFRHLLSVNFEEFVAETKERNADLDWVNPKLDERLQLELGQRQLEENAKKRLEARKKLPTMKYAD
DIIQAVRENQVILIVGSTGCGKTTQVPQILLDDAISRGCASSCRIICTQPRRISAIAIAEWVSYERCESLGNSVGYQIRL
ESRKARERASITYCTTGVLLQQLQSDPLMHNLSVLILDEIHERSVETDLLMGLLKVILPHRPDLKVILMSATVREQDFCD
YFNNCPMFRIEGVMFPVKMLYLEDVLSKTNYEFQKFRDRRPKRDPPERRMKHEAMIEPYLRRIRNSYDSRVLDKLRLPES
EGCEDIDFIADLVYYICENEPEGAILVFLPGYDKISQLYNILDKPKTSKGQRWRDHMAVFPLHSLMQSGEQQAVFRRPPA
GQRKVIISTIIAETSVTIDDVVYVINSGRTKATNYDIETNIQSLDEVWVTKANTQQRRGRAGRVRPGICYNLFSRAREDR
MDDIPTPEILRSKLESIILSLKLLHIDDPYRFLQTLINAPNPEAIKMGVELLKRIEALDQTGTLTPLGMHLAKLPIDPQM
GKMILMSALFCCLDPITSAAAALSFKSPFYSPLGKESRVDEIKRRMARNMRSDHLMVHNTIIAYRDSRYSHAERDFCYKN
FLSSMTLQQLERMKNQFSELLYNYKFLASSNCKDAASNKNSEKIPLLRAIIGAGLYPNMAHLRKSRQIKNRVRAIHTMAT
DDGRRVNFHPSSVNSGESGFDSAYFVYFQRQKSTDLFLLDSTMVFPMALIIFGDGVEAGVTQNTPYLCVAKTYYFKCNRE
TADVVIQLRSNLEKLLLKKALYPAPIEENGYEKQLIKAIELLLSLDERLGEDYISSDEIDDIVD
;
A,B
2 'polydeoxyribonucleotide' (DG)(DG)(DG)(DG)(DA)(DC)(DG)(DA)(DT)(DC) C,D
#
# COMPACT_ATOMS: atom_id res chain seq x y z
N ILE A 52 0.91 42.89 4.08
CA ILE A 52 1.57 43.42 2.88
C ILE A 52 3.06 43.58 3.16
N ARG A 53 3.87 42.81 2.44
CA ARG A 53 5.31 42.80 2.58
C ARG A 53 5.96 43.70 1.53
N LEU A 54 7.22 44.05 1.77
CA LEU A 54 7.94 45.00 0.95
C LEU A 54 9.16 44.35 0.31
N GLY A 55 9.46 44.74 -0.93
CA GLY A 55 10.55 44.19 -1.68
C GLY A 55 11.77 45.07 -1.68
N CYS A 56 12.67 44.81 -2.62
CA CYS A 56 13.95 45.49 -2.67
C CYS A 56 13.78 46.93 -3.14
N ASN A 57 14.85 47.72 -2.97
CA ASN A 57 14.81 49.14 -3.27
C ASN A 57 15.07 49.38 -4.76
N VAL A 58 14.19 50.16 -5.39
CA VAL A 58 14.32 50.46 -6.81
C VAL A 58 14.58 51.95 -7.05
N SER A 59 15.11 52.64 -6.05
CA SER A 59 15.45 54.05 -6.24
C SER A 59 16.65 54.19 -7.17
N ALA A 60 16.74 55.36 -7.82
CA ALA A 60 17.79 55.68 -8.77
C ALA A 60 18.63 56.84 -8.27
N PRO A 61 19.92 56.84 -8.59
CA PRO A 61 20.79 57.93 -8.12
C PRO A 61 20.33 59.29 -8.63
N SER A 62 20.88 60.35 -7.99
CA SER A 62 20.48 61.71 -8.32
C SER A 62 20.84 62.05 -9.75
N GLY A 63 22.06 61.73 -10.17
CA GLY A 63 22.49 62.06 -11.51
C GLY A 63 21.67 61.41 -12.60
N VAL A 64 21.10 60.24 -12.31
CA VAL A 64 20.29 59.54 -13.29
C VAL A 64 18.93 60.22 -13.43
N LEU A 65 18.26 60.47 -12.30
CA LEU A 65 16.97 61.16 -12.35
C LEU A 65 17.10 62.55 -12.98
N GLU A 66 18.21 63.24 -12.69
CA GLU A 66 18.43 64.56 -13.27
C GLU A 66 18.46 64.50 -14.79
N ARG A 67 19.03 63.42 -15.34
CA ARG A 67 19.04 63.26 -16.79
C ARG A 67 17.70 62.76 -17.31
N VAL A 68 17.00 61.92 -16.56
CA VAL A 68 15.69 61.44 -16.99
C VAL A 68 14.71 62.61 -17.08
N LYS A 69 14.71 63.48 -16.06
CA LYS A 69 13.88 64.68 -16.10
C LYS A 69 14.27 65.57 -17.27
N GLU A 70 15.56 65.61 -17.62
CA GLU A 70 16.00 66.39 -18.77
C GLU A 70 15.42 65.85 -20.06
N LEU A 71 15.47 64.53 -20.24
CA LEU A 71 15.02 63.93 -21.49
C LEU A 71 13.51 64.02 -21.65
N MET A 72 12.77 63.86 -20.55
CA MET A 72 11.31 63.94 -20.62
C MET A 72 10.83 65.36 -20.92
N GLU A 73 11.40 66.35 -20.21
CA GLU A 73 11.11 67.73 -20.54
C GLU A 73 11.48 68.03 -22.00
N ASP A 74 12.57 67.43 -22.48
CA ASP A 74 12.96 67.60 -23.87
C ASP A 74 11.94 66.95 -24.80
N TYR A 75 11.43 65.77 -24.43
CA TYR A 75 10.43 65.11 -25.26
C TYR A 75 9.10 65.87 -25.23
N SER A 76 8.84 66.64 -24.18
CA SER A 76 7.52 67.23 -23.99
C SER A 76 7.27 68.43 -24.90
N ARG A 77 8.32 69.13 -25.33
CA ARG A 77 8.14 70.36 -26.12
C ARG A 77 8.18 70.11 -27.61
N ALA A 78 7.60 69.00 -28.07
CA ALA A 78 7.48 68.76 -29.50
C ALA A 78 6.09 69.09 -29.99
N PRO A 79 5.95 69.67 -31.19
CA PRO A 79 4.62 69.94 -31.76
C PRO A 79 3.89 68.66 -32.14
N ASP A 90 2.05 62.40 -42.46
CA ASP A 90 1.20 61.72 -43.44
C ASP A 90 0.66 60.42 -42.85
N ALA A 91 -0.60 60.46 -42.42
CA ALA A 91 -1.25 59.32 -41.77
C ALA A 91 -2.37 58.83 -42.67
N LYS A 92 -2.02 58.00 -43.65
CA LYS A 92 -3.04 57.24 -44.36
C LYS A 92 -3.68 56.20 -43.44
N PHE A 93 -2.94 55.76 -42.43
CA PHE A 93 -3.49 54.77 -41.50
C PHE A 93 -4.60 55.36 -40.64
N GLN A 94 -4.44 56.61 -40.21
CA GLN A 94 -5.49 57.26 -39.42
C GLN A 94 -6.78 57.34 -40.22
N GLN A 95 -6.70 57.73 -41.48
CA GLN A 95 -7.87 57.70 -42.36
C GLN A 95 -8.41 56.28 -42.48
N GLN A 96 -7.52 55.29 -42.51
CA GLN A 96 -7.96 53.90 -42.58
C GLN A 96 -8.66 53.48 -41.28
N PHE A 97 -8.12 53.89 -40.14
CA PHE A 97 -8.64 53.40 -38.87
C PHE A 97 -10.02 53.97 -38.57
N ARG A 98 -10.21 55.27 -38.82
CA ARG A 98 -11.50 55.88 -38.53
C ARG A 98 -12.56 55.47 -39.54
N HIS A 99 -12.14 55.09 -40.75
CA HIS A 99 -13.10 54.69 -41.77
C HIS A 99 -13.73 53.35 -41.44
N LEU A 100 -12.95 52.42 -40.90
CA LEU A 100 -13.51 51.13 -40.49
C LEU A 100 -14.54 51.31 -39.37
N LEU A 101 -14.27 52.20 -38.43
CA LEU A 101 -15.21 52.43 -37.34
C LEU A 101 -16.43 53.21 -37.83
N SER A 102 -16.26 54.06 -38.84
CA SER A 102 -17.37 54.90 -39.30
C SER A 102 -18.44 54.08 -39.99
N VAL A 103 -18.04 53.09 -40.79
CA VAL A 103 -19.00 52.29 -41.53
C VAL A 103 -19.71 51.33 -40.60
N ASN A 104 -20.94 50.98 -40.96
CA ASN A 104 -21.62 49.82 -40.39
C ASN A 104 -21.51 48.67 -41.39
N PHE A 105 -22.09 47.53 -41.03
CA PHE A 105 -21.89 46.32 -41.82
C PHE A 105 -22.44 46.46 -43.24
N GLU A 106 -23.54 47.19 -43.40
CA GLU A 106 -24.20 47.25 -44.70
C GLU A 106 -23.34 47.99 -45.73
N GLU A 107 -22.76 49.14 -45.34
CA GLU A 107 -21.83 49.81 -46.24
C GLU A 107 -20.47 49.13 -46.27
N PHE A 108 -20.13 48.35 -45.23
CA PHE A 108 -18.92 47.55 -45.27
C PHE A 108 -18.97 46.53 -46.39
N VAL A 109 -20.11 45.86 -46.55
CA VAL A 109 -20.24 44.85 -47.60
C VAL A 109 -20.25 45.49 -48.98
N ALA A 110 -20.87 46.66 -49.10
CA ALA A 110 -20.92 47.33 -50.40
C ALA A 110 -19.54 47.77 -50.85
N GLU A 111 -18.72 48.29 -49.92
CA GLU A 111 -17.42 48.83 -50.30
C GLU A 111 -16.46 47.74 -50.73
N THR A 112 -16.47 46.59 -50.05
CA THR A 112 -15.54 45.52 -50.38
C THR A 112 -15.92 44.79 -51.67
N LYS A 113 -17.19 44.84 -52.08
CA LYS A 113 -17.58 44.23 -53.35
C LYS A 113 -16.96 44.97 -54.52
N GLU A 114 -17.03 46.31 -54.51
CA GLU A 114 -16.42 47.09 -55.57
C GLU A 114 -14.90 47.11 -55.48
N ARG A 115 -14.34 46.90 -54.29
CA ARG A 115 -12.89 46.88 -54.14
C ARG A 115 -12.29 45.58 -54.63
N ASN A 116 -13.00 44.46 -54.48
CA ASN A 116 -12.56 43.15 -54.95
C ASN A 116 -13.53 42.69 -56.03
N ALA A 117 -13.23 43.05 -57.28
CA ALA A 117 -14.13 42.72 -58.39
C ALA A 117 -13.37 42.22 -59.61
N ASP A 118 -12.21 41.58 -59.39
CA ASP A 118 -11.43 41.07 -60.51
C ASP A 118 -12.15 39.91 -61.21
N LEU A 119 -12.94 39.14 -60.46
CA LEU A 119 -13.64 37.99 -61.01
C LEU A 119 -14.89 38.37 -61.81
N ASP A 120 -15.26 39.65 -61.84
CA ASP A 120 -16.35 40.08 -62.71
C ASP A 120 -15.95 40.10 -64.17
N TRP A 121 -14.65 39.99 -64.48
CA TRP A 121 -14.16 39.95 -65.84
C TRP A 121 -13.58 38.57 -66.15
N VAL A 122 -13.89 38.06 -67.35
CA VAL A 122 -13.29 36.85 -67.87
C VAL A 122 -12.84 37.13 -69.30
N ASN A 123 -11.97 36.25 -69.80
CA ASN A 123 -11.36 36.42 -71.11
C ASN A 123 -11.72 35.25 -72.02
N PRO A 124 -12.55 35.45 -73.04
CA PRO A 124 -12.93 34.31 -73.91
C PRO A 124 -11.77 33.78 -74.74
N LYS A 125 -10.82 34.64 -75.11
CA LYS A 125 -9.67 34.18 -75.90
C LYS A 125 -8.88 33.13 -75.15
N LEU A 126 -8.84 33.21 -73.82
CA LEU A 126 -8.20 32.20 -73.00
C LEU A 126 -9.13 31.05 -72.65
N ASP A 127 -10.44 31.34 -72.52
CA ASP A 127 -11.43 30.29 -72.31
C ASP A 127 -11.34 29.25 -73.42
N GLU A 128 -11.45 29.69 -74.68
CA GLU A 128 -11.37 28.76 -75.79
C GLU A 128 -9.97 28.16 -75.92
N ARG A 129 -8.94 28.93 -75.58
CA ARG A 129 -7.58 28.40 -75.69
C ARG A 129 -7.37 27.21 -74.77
N LEU A 130 -7.86 27.31 -73.53
CA LEU A 130 -7.72 26.19 -72.60
C LEU A 130 -8.68 25.06 -72.95
N GLN A 131 -9.85 25.38 -73.50
CA GLN A 131 -10.81 24.34 -73.87
C GLN A 131 -10.27 23.48 -75.00
N LEU A 132 -9.56 24.09 -75.94
CA LEU A 132 -8.99 23.32 -77.05
C LEU A 132 -7.75 22.55 -76.64
N GLU A 133 -6.97 23.06 -75.70
CA GLU A 133 -5.79 22.34 -75.24
C GLU A 133 -6.11 21.28 -74.20
N LEU A 134 -7.33 21.29 -73.67
CA LEU A 134 -7.61 20.49 -72.49
C LEU A 134 -7.45 19.02 -72.82
N GLY A 135 -8.17 18.56 -73.83
CA GLY A 135 -8.27 17.26 -74.41
C GLY A 135 -7.54 17.06 -75.72
N GLN A 136 -6.74 18.04 -76.15
CA GLN A 136 -5.61 17.69 -76.97
C GLN A 136 -4.72 16.74 -76.20
N ARG A 137 -4.72 16.91 -74.87
CA ARG A 137 -4.18 15.93 -73.94
C ARG A 137 -5.07 14.69 -73.83
N GLN A 138 -6.40 14.82 -73.99
CA GLN A 138 -7.27 13.64 -73.97
C GLN A 138 -6.89 12.62 -75.04
N LEU A 139 -6.15 13.04 -76.06
CA LEU A 139 -5.82 12.16 -77.16
C LEU A 139 -4.42 11.56 -77.08
N GLU A 140 -3.51 12.17 -76.30
CA GLU A 140 -2.24 11.53 -76.02
C GLU A 140 -2.46 10.34 -75.09
N GLU A 141 -1.44 9.47 -74.97
CA GLU A 141 -1.56 8.20 -74.26
C GLU A 141 -0.77 8.18 -72.95
N ASN A 142 -0.46 9.35 -72.39
CA ASN A 142 0.01 9.44 -71.00
C ASN A 142 -0.88 10.30 -70.13
N ALA A 143 -1.51 11.33 -70.68
CA ALA A 143 -2.91 11.53 -70.37
C ALA A 143 -3.69 10.45 -71.09
N LYS A 144 -4.96 10.27 -70.71
CA LYS A 144 -5.75 9.14 -71.23
C LYS A 144 -5.14 7.81 -70.82
N LYS A 145 -3.96 7.85 -70.19
CA LYS A 145 -3.46 6.75 -69.38
C LYS A 145 -3.34 7.13 -67.91
N ARG A 146 -3.30 8.42 -67.59
CA ARG A 146 -3.35 8.80 -66.18
C ARG A 146 -4.77 9.02 -65.69
N LEU A 147 -5.77 8.98 -66.58
CA LEU A 147 -7.16 9.19 -66.20
C LEU A 147 -7.93 7.89 -65.95
N GLU A 148 -7.59 6.77 -66.59
CA GLU A 148 -8.26 5.53 -66.22
C GLU A 148 -7.87 5.11 -64.81
N ALA A 149 -6.58 5.27 -64.45
CA ALA A 149 -6.19 5.14 -63.05
C ALA A 149 -6.93 6.16 -62.19
N ARG A 150 -7.21 7.34 -62.74
CA ARG A 150 -8.00 8.32 -62.01
C ARG A 150 -9.44 7.83 -61.82
N LYS A 151 -10.05 7.27 -62.86
CA LYS A 151 -11.39 6.72 -62.77
C LYS A 151 -11.44 5.37 -62.07
N LYS A 152 -10.33 4.88 -61.53
CA LYS A 152 -10.40 3.77 -60.58
C LYS A 152 -10.49 4.26 -59.14
N LEU A 153 -10.45 5.58 -58.93
CA LEU A 153 -10.72 6.21 -57.65
C LEU A 153 -12.22 6.40 -57.46
N PRO A 154 -12.73 6.13 -56.25
CA PRO A 154 -14.19 6.16 -56.04
C PRO A 154 -14.89 7.46 -56.40
N THR A 155 -14.23 8.62 -56.23
CA THR A 155 -14.94 9.88 -56.42
C THR A 155 -15.29 10.13 -57.89
N MET A 156 -14.47 9.63 -58.82
CA MET A 156 -14.74 9.86 -60.24
C MET A 156 -16.06 9.22 -60.67
N LYS A 157 -16.57 8.25 -59.91
CA LYS A 157 -17.83 7.61 -60.25
C LYS A 157 -19.00 8.53 -59.94
N TYR A 158 -18.80 9.47 -59.02
CA TYR A 158 -19.77 10.51 -58.67
C TYR A 158 -19.47 11.84 -59.36
N ALA A 159 -18.51 11.86 -60.27
CA ALA A 159 -18.04 13.10 -60.86
C ALA A 159 -19.19 13.92 -61.42
N ASP A 160 -20.03 13.28 -62.25
CA ASP A 160 -21.12 14.01 -62.90
C ASP A 160 -22.19 14.42 -61.90
N ASP A 161 -22.45 13.61 -60.88
CA ASP A 161 -23.42 13.99 -59.86
C ASP A 161 -22.94 15.20 -59.06
N ILE A 162 -21.63 15.28 -58.81
CA ILE A 162 -21.08 16.44 -58.11
C ILE A 162 -21.22 17.69 -58.98
N ILE A 163 -20.92 17.58 -60.28
CA ILE A 163 -21.11 18.70 -61.20
C ILE A 163 -22.53 19.21 -61.11
N GLN A 164 -23.50 18.29 -61.04
CA GLN A 164 -24.89 18.68 -60.85
C GLN A 164 -25.10 19.34 -59.49
N ALA A 165 -24.67 18.65 -58.42
CA ALA A 165 -24.97 19.11 -57.06
C ALA A 165 -24.37 20.48 -56.77
N VAL A 166 -23.20 20.78 -57.34
CA VAL A 166 -22.62 22.11 -57.16
C VAL A 166 -23.44 23.15 -57.91
N ARG A 167 -24.01 22.78 -59.06
CA ARG A 167 -24.69 23.76 -59.89
C ARG A 167 -26.00 24.24 -59.24
N GLU A 168 -26.72 23.36 -58.56
CA GLU A 168 -28.05 23.67 -58.04
C GLU A 168 -28.05 23.94 -56.54
N ASN A 169 -26.91 23.81 -55.86
CA ASN A 169 -26.82 24.09 -54.43
C ASN A 169 -25.63 24.98 -54.16
N GLN A 170 -25.80 25.92 -53.22
CA GLN A 170 -24.68 26.79 -52.84
C GLN A 170 -23.62 26.01 -52.09
N VAL A 171 -24.03 25.18 -51.14
CA VAL A 171 -23.13 24.37 -50.34
C VAL A 171 -23.51 22.91 -50.50
N ILE A 172 -22.51 22.05 -50.69
CA ILE A 172 -22.69 20.61 -50.64
C ILE A 172 -21.66 20.04 -49.67
N LEU A 173 -21.86 18.77 -49.30
CA LEU A 173 -20.99 18.08 -48.37
C LEU A 173 -20.53 16.77 -49.00
N ILE A 174 -19.22 16.52 -48.96
CA ILE A 174 -18.64 15.30 -49.49
C ILE A 174 -18.01 14.56 -48.31
N VAL A 175 -18.57 13.41 -47.97
CA VAL A 175 -18.07 12.57 -46.89
C VAL A 175 -17.44 11.33 -47.51
N GLY A 176 -16.20 11.06 -47.13
CA GLY A 176 -15.49 9.91 -47.67
C GLY A 176 -14.33 9.47 -46.82
N SER A 177 -14.12 8.15 -46.74
CA SER A 177 -13.02 7.59 -45.98
C SER A 177 -11.70 7.87 -46.69
N THR A 178 -10.61 7.46 -46.05
CA THR A 178 -9.29 7.66 -46.63
C THR A 178 -9.07 6.68 -47.78
N GLY A 179 -8.40 7.16 -48.83
CA GLY A 179 -8.17 6.37 -50.02
C GLY A 179 -9.18 6.60 -51.13
N CYS A 180 -10.24 7.37 -50.87
CA CYS A 180 -11.21 7.68 -51.92
C CYS A 180 -10.68 8.70 -52.91
N GLY A 181 -9.86 9.63 -52.46
CA GLY A 181 -9.33 10.65 -53.35
C GLY A 181 -10.23 11.85 -53.56
N LYS A 182 -11.11 12.14 -52.60
CA LYS A 182 -11.91 13.36 -52.71
C LYS A 182 -11.03 14.59 -52.74
N THR A 183 -10.02 14.65 -51.87
CA THR A 183 -9.05 15.75 -51.91
C THR A 183 -8.41 15.87 -53.29
N THR A 184 -7.97 14.74 -53.85
CA THR A 184 -7.14 14.77 -55.04
C THR A 184 -7.94 15.03 -56.30
N GLN A 185 -9.20 14.61 -56.34
CA GLN A 185 -9.97 14.62 -57.57
C GLN A 185 -11.02 15.72 -57.64
N VAL A 186 -11.76 15.94 -56.55
CA VAL A 186 -12.90 16.88 -56.63
C VAL A 186 -12.52 18.25 -57.14
N PRO A 187 -11.36 18.84 -56.78
CA PRO A 187 -10.98 20.10 -57.45
C PRO A 187 -10.75 19.93 -58.94
N GLN A 188 -10.11 18.83 -59.37
CA GLN A 188 -9.90 18.61 -60.80
C GLN A 188 -11.21 18.46 -61.54
N ILE A 189 -12.16 17.72 -60.97
CA ILE A 189 -13.45 17.51 -61.62
C ILE A 189 -14.18 18.85 -61.79
N LEU A 190 -14.14 19.70 -60.76
CA LEU A 190 -14.83 20.98 -60.84
C LEU A 190 -14.10 21.94 -61.78
N LEU A 191 -12.80 21.75 -61.96
CA LEU A 191 -12.04 22.62 -62.86
C LEU A 191 -12.20 22.19 -64.31
N ASP A 192 -11.99 20.90 -64.59
CA ASP A 192 -12.06 20.41 -65.97
C ASP A 192 -13.45 20.62 -66.55
N ASP A 193 -14.48 20.67 -65.71
CA ASP A 193 -15.83 20.93 -66.20
C ASP A 193 -15.95 22.34 -66.76
N ALA A 194 -15.51 23.34 -65.99
CA ALA A 194 -15.55 24.72 -66.45
C ALA A 194 -14.68 24.92 -67.69
N ILE A 195 -13.59 24.18 -67.80
CA ILE A 195 -12.69 24.34 -68.95
C ILE A 195 -13.37 23.85 -70.23
N SER A 196 -13.91 22.63 -70.19
CA SER A 196 -14.52 22.05 -71.39
C SER A 196 -15.81 22.76 -71.77
N ARG A 197 -16.49 23.37 -70.81
CA ARG A 197 -17.64 24.22 -71.11
C ARG A 197 -17.21 25.57 -71.68
N GLY A 198 -15.93 25.91 -71.60
CA GLY A 198 -15.47 27.19 -72.09
C GLY A 198 -15.60 28.31 -71.08
N CYS A 199 -15.51 27.98 -69.79
CA CYS A 199 -15.64 28.94 -68.70
C CYS A 199 -14.41 28.93 -67.81
N ALA A 200 -13.27 28.53 -68.36
CA ALA A 200 -12.08 28.30 -67.55
C ALA A 200 -11.65 29.55 -66.79
N SER A 201 -11.69 30.71 -67.44
CA SER A 201 -11.18 31.94 -66.84
C SER A 201 -12.02 32.44 -65.68
N SER A 202 -13.23 31.92 -65.49
CA SER A 202 -14.09 32.33 -64.38
C SER A 202 -13.97 31.42 -63.17
N CYS A 203 -13.21 30.33 -63.27
CA CYS A 203 -13.13 29.31 -62.23
C CYS A 203 -11.82 29.45 -61.48
N ARG A 204 -11.91 29.75 -60.19
CA ARG A 204 -10.74 29.77 -59.32
C ARG A 204 -11.05 28.98 -58.07
N ILE A 205 -10.29 27.90 -57.86
CA ILE A 205 -10.59 26.90 -56.84
C ILE A 205 -9.60 27.04 -55.70
N ILE A 206 -10.12 27.15 -54.48
CA ILE A 206 -9.31 27.17 -53.27
C ILE A 206 -9.71 25.97 -52.42
N CYS A 207 -8.72 25.22 -51.95
CA CYS A 207 -8.95 24.02 -51.14
C CYS A 207 -8.07 24.09 -49.91
N THR A 208 -8.70 24.23 -48.74
CA THR A 208 -7.97 24.34 -47.49
C THR A 208 -7.55 22.96 -46.99
N GLN A 209 -6.43 22.93 -46.27
CA GLN A 209 -5.92 21.74 -45.61
C GLN A 209 -5.52 22.09 -44.18
N PRO A 210 -5.68 21.17 -43.24
CA PRO A 210 -5.37 21.49 -41.84
C PRO A 210 -3.89 21.72 -41.59
N ARG A 211 -3.02 20.98 -42.28
CA ARG A 211 -1.59 21.02 -42.03
C ARG A 211 -0.83 21.41 -43.28
N ARG A 212 0.39 21.92 -43.09
CA ARG A 212 1.21 22.38 -44.20
C ARG A 212 1.62 21.23 -45.10
N ILE A 213 2.19 20.17 -44.50
CA ILE A 213 2.68 19.03 -45.28
C ILE A 213 1.58 18.48 -46.17
N SER A 214 0.35 18.46 -45.67
CA SER A 214 -0.77 18.11 -46.53
C SER A 214 -0.85 19.03 -47.74
N ALA A 215 -0.94 20.34 -47.50
CA ALA A 215 -1.19 21.29 -48.58
C ALA A 215 -0.17 21.17 -49.71
N ILE A 216 1.07 20.78 -49.42
CA ILE A 216 2.09 20.69 -50.45
C ILE A 216 1.99 19.37 -51.21
N ALA A 217 2.18 18.25 -50.51
CA ALA A 217 2.20 16.94 -51.17
C ALA A 217 0.95 16.70 -52.01
N ILE A 218 -0.22 17.14 -51.53
CA ILE A 218 -1.41 17.00 -52.36
C ILE A 218 -1.33 17.92 -53.57
N ALA A 219 -0.74 19.11 -53.41
CA ALA A 219 -0.55 19.98 -54.58
C ALA A 219 0.46 19.40 -55.56
N GLU A 220 1.47 18.68 -55.08
CA GLU A 220 2.49 18.13 -55.97
C GLU A 220 1.93 16.95 -56.78
N TRP A 221 1.14 16.08 -56.15
CA TRP A 221 0.65 14.90 -56.85
C TRP A 221 -0.55 15.23 -57.75
N VAL A 222 -1.44 16.11 -57.30
CA VAL A 222 -2.52 16.57 -58.17
C VAL A 222 -1.94 17.29 -59.38
N SER A 223 -0.77 17.91 -59.23
CA SER A 223 -0.11 18.55 -60.36
C SER A 223 0.41 17.52 -61.35
N TYR A 224 1.08 16.47 -60.85
CA TYR A 224 1.64 15.47 -61.75
C TYR A 224 0.54 14.63 -62.42
N GLU A 225 -0.62 14.52 -61.78
CA GLU A 225 -1.76 13.89 -62.45
C GLU A 225 -2.22 14.65 -63.68
N ARG A 226 -1.73 15.87 -63.87
CA ARG A 226 -2.06 16.68 -65.04
C ARG A 226 -0.85 16.91 -65.94
N CYS A 227 0.26 16.19 -65.70
CA CYS A 227 1.47 16.29 -66.50
C CYS A 227 2.05 17.70 -66.52
N GLU A 228 1.82 18.46 -65.45
CA GLU A 228 2.35 19.81 -65.31
C GLU A 228 3.23 19.89 -64.08
N SER A 229 4.31 20.66 -64.18
CA SER A 229 5.08 20.99 -62.99
C SER A 229 4.29 21.96 -62.12
N LEU A 230 4.73 22.12 -60.88
CA LEU A 230 3.98 22.89 -59.90
C LEU A 230 3.88 24.35 -60.30
N GLY A 231 2.67 24.90 -60.22
CA GLY A 231 2.45 26.32 -60.44
C GLY A 231 1.75 26.68 -61.73
N ASN A 232 1.35 25.69 -62.55
CA ASN A 232 0.69 25.97 -63.81
C ASN A 232 -0.83 25.98 -63.67
N SER A 233 -1.42 24.83 -63.32
CA SER A 233 -2.83 24.78 -62.97
C SER A 233 -3.08 24.44 -61.52
N VAL A 234 -2.07 23.91 -60.81
CA VAL A 234 -2.17 23.58 -59.41
C VAL A 234 -1.02 24.26 -58.68
N GLY A 235 -1.35 24.95 -57.58
CA GLY A 235 -0.34 25.56 -56.75
C GLY A 235 -0.71 25.43 -55.29
N TYR A 236 0.27 25.73 -54.43
CA TYR A 236 0.05 25.73 -52.99
C TYR A 236 0.54 27.05 -52.40
N GLN A 237 -0.12 27.49 -51.34
CA GLN A 237 0.20 28.75 -50.68
C GLN A 237 0.14 28.52 -49.17
N ILE A 238 1.31 28.54 -48.54
CA ILE A 238 1.48 28.24 -47.12
C ILE A 238 1.95 29.54 -46.47
N ARG A 239 2.05 29.57 -45.14
CA ARG A 239 2.79 30.63 -44.47
C ARG A 239 4.27 30.56 -44.86
N LEU A 240 4.82 31.71 -45.29
CA LEU A 240 6.23 31.86 -45.66
C LEU A 240 6.64 31.09 -46.91
N GLU A 241 5.70 30.39 -47.55
CA GLU A 241 6.07 29.57 -48.69
C GLU A 241 4.90 29.44 -49.64
N SER A 242 5.15 29.72 -50.92
CA SER A 242 4.10 29.63 -51.92
C SER A 242 4.72 29.34 -53.28
N ARG A 243 4.20 28.30 -53.94
CA ARG A 243 4.41 28.05 -55.36
C ARG A 243 3.02 28.20 -55.99
N LYS A 244 2.62 29.44 -56.24
CA LYS A 244 1.25 29.73 -56.61
C LYS A 244 0.98 29.35 -58.07
N ALA A 245 -0.20 28.78 -58.30
CA ALA A 245 -0.71 28.45 -59.63
C ALA A 245 -1.09 29.71 -60.40
N ARG A 246 -1.62 29.53 -61.61
CA ARG A 246 -2.02 30.64 -62.45
C ARG A 246 -3.23 31.36 -61.88
N GLU A 247 -3.56 32.52 -62.48
CA GLU A 247 -4.57 33.40 -61.89
C GLU A 247 -5.96 32.79 -61.99
N ARG A 248 -6.35 32.33 -63.18
CA ARG A 248 -7.67 31.77 -63.40
C ARG A 248 -7.55 30.35 -63.96
N ALA A 249 -8.65 29.60 -63.88
CA ALA A 249 -8.67 28.19 -64.22
C ALA A 249 -7.59 27.44 -63.43
N SER A 250 -7.73 27.54 -62.10
CA SER A 250 -6.66 27.21 -61.18
C SER A 250 -7.20 26.36 -60.04
N ILE A 251 -6.30 25.61 -59.42
CA ILE A 251 -6.56 24.94 -58.15
C ILE A 251 -5.45 25.34 -57.19
N THR A 252 -5.84 25.83 -56.01
CA THR A 252 -4.88 26.31 -55.02
C THR A 252 -5.13 25.59 -53.70
N TYR A 253 -4.18 24.77 -53.28
CA TYR A 253 -4.22 24.13 -51.98
C TYR A 253 -3.50 25.00 -50.96
N CYS A 254 -4.17 25.30 -49.85
CA CYS A 254 -3.60 26.21 -48.86
C CYS A 254 -3.99 25.76 -47.47
N THR A 255 -3.31 26.33 -46.47
CA THR A 255 -3.68 26.13 -45.09
C THR A 255 -4.89 26.97 -44.74
N THR A 256 -5.70 26.47 -43.80
CA THR A 256 -6.86 27.22 -43.35
C THR A 256 -6.46 28.60 -42.82
N GLY A 257 -5.30 28.69 -42.18
CA GLY A 257 -4.87 29.96 -41.63
C GLY A 257 -4.60 31.00 -42.68
N VAL A 258 -4.05 30.58 -43.83
CA VAL A 258 -3.75 31.54 -44.91
C VAL A 258 -5.04 32.20 -45.40
N LEU A 259 -6.08 31.39 -45.63
CA LEU A 259 -7.35 31.94 -46.08
C LEU A 259 -7.95 32.90 -45.05
N LEU A 260 -7.75 32.63 -43.77
CA LEU A 260 -8.34 33.47 -42.73
C LEU A 260 -7.72 34.86 -42.69
N GLN A 261 -6.43 34.97 -43.03
CA GLN A 261 -5.80 36.29 -43.07
C GLN A 261 -6.07 36.98 -44.40
N GLN A 262 -6.18 36.24 -45.50
CA GLN A 262 -6.63 36.83 -46.75
C GLN A 262 -8.07 37.34 -46.66
N LEU A 263 -8.76 37.02 -45.56
CA LEU A 263 -10.12 37.52 -45.37
C LEU A 263 -10.13 39.01 -45.03
N GLN A 264 -9.13 39.52 -44.32
CA GLN A 264 -9.24 40.92 -43.90
C GLN A 264 -9.20 41.87 -45.10
N SER A 265 -8.54 41.48 -46.19
CA SER A 265 -8.59 42.27 -47.43
C SER A 265 -9.72 41.85 -48.33
N ASP A 266 -10.19 40.61 -48.23
CA ASP A 266 -11.29 40.08 -49.04
C ASP A 266 -12.27 39.38 -48.10
N PRO A 267 -13.06 40.16 -47.34
CA PRO A 267 -13.85 39.56 -46.26
C PRO A 267 -15.01 38.69 -46.73
N LEU A 268 -15.49 38.87 -47.96
CA LEU A 268 -16.66 38.14 -48.42
C LEU A 268 -16.35 37.31 -49.66
N MET A 269 -15.08 36.93 -49.84
CA MET A 269 -14.67 35.90 -50.78
C MET A 269 -15.14 36.20 -52.21
N HIS A 270 -14.65 37.32 -52.73
CA HIS A 270 -14.93 37.70 -54.11
C HIS A 270 -13.81 37.30 -55.06
N ASN A 271 -12.67 36.83 -54.53
CA ASN A 271 -11.54 36.42 -55.34
C ASN A 271 -11.45 34.90 -55.49
N LEU A 272 -12.58 34.21 -55.43
CA LEU A 272 -12.62 32.77 -55.65
C LEU A 272 -14.01 32.39 -56.11
N SER A 273 -14.08 31.33 -56.92
CA SER A 273 -15.36 30.85 -57.44
C SER A 273 -15.87 29.62 -56.71
N VAL A 274 -14.98 28.80 -56.14
CA VAL A 274 -15.38 27.67 -55.32
C VAL A 274 -14.41 27.51 -54.16
N LEU A 275 -14.95 27.23 -52.98
CA LEU A 275 -14.17 27.00 -51.78
C LEU A 275 -14.35 25.55 -51.34
N ILE A 276 -13.27 24.91 -50.93
CA ILE A 276 -13.30 23.51 -50.52
C ILE A 276 -12.64 23.41 -49.15
N LEU A 277 -13.46 23.29 -48.11
CA LEU A 277 -12.99 23.07 -46.74
C LEU A 277 -12.90 21.57 -46.49
N ASP A 278 -11.72 21.07 -46.17
CA ASP A 278 -11.55 19.64 -45.97
C ASP A 278 -10.93 19.33 -44.61
N GLU A 279 -11.09 18.08 -44.19
CA GLU A 279 -10.82 17.61 -42.83
C GLU A 279 -11.48 18.51 -41.78
N ILE A 280 -12.67 19.00 -42.10
CA ILE A 280 -13.48 19.73 -41.13
C ILE A 280 -13.88 18.82 -39.97
N HIS A 281 -13.81 17.50 -40.17
CA HIS A 281 -14.16 16.56 -39.13
C HIS A 281 -13.21 16.60 -37.95
N GLU A 282 -11.98 17.08 -38.17
CA GLU A 282 -11.07 17.28 -37.05
C GLU A 282 -11.47 18.47 -36.19
N ARG A 283 -12.31 19.36 -36.72
CA ARG A 283 -12.85 20.50 -35.98
C ARG A 283 -11.76 21.34 -35.35
N SER A 284 -10.74 21.66 -36.15
CA SER A 284 -9.77 22.65 -35.72
C SER A 284 -10.43 24.01 -35.61
N VAL A 285 -9.76 24.92 -34.90
CA VAL A 285 -10.32 26.25 -34.69
C VAL A 285 -10.63 26.92 -36.02
N GLU A 286 -9.72 26.79 -36.99
CA GLU A 286 -9.87 27.51 -38.25
C GLU A 286 -11.02 26.99 -39.08
N THR A 287 -11.26 25.67 -39.06
CA THR A 287 -12.35 25.11 -39.85
C THR A 287 -13.71 25.53 -39.31
N ASP A 288 -13.89 25.47 -37.99
CA ASP A 288 -15.16 25.85 -37.41
C ASP A 288 -15.36 27.36 -37.44
N LEU A 289 -14.26 28.11 -37.38
CA LEU A 289 -14.35 29.55 -37.58
C LEU A 289 -14.82 29.87 -38.98
N LEU A 290 -14.25 29.20 -39.98
CA LEU A 290 -14.59 29.48 -41.38
C LEU A 290 -16.04 29.13 -41.67
N MET A 291 -16.55 28.04 -41.08
CA MET A 291 -17.94 27.67 -41.30
C MET A 291 -18.88 28.65 -40.63
N GLY A 292 -18.49 29.17 -39.46
CA GLY A 292 -19.26 30.25 -38.85
C GLY A 292 -19.18 31.53 -39.66
N LEU A 293 -18.00 31.83 -40.22
CA LEU A 293 -17.86 32.99 -41.08
C LEU A 293 -18.58 32.80 -42.41
N LEU A 294 -18.76 31.55 -42.85
CA LEU A 294 -19.44 31.31 -44.11
C LEU A 294 -20.93 31.61 -44.00
N LYS A 295 -21.52 31.41 -42.81
CA LYS A 295 -22.93 31.74 -42.61
C LYS A 295 -23.18 33.23 -42.67
N VAL A 296 -22.16 34.06 -42.45
CA VAL A 296 -22.30 35.49 -42.62
C VAL A 296 -22.08 35.88 -44.08
N ILE A 297 -21.18 35.19 -44.78
CA ILE A 297 -20.74 35.61 -46.10
C ILE A 297 -21.73 35.16 -47.19
N LEU A 298 -22.18 33.91 -47.12
CA LEU A 298 -22.99 33.36 -48.20
C LEU A 298 -24.31 34.09 -48.46
N PRO A 299 -25.00 34.67 -47.47
CA PRO A 299 -26.17 35.49 -47.81
C PRO A 299 -25.87 36.64 -48.76
N HIS A 300 -24.62 37.09 -48.83
CA HIS A 300 -24.23 38.19 -49.71
C HIS A 300 -23.48 37.73 -50.95
N ARG A 301 -23.26 36.43 -51.12
CA ARG A 301 -22.52 35.88 -52.25
C ARG A 301 -23.30 34.73 -52.84
N PRO A 302 -24.31 35.01 -53.66
CA PRO A 302 -25.12 33.92 -54.22
C PRO A 302 -24.38 33.04 -55.20
N ASP A 303 -23.43 33.60 -55.96
CA ASP A 303 -22.70 32.83 -56.97
C ASP A 303 -21.53 32.06 -56.38
N LEU A 304 -21.26 32.20 -55.08
CA LEU A 304 -20.12 31.52 -54.47
C LEU A 304 -20.49 30.07 -54.18
N LYS A 305 -19.78 29.14 -54.81
CA LYS A 305 -19.89 27.74 -54.48
C LYS A 305 -18.87 27.40 -53.41
N VAL A 306 -19.28 26.58 -52.45
CA VAL A 306 -18.35 26.01 -51.48
C VAL A 306 -18.84 24.63 -51.10
N ILE A 307 -17.94 23.66 -51.08
CA ILE A 307 -18.26 22.29 -50.73
C ILE A 307 -17.41 21.88 -49.53
N LEU A 308 -18.06 21.25 -48.56
CA LEU A 308 -17.37 20.79 -47.36
C LEU A 308 -16.96 19.34 -47.54
N MET A 309 -15.79 19.01 -46.99
CA MET A 309 -15.26 17.66 -47.07
C MET A 309 -14.97 17.16 -45.65
N SER A 310 -15.24 15.87 -45.43
CA SER A 310 -15.18 15.32 -44.09
C SER A 310 -14.88 13.83 -44.18
N ALA A 311 -14.31 13.30 -43.11
CA ALA A 311 -14.24 11.85 -42.94
C ALA A 311 -15.52 11.38 -42.26
N THR A 312 -15.58 10.08 -41.98
CA THR A 312 -16.79 9.48 -41.43
C THR A 312 -16.83 9.56 -39.91
N VAL A 313 -16.63 10.75 -39.34
CA VAL A 313 -16.79 10.98 -37.91
C VAL A 313 -17.77 12.13 -37.72
N ARG A 314 -18.92 11.82 -37.13
CA ARG A 314 -20.00 12.79 -36.87
C ARG A 314 -20.22 13.73 -38.04
N GLU A 315 -20.29 13.14 -39.23
CA GLU A 315 -20.47 13.92 -40.45
C GLU A 315 -21.77 14.70 -40.45
N GLN A 316 -22.80 14.18 -39.79
CA GLN A 316 -24.10 14.83 -39.79
C GLN A 316 -24.09 16.18 -39.09
N ASP A 317 -23.09 16.43 -38.23
CA ASP A 317 -22.99 17.73 -37.57
C ASP A 317 -22.87 18.87 -38.59
N PHE A 318 -22.06 18.67 -39.63
CA PHE A 318 -21.89 19.69 -40.65
C PHE A 318 -23.09 19.76 -41.58
N CYS A 319 -23.75 18.62 -41.81
CA CYS A 319 -24.99 18.64 -42.59
C CYS A 319 -26.10 19.37 -41.84
N ASP A 320 -26.20 19.13 -40.52
CA ASP A 320 -27.16 19.86 -39.71
C ASP A 320 -26.83 21.35 -39.68
N TYR A 321 -25.55 21.68 -39.50
CA TYR A 321 -25.11 23.07 -39.41
C TYR A 321 -25.43 23.86 -40.67
N PHE A 322 -25.60 23.18 -41.81
CA PHE A 322 -25.95 23.86 -43.06
C PHE A 322 -27.35 23.47 -43.54
N ASN A 323 -28.27 23.26 -42.59
CA ASN A 323 -29.70 23.09 -42.88
C ASN A 323 -29.96 21.93 -43.84
N ASN A 324 -29.31 20.80 -43.57
CA ASN A 324 -29.49 19.58 -44.36
C ASN A 324 -29.10 19.79 -45.82
N CYS A 325 -27.90 20.33 -46.03
CA CYS A 325 -27.34 20.41 -47.37
C CYS A 325 -27.19 19.00 -47.95
N PRO A 326 -27.16 18.88 -49.28
CA PRO A 326 -26.93 17.55 -49.87
C PRO A 326 -25.56 17.02 -49.47
N MET A 327 -25.53 15.72 -49.15
CA MET A 327 -24.33 15.08 -48.65
C MET A 327 -24.00 13.88 -49.52
N PHE A 328 -22.75 13.80 -49.97
CA PHE A 328 -22.27 12.68 -50.78
C PHE A 328 -21.43 11.76 -49.89
N ARG A 329 -21.86 10.51 -49.77
CA ARG A 329 -21.07 9.48 -49.12
C ARG A 329 -20.46 8.59 -50.19
N ILE A 330 -19.13 8.63 -50.28
CA ILE A 330 -18.40 7.97 -51.36
C ILE A 330 -17.55 6.85 -50.77
N GLU A 331 -17.07 5.98 -51.65
CA GLU A 331 -16.48 4.71 -51.24
C GLU A 331 -15.18 4.95 -50.46
N GLY A 332 -14.68 3.88 -49.87
CA GLY A 332 -13.36 3.85 -49.27
C GLY A 332 -12.48 2.87 -50.04
N VAL A 333 -11.19 3.17 -50.10
CA VAL A 333 -10.21 2.29 -50.75
C VAL A 333 -9.09 2.08 -49.74
N MET A 334 -9.19 1.00 -48.96
CA MET A 334 -8.16 0.60 -48.03
C MET A 334 -8.26 -0.90 -47.83
N PHE A 335 -7.21 -1.48 -47.29
CA PHE A 335 -7.22 -2.91 -47.01
C PHE A 335 -7.89 -3.17 -45.68
N PRO A 336 -8.61 -4.29 -45.55
CA PRO A 336 -9.34 -4.56 -44.30
C PRO A 336 -8.37 -4.71 -43.13
N VAL A 337 -8.70 -4.04 -42.03
CA VAL A 337 -7.93 -4.13 -40.79
C VAL A 337 -8.81 -4.82 -39.76
N LYS A 338 -8.37 -5.99 -39.30
CA LYS A 338 -9.09 -6.73 -38.27
C LYS A 338 -8.83 -6.08 -36.92
N MET A 339 -9.89 -5.95 -36.12
CA MET A 339 -9.84 -5.18 -34.89
C MET A 339 -10.08 -6.09 -33.69
N LEU A 340 -9.03 -6.31 -32.90
CA LEU A 340 -9.11 -7.04 -31.65
C LEU A 340 -9.43 -6.09 -30.50
N TYR A 341 -9.71 -6.67 -29.33
CA TYR A 341 -9.88 -5.90 -28.11
C TYR A 341 -9.14 -6.62 -26.98
N LEU A 342 -9.27 -6.09 -25.76
CA LEU A 342 -8.50 -6.62 -24.65
C LEU A 342 -8.86 -8.07 -24.34
N GLU A 343 -10.15 -8.41 -24.46
CA GLU A 343 -10.56 -9.80 -24.27
C GLU A 343 -10.07 -10.68 -25.41
N ASP A 344 -9.86 -10.10 -26.59
CA ASP A 344 -9.39 -10.87 -27.73
C ASP A 344 -7.87 -11.01 -27.75
N VAL A 345 -7.15 -10.02 -27.21
CA VAL A 345 -5.69 -10.09 -27.21
C VAL A 345 -5.21 -11.11 -26.19
N LEU A 346 -5.71 -11.02 -24.94
CA LEU A 346 -5.31 -11.97 -23.92
C LEU A 346 -5.76 -13.39 -24.22
N SER A 347 -6.76 -13.56 -25.10
CA SER A 347 -7.17 -14.90 -25.49
C SER A 347 -6.09 -15.61 -26.30
N LYS A 348 -5.26 -14.85 -27.02
CA LYS A 348 -4.18 -15.42 -27.81
C LYS A 348 -2.82 -15.35 -27.13
N THR A 349 -2.56 -14.31 -26.34
CA THR A 349 -1.24 -14.10 -25.76
C THR A 349 -1.05 -14.88 -24.46
N ASN A 350 -2.08 -14.91 -23.62
CA ASN A 350 -2.06 -15.60 -22.32
C ASN A 350 -1.05 -14.96 -21.36
N TYR A 351 -0.83 -13.65 -21.50
CA TYR A 351 -0.03 -12.91 -20.54
C TYR A 351 -0.84 -12.64 -19.27
N GLU A 352 -0.14 -12.51 -18.15
CA GLU A 352 -0.80 -12.17 -16.89
C GLU A 352 0.16 -11.31 -16.06
N PHE A 353 -0.42 -10.48 -15.19
CA PHE A 353 0.25 -9.33 -14.62
C PHE A 353 0.79 -9.66 -13.23
N GLN A 354 2.12 -9.65 -13.09
CA GLN A 354 2.79 -9.89 -11.82
C GLN A 354 4.11 -9.11 -11.82
N LYS A 355 4.49 -8.61 -10.64
CA LYS A 355 5.80 -7.99 -10.47
C LYS A 355 6.31 -8.15 -9.03
N PRO A 365 -6.51 4.49 -5.55
CA PRO A 365 -6.97 3.09 -5.48
C PRO A 365 -8.23 2.76 -4.64
N PRO A 366 -8.84 3.70 -3.88
CA PRO A 366 -9.87 3.27 -2.93
C PRO A 366 -11.20 2.96 -3.57
N GLU A 367 -11.49 3.49 -4.76
CA GLU A 367 -12.71 3.18 -5.48
C GLU A 367 -12.47 2.79 -6.93
N ARG A 368 -11.23 2.90 -7.43
CA ARG A 368 -10.92 2.46 -8.78
C ARG A 368 -11.30 0.99 -8.97
N ARG A 369 -11.01 0.16 -7.96
CA ARG A 369 -11.28 -1.27 -8.09
C ARG A 369 -12.78 -1.53 -8.29
N MET A 370 -13.65 -0.74 -7.65
CA MET A 370 -15.08 -0.94 -7.85
C MET A 370 -15.64 -0.05 -8.96
N LYS A 371 -14.95 1.02 -9.33
CA LYS A 371 -15.45 1.82 -10.44
C LYS A 371 -15.17 1.13 -11.77
N HIS A 372 -14.03 0.43 -11.88
CA HIS A 372 -13.87 -0.53 -12.97
C HIS A 372 -14.81 -1.73 -12.78
N GLU A 373 -14.97 -2.21 -11.54
CA GLU A 373 -15.98 -3.23 -11.28
C GLU A 373 -17.33 -2.81 -11.85
N ALA A 374 -17.69 -1.53 -11.74
CA ALA A 374 -19.04 -1.13 -12.15
C ALA A 374 -19.21 -1.17 -13.67
N MET A 375 -18.12 -1.07 -14.42
CA MET A 375 -18.20 -1.04 -15.88
C MET A 375 -17.97 -2.41 -16.51
N ILE A 376 -17.00 -3.16 -16.03
CA ILE A 376 -16.54 -4.34 -16.76
C ILE A 376 -17.33 -5.61 -16.41
N GLU A 377 -17.73 -5.84 -15.15
CA GLU A 377 -18.36 -7.13 -14.93
C GLU A 377 -19.86 -7.15 -15.29
N PRO A 378 -20.53 -6.00 -15.42
CA PRO A 378 -21.74 -6.03 -16.25
C PRO A 378 -21.46 -6.52 -17.65
N TYR A 379 -20.23 -6.33 -18.13
CA TYR A 379 -19.80 -6.83 -19.42
C TYR A 379 -19.10 -8.17 -19.33
N LEU A 380 -18.39 -8.46 -18.24
CA LEU A 380 -17.72 -9.76 -18.15
C LEU A 380 -18.74 -10.89 -18.18
N ARG A 381 -19.86 -10.75 -17.46
CA ARG A 381 -20.87 -11.81 -17.41
C ARG A 381 -21.77 -11.82 -18.63
N ARG A 382 -21.67 -10.80 -19.47
CA ARG A 382 -22.39 -10.80 -20.74
C ARG A 382 -21.84 -11.90 -21.65
N ILE A 383 -20.53 -11.84 -21.99
CA ILE A 383 -19.91 -12.81 -22.88
C ILE A 383 -19.31 -13.97 -22.09
N ARG A 384 -20.00 -14.37 -21.01
CA ARG A 384 -19.45 -15.38 -20.10
C ARG A 384 -19.00 -16.64 -20.84
N ASN A 385 -19.74 -17.04 -21.87
CA ASN A 385 -19.45 -18.26 -22.63
C ASN A 385 -18.89 -17.95 -24.01
N SER A 386 -18.08 -16.89 -24.11
CA SER A 386 -17.43 -16.51 -25.36
C SER A 386 -15.91 -16.52 -25.28
N TYR A 387 -15.34 -16.46 -24.08
CA TYR A 387 -13.90 -16.62 -23.88
C TYR A 387 -13.70 -17.44 -22.61
N ASP A 388 -12.49 -17.95 -22.43
CA ASP A 388 -12.20 -18.71 -21.23
C ASP A 388 -12.17 -17.79 -20.02
N SER A 389 -12.65 -18.32 -18.89
CA SER A 389 -12.76 -17.51 -17.68
C SER A 389 -11.40 -17.18 -17.06
N ARG A 390 -10.34 -17.88 -17.45
CA ARG A 390 -9.00 -17.41 -17.12
C ARG A 390 -8.73 -16.07 -17.79
N VAL A 391 -9.39 -15.81 -18.92
CA VAL A 391 -9.24 -14.52 -19.62
C VAL A 391 -10.16 -13.48 -19.00
N LEU A 392 -11.34 -13.86 -18.53
CA LEU A 392 -12.28 -12.85 -18.07
C LEU A 392 -11.92 -12.33 -16.69
N ASP A 393 -11.24 -13.14 -15.86
CA ASP A 393 -10.62 -12.56 -14.69
C ASP A 393 -9.53 -11.57 -15.09
N LYS A 394 -8.93 -11.77 -16.27
CA LYS A 394 -7.91 -10.83 -16.75
C LYS A 394 -8.48 -9.47 -17.12
N LEU A 395 -9.80 -9.32 -17.16
CA LEU A 395 -10.40 -8.04 -17.50
C LEU A 395 -10.98 -7.31 -16.30
N ARG A 396 -11.17 -8.02 -15.18
CA ARG A 396 -11.48 -7.33 -13.92
C ARG A 396 -10.30 -6.47 -13.45
N LEU A 397 -9.07 -6.80 -13.83
CA LEU A 397 -7.93 -6.00 -13.42
C LEU A 397 -8.03 -4.62 -14.00
N PRO A 398 -7.97 -3.57 -13.18
CA PRO A 398 -7.73 -2.22 -13.71
C PRO A 398 -6.40 -2.10 -14.45
N GLU A 399 -5.47 -3.03 -14.25
CA GLU A 399 -4.17 -3.01 -14.89
C GLU A 399 -4.20 -3.51 -16.33
N SER A 400 -5.31 -4.12 -16.76
CA SER A 400 -5.32 -4.81 -18.04
C SER A 400 -5.54 -3.86 -19.21
N GLU A 401 -6.35 -2.83 -19.02
CA GLU A 401 -6.64 -1.88 -20.09
C GLU A 401 -5.72 -0.67 -19.99
N GLY A 402 -5.39 -0.11 -21.16
CA GLY A 402 -4.47 1.00 -21.22
C GLY A 402 -3.03 0.57 -21.37
N CYS A 403 -2.12 1.27 -20.70
CA CYS A 403 -0.69 1.00 -20.78
C CYS A 403 -0.06 1.01 -19.40
N GLU A 404 -0.78 0.52 -18.39
CA GLU A 404 -0.22 0.44 -17.05
C GLU A 404 0.87 -0.62 -16.98
N ASP A 405 0.58 -1.82 -17.49
CA ASP A 405 1.59 -2.88 -17.57
C ASP A 405 2.18 -2.82 -18.98
N ILE A 406 3.34 -2.18 -19.09
CA ILE A 406 4.03 -2.07 -20.36
C ILE A 406 4.77 -3.34 -20.72
N ASP A 407 5.10 -4.16 -19.73
CA ASP A 407 5.58 -5.52 -19.99
C ASP A 407 4.54 -6.37 -20.69
N PHE A 408 3.26 -5.97 -20.63
CA PHE A 408 2.22 -6.64 -21.40
C PHE A 408 2.30 -6.26 -22.87
N ILE A 409 2.43 -4.95 -23.16
CA ILE A 409 2.60 -4.51 -24.53
C ILE A 409 3.89 -5.08 -25.12
N ALA A 410 4.93 -5.21 -24.29
CA ALA A 410 6.18 -5.80 -24.74
C ALA A 410 5.97 -7.23 -25.20
N ASP A 411 5.24 -8.02 -24.42
CA ASP A 411 4.96 -9.40 -24.80
C ASP A 411 4.05 -9.47 -26.02
N LEU A 412 3.12 -8.53 -26.14
CA LEU A 412 2.28 -8.48 -27.34
C LEU A 412 3.09 -8.19 -28.59
N VAL A 413 4.15 -7.40 -28.46
CA VAL A 413 5.04 -7.17 -29.59
C VAL A 413 5.82 -8.44 -29.92
N TYR A 414 6.34 -9.12 -28.90
CA TYR A 414 7.03 -10.38 -29.11
C TYR A 414 6.11 -11.43 -29.70
N TYR A 415 4.83 -11.37 -29.36
CA TYR A 415 3.84 -12.25 -29.99
C TYR A 415 3.80 -12.03 -31.50
N ILE A 416 3.54 -10.79 -31.92
CA ILE A 416 3.39 -10.46 -33.33
C ILE A 416 4.63 -10.88 -34.11
N CYS A 417 5.78 -10.98 -33.45
CA CYS A 417 7.01 -11.31 -34.17
C CYS A 417 7.04 -12.78 -34.59
N GLU A 418 6.50 -13.68 -33.77
CA GLU A 418 6.55 -15.11 -34.07
C GLU A 418 5.49 -15.50 -35.10
N ASN A 419 4.22 -15.33 -34.74
CA ASN A 419 3.13 -15.55 -35.69
C ASN A 419 2.95 -14.29 -36.52
N GLU A 420 1.80 -14.15 -37.19
CA GLU A 420 1.40 -12.94 -37.92
C GLU A 420 2.53 -12.43 -38.81
N PRO A 421 2.59 -12.87 -40.08
CA PRO A 421 3.80 -12.66 -40.88
C PRO A 421 4.11 -11.20 -41.23
N GLU A 422 5.03 -11.04 -42.18
CA GLU A 422 5.83 -9.81 -42.37
C GLU A 422 4.99 -8.54 -42.31
N GLY A 423 5.60 -7.51 -41.76
CA GLY A 423 4.98 -6.19 -41.64
C GLY A 423 5.51 -5.47 -40.41
N ALA A 424 5.18 -4.19 -40.33
CA ALA A 424 5.70 -3.33 -39.28
C ALA A 424 4.65 -3.12 -38.18
N ILE A 425 5.13 -2.95 -36.96
CA ILE A 425 4.28 -2.71 -35.79
C ILE A 425 4.38 -1.24 -35.41
N LEU A 426 3.23 -0.57 -35.33
CA LEU A 426 3.14 0.79 -34.83
C LEU A 426 2.40 0.76 -33.50
N VAL A 427 3.07 1.21 -32.44
CA VAL A 427 2.52 1.20 -31.09
C VAL A 427 2.14 2.62 -30.72
N PHE A 428 0.90 2.80 -30.26
CA PHE A 428 0.38 4.10 -29.84
C PHE A 428 0.40 4.15 -28.32
N LEU A 429 1.29 4.95 -27.76
CA LEU A 429 1.38 5.18 -26.34
C LEU A 429 1.12 6.65 -26.04
N PRO A 430 0.70 6.99 -24.82
CA PRO A 430 0.27 8.38 -24.57
C PRO A 430 1.35 9.42 -24.75
N GLY A 431 2.53 9.22 -24.18
CA GLY A 431 3.54 10.27 -24.24
C GLY A 431 4.99 9.85 -24.17
N TYR A 432 5.85 10.84 -23.94
CA TYR A 432 7.30 10.63 -23.91
C TYR A 432 7.71 9.70 -22.77
N ASP A 433 6.99 9.73 -21.65
CA ASP A 433 7.40 8.97 -20.48
C ASP A 433 7.31 7.46 -20.73
N LYS A 434 6.17 7.00 -21.24
CA LYS A 434 5.98 5.57 -21.45
C LYS A 434 6.49 5.09 -22.80
N ILE A 435 6.83 6.00 -23.72
CA ILE A 435 7.57 5.61 -24.92
C ILE A 435 8.96 5.13 -24.53
N SER A 436 9.57 5.79 -23.55
CA SER A 436 10.92 5.42 -23.12
C SER A 436 10.93 4.05 -22.44
N GLN A 437 9.90 3.73 -21.67
CA GLN A 437 9.94 2.54 -20.83
C GLN A 437 9.97 1.26 -21.68
N LEU A 438 9.25 1.25 -22.81
CA LEU A 438 9.26 0.07 -23.67
C LEU A 438 10.46 0.06 -24.59
N TYR A 439 10.86 1.24 -25.06
CA TYR A 439 12.11 1.35 -25.81
C TYR A 439 13.25 0.71 -25.04
N ASN A 440 13.33 0.98 -23.73
CA ASN A 440 14.36 0.35 -22.92
C ASN A 440 14.04 -1.11 -22.65
N ILE A 441 12.76 -1.47 -22.53
CA ILE A 441 12.40 -2.87 -22.40
C ILE A 441 12.71 -3.62 -23.69
N LEU A 442 12.45 -2.99 -24.84
CA LEU A 442 12.75 -3.65 -26.11
C LEU A 442 14.23 -3.66 -26.41
N ASP A 443 14.97 -2.63 -25.99
CA ASP A 443 16.39 -2.53 -26.35
C ASP A 443 17.25 -3.38 -25.41
N LYS A 444 17.05 -3.25 -24.11
CA LYS A 444 17.83 -3.99 -23.10
C LYS A 444 16.86 -4.83 -22.27
N PRO A 445 16.36 -5.93 -22.82
CA PRO A 445 15.29 -6.67 -22.14
C PRO A 445 15.79 -7.52 -20.99
N LYS A 446 14.98 -7.57 -19.93
CA LYS A 446 15.27 -8.40 -18.76
C LYS A 446 14.73 -9.82 -18.89
N THR A 447 13.84 -10.07 -19.85
CA THR A 447 13.16 -11.35 -19.97
C THR A 447 13.81 -12.21 -21.04
N SER A 448 13.63 -13.53 -20.91
CA SER A 448 14.31 -14.47 -21.78
C SER A 448 13.84 -14.34 -23.23
N LYS A 449 12.52 -14.33 -23.45
CA LYS A 449 12.01 -14.19 -24.80
C LYS A 449 12.32 -12.82 -25.38
N GLY A 450 12.60 -11.81 -24.54
CA GLY A 450 13.05 -10.53 -25.07
C GLY A 450 14.46 -10.60 -25.60
N GLN A 451 15.33 -11.37 -24.94
CA GLN A 451 16.70 -11.55 -25.43
C GLN A 451 16.71 -12.11 -26.84
N ARG A 452 15.76 -12.99 -27.15
CA ARG A 452 15.75 -13.68 -28.44
C ARG A 452 15.47 -12.71 -29.58
N TRP A 453 14.57 -11.75 -29.36
CA TRP A 453 14.08 -10.88 -30.43
C TRP A 453 14.83 -9.56 -30.53
N ARG A 454 15.79 -9.29 -29.64
CA ARG A 454 16.35 -7.95 -29.54
C ARG A 454 17.01 -7.50 -30.85
N ASP A 455 17.92 -8.32 -31.38
CA ASP A 455 18.68 -7.93 -32.56
C ASP A 455 17.90 -8.08 -33.86
N HIS A 456 16.66 -8.57 -33.82
CA HIS A 456 15.86 -8.74 -35.02
C HIS A 456 14.67 -7.78 -35.05
N MET A 457 14.71 -6.72 -34.25
CA MET A 457 13.74 -5.63 -34.32
C MET A 457 14.48 -4.33 -34.58
N ALA A 458 13.89 -3.48 -35.41
CA ALA A 458 14.42 -2.15 -35.69
C ALA A 458 13.44 -1.13 -35.12
N VAL A 459 13.74 -0.64 -33.92
CA VAL A 459 12.79 0.16 -33.15
C VAL A 459 13.06 1.64 -33.41
N PHE A 460 12.02 2.34 -33.87
CA PHE A 460 12.08 3.78 -34.06
C PHE A 460 11.05 4.42 -33.13
N PRO A 461 11.46 5.22 -32.14
CA PRO A 461 10.47 5.98 -31.38
C PRO A 461 10.11 7.26 -32.12
N LEU A 462 8.83 7.61 -32.07
CA LEU A 462 8.30 8.75 -32.81
C LEU A 462 7.63 9.71 -31.83
N HIS A 463 8.01 10.99 -31.91
CA HIS A 463 7.58 12.02 -30.99
C HIS A 463 7.91 13.37 -31.60
N SER A 464 7.04 14.36 -31.37
CA SER A 464 7.24 15.68 -31.96
C SER A 464 8.53 16.33 -31.50
N LEU A 465 9.07 15.92 -30.34
CA LEU A 465 10.30 16.46 -29.80
C LEU A 465 11.51 15.59 -30.11
N MET A 466 11.41 14.72 -31.12
CA MET A 466 12.48 13.81 -31.48
C MET A 466 12.71 13.86 -32.99
N GLN A 467 13.95 13.60 -33.39
CA GLN A 467 14.37 13.80 -34.78
C GLN A 467 13.94 12.67 -35.71
N SER A 468 13.56 11.51 -35.16
CA SER A 468 13.22 10.37 -36.02
C SER A 468 12.16 10.72 -37.06
N GLY A 469 11.25 11.64 -36.72
CA GLY A 469 10.23 12.06 -37.66
C GLY A 469 10.77 12.86 -38.84
N GLU A 470 11.95 13.44 -38.71
CA GLU A 470 12.56 14.24 -39.77
C GLU A 470 13.67 13.48 -40.49
N GLN A 471 13.67 12.16 -40.42
CA GLN A 471 14.65 11.32 -41.09
C GLN A 471 13.98 10.54 -42.22
N GLN A 472 14.81 9.83 -42.98
CA GLN A 472 14.32 8.93 -44.02
C GLN A 472 14.16 7.49 -43.52
N ALA A 473 14.67 7.18 -42.33
CA ALA A 473 14.76 5.79 -41.89
C ALA A 473 13.39 5.24 -41.48
N VAL A 474 12.65 6.00 -40.66
CA VAL A 474 11.38 5.51 -40.12
C VAL A 474 10.36 5.26 -41.23
N PHE A 475 10.51 5.93 -42.37
CA PHE A 475 9.56 5.80 -43.47
C PHE A 475 9.99 4.76 -44.50
N ARG A 476 11.24 4.31 -44.44
CA ARG A 476 11.76 3.26 -45.32
C ARG A 476 11.55 1.89 -44.69
N ARG A 477 11.56 0.86 -45.54
CA ARG A 477 11.29 -0.48 -45.05
C ARG A 477 12.54 -1.10 -44.46
N PRO A 478 12.41 -1.93 -43.42
CA PRO A 478 13.55 -2.26 -42.56
C PRO A 478 14.60 -3.09 -43.27
N PRO A 479 15.78 -3.26 -42.67
CA PRO A 479 16.79 -4.16 -43.25
C PRO A 479 16.28 -5.60 -43.28
N ALA A 480 16.91 -6.39 -44.14
CA ALA A 480 16.51 -7.78 -44.31
C ALA A 480 16.69 -8.55 -43.00
N GLY A 481 15.70 -9.39 -42.69
CA GLY A 481 15.74 -10.18 -41.47
C GLY A 481 15.33 -9.44 -40.21
N GLN A 482 14.73 -8.25 -40.33
CA GLN A 482 14.30 -7.48 -39.19
C GLN A 482 12.95 -6.82 -39.51
N ARG A 483 12.14 -6.64 -38.47
CA ARG A 483 10.83 -6.02 -38.60
C ARG A 483 10.82 -4.72 -37.80
N LYS A 484 10.33 -3.65 -38.43
CA LYS A 484 10.36 -2.33 -37.84
C LYS A 484 9.24 -2.17 -36.82
N VAL A 485 9.58 -1.70 -35.63
CA VAL A 485 8.62 -1.43 -34.56
C VAL A 485 8.68 0.06 -34.25
N ILE A 486 7.55 0.74 -34.38
CA ILE A 486 7.46 2.19 -34.16
C ILE A 486 6.70 2.42 -32.86
N ILE A 487 7.36 3.07 -31.91
CA ILE A 487 6.74 3.46 -30.64
C ILE A 487 6.46 4.95 -30.72
N SER A 488 5.19 5.32 -30.89
CA SER A 488 4.83 6.69 -31.21
C SER A 488 3.76 7.20 -30.26
N THR A 489 3.61 8.52 -30.27
CA THR A 489 2.43 9.17 -29.71
C THR A 489 1.37 9.24 -30.80
N ILE A 490 0.38 10.12 -30.60
CA ILE A 490 -0.73 10.25 -31.53
C ILE A 490 -0.26 11.01 -32.77
N ILE A 491 1.01 11.46 -32.75
CA ILE A 491 1.58 12.12 -33.91
C ILE A 491 1.52 11.23 -35.15
N ALA A 492 1.58 9.91 -34.95
CA ALA A 492 1.48 8.97 -36.06
C ALA A 492 0.05 8.68 -36.47
N GLU A 493 -0.93 9.40 -35.91
CA GLU A 493 -2.33 9.17 -36.25
C GLU A 493 -2.70 9.84 -37.57
N THR A 494 -2.43 11.12 -37.70
CA THR A 494 -2.71 11.85 -38.94
C THR A 494 -1.51 12.63 -39.46
N SER A 495 -0.72 13.24 -38.57
CA SER A 495 0.39 14.10 -38.99
C SER A 495 1.47 13.30 -39.72
N VAL A 496 2.15 12.42 -39.00
CA VAL A 496 3.15 11.54 -39.60
C VAL A 496 2.48 10.23 -39.99
N THR A 497 2.74 9.79 -41.22
CA THR A 497 2.18 8.55 -41.73
C THR A 497 3.31 7.64 -42.20
N ILE A 498 3.31 6.41 -41.73
CA ILE A 498 4.25 5.38 -42.17
C ILE A 498 3.50 4.39 -43.04
N ASP A 499 4.13 3.99 -44.15
CA ASP A 499 3.43 3.24 -45.19
C ASP A 499 3.41 1.73 -44.94
N ASP A 500 4.50 1.16 -44.43
CA ASP A 500 4.63 -0.28 -44.30
C ASP A 500 4.08 -0.82 -42.98
N VAL A 501 3.20 -0.08 -42.33
CA VAL A 501 2.60 -0.54 -41.08
C VAL A 501 1.45 -1.49 -41.39
N VAL A 502 1.45 -2.65 -40.74
CA VAL A 502 0.39 -3.61 -40.97
C VAL A 502 -0.17 -4.12 -39.64
N TYR A 503 0.48 -3.76 -38.53
CA TYR A 503 -0.06 -4.04 -37.21
C TYR A 503 -0.01 -2.79 -36.34
N VAL A 504 -1.14 -2.48 -35.70
CA VAL A 504 -1.26 -1.33 -34.80
C VAL A 504 -1.64 -1.84 -33.42
N ILE A 505 -0.89 -1.39 -32.41
CA ILE A 505 -1.21 -1.65 -31.01
C ILE A 505 -1.66 -0.32 -30.42
N ASN A 506 -2.97 -0.14 -30.30
CA ASN A 506 -3.55 1.11 -29.78
C ASN A 506 -3.86 0.91 -28.30
N SER A 507 -3.02 1.47 -27.43
CA SER A 507 -3.26 1.42 -26.00
C SER A 507 -4.53 2.15 -25.60
N GLY A 508 -5.04 3.03 -26.45
CA GLY A 508 -6.23 3.80 -26.13
C GLY A 508 -6.01 4.95 -25.17
N ARG A 509 -4.78 5.20 -24.76
CA ARG A 509 -4.46 6.27 -23.82
C ARG A 509 -3.58 7.30 -24.52
N THR A 510 -3.97 8.56 -24.40
CA THR A 510 -3.18 9.69 -24.88
C THR A 510 -3.21 10.79 -23.83
N LYS A 511 -2.60 11.93 -24.16
CA LYS A 511 -2.59 13.08 -23.29
C LYS A 511 -3.32 14.24 -23.98
N ALA A 512 -3.71 15.22 -23.17
CA ALA A 512 -4.41 16.39 -23.67
C ALA A 512 -4.28 17.49 -22.62
N THR A 513 -4.45 18.74 -23.07
CA THR A 513 -4.49 19.86 -22.16
C THR A 513 -5.93 20.35 -21.99
N ASN A 514 -6.32 20.57 -20.74
CA ASN A 514 -7.59 21.18 -20.40
C ASN A 514 -7.30 22.45 -19.63
N TYR A 515 -8.03 23.51 -19.94
CA TYR A 515 -7.91 24.77 -19.22
C TYR A 515 -9.12 24.95 -18.32
N ASP A 516 -8.88 25.01 -17.01
CA ASP A 516 -9.94 25.30 -16.05
C ASP A 516 -10.19 26.80 -16.05
N ILE A 517 -11.37 27.20 -16.54
CA ILE A 517 -11.69 28.62 -16.64
C ILE A 517 -11.85 29.25 -15.26
N GLU A 518 -12.21 28.45 -14.26
CA GLU A 518 -12.51 29.01 -12.95
C GLU A 518 -11.25 29.34 -12.16
N THR A 519 -10.22 28.50 -12.25
CA THR A 519 -9.03 28.64 -11.43
C THR A 519 -7.79 29.05 -12.23
N ASN A 520 -7.90 29.15 -13.55
CA ASN A 520 -6.79 29.55 -14.43
C ASN A 520 -5.55 28.70 -14.18
N ILE A 521 -5.70 27.40 -14.46
CA ILE A 521 -4.58 26.47 -14.51
C ILE A 521 -4.74 25.60 -15.75
N GLN A 522 -3.73 25.62 -16.61
CA GLN A 522 -3.67 24.64 -17.69
C GLN A 522 -3.07 23.35 -17.16
N SER A 523 -3.66 22.22 -17.52
CA SER A 523 -3.23 20.93 -17.03
C SER A 523 -3.05 19.96 -18.19
N LEU A 524 -2.02 19.13 -18.10
CA LEU A 524 -1.77 18.07 -19.07
C LEU A 524 -2.06 16.75 -18.38
N ASP A 525 -3.10 16.05 -18.85
CA ASP A 525 -3.59 14.85 -18.19
C ASP A 525 -3.63 13.68 -19.15
N GLU A 526 -3.31 12.50 -18.63
CA GLU A 526 -3.47 11.25 -19.37
C GLU A 526 -4.94 10.85 -19.34
N VAL A 527 -5.56 10.76 -20.52
CA VAL A 527 -6.97 10.43 -20.64
C VAL A 527 -7.14 9.34 -21.70
N TRP A 528 -8.37 8.88 -21.86
CA TRP A 528 -8.68 7.88 -22.85
C TRP A 528 -8.85 8.50 -24.23
N VAL A 529 -8.57 7.69 -25.24
CA VAL A 529 -8.73 8.08 -26.63
C VAL A 529 -10.21 8.09 -26.99
N THR A 530 -10.54 8.82 -28.05
CA THR A 530 -11.90 8.82 -28.54
C THR A 530 -12.19 7.55 -29.33
N LYS A 531 -13.44 7.37 -29.74
CA LYS A 531 -13.70 6.37 -30.77
C LYS A 531 -13.28 6.86 -32.15
N ALA A 532 -13.26 8.18 -32.36
CA ALA A 532 -12.78 8.74 -33.61
C ALA A 532 -11.28 8.50 -33.79
N ASN A 533 -10.50 8.68 -32.71
CA ASN A 533 -9.07 8.41 -32.80
C ASN A 533 -8.80 6.93 -33.01
N THR A 534 -9.47 6.06 -32.25
CA THR A 534 -9.33 4.62 -32.46
C THR A 534 -9.68 4.24 -33.89
N GLN A 535 -10.77 4.82 -34.42
CA GLN A 535 -11.14 4.55 -35.80
C GLN A 535 -10.06 5.02 -36.77
N GLN A 536 -9.41 6.14 -36.46
CA GLN A 536 -8.35 6.65 -37.34
C GLN A 536 -7.10 5.79 -37.27
N ARG A 537 -6.77 5.28 -36.07
CA ARG A 537 -5.58 4.46 -35.92
C ARG A 537 -5.73 3.09 -36.56
N ARG A 538 -6.96 2.60 -36.74
CA ARG A 538 -7.17 1.34 -37.42
C ARG A 538 -6.68 1.39 -38.86
N GLY A 539 -7.04 2.45 -39.58
CA GLY A 539 -6.64 2.61 -40.97
C GLY A 539 -5.15 2.77 -41.18
N ARG A 540 -4.39 3.02 -40.11
CA ARG A 540 -2.94 3.12 -40.23
C ARG A 540 -2.31 1.79 -40.64
N ALA A 541 -2.88 0.68 -40.18
CA ALA A 541 -2.35 -0.64 -40.50
C ALA A 541 -2.82 -1.16 -41.86
N GLY A 542 -3.79 -0.49 -42.49
CA GLY A 542 -4.33 -0.98 -43.74
C GLY A 542 -4.00 -0.12 -44.95
N ARG A 543 -2.74 0.24 -45.10
CA ARG A 543 -2.29 1.02 -46.25
C ARG A 543 -1.58 0.18 -47.30
N VAL A 544 -1.07 -0.99 -46.95
CA VAL A 544 -0.31 -1.84 -47.86
C VAL A 544 -0.95 -3.22 -48.03
N ARG A 545 -1.41 -3.83 -46.95
CA ARG A 545 -1.99 -5.15 -46.99
C ARG A 545 -3.00 -5.27 -45.87
N PRO A 546 -3.83 -6.34 -45.87
CA PRO A 546 -4.69 -6.59 -44.71
C PRO A 546 -3.92 -6.61 -43.40
N GLY A 547 -4.32 -5.77 -42.46
CA GLY A 547 -3.64 -5.65 -41.19
C GLY A 547 -4.57 -5.95 -40.01
N ILE A 548 -4.00 -5.79 -38.81
CA ILE A 548 -4.73 -6.01 -37.58
C ILE A 548 -4.45 -4.86 -36.61
N CYS A 549 -5.49 -4.40 -35.93
CA CYS A 549 -5.39 -3.32 -34.95
C CYS A 549 -5.74 -3.86 -33.57
N TYR A 550 -4.76 -3.85 -32.67
CA TYR A 550 -4.90 -4.44 -31.34
C TYR A 550 -5.25 -3.34 -30.34
N ASN A 551 -6.49 -3.37 -29.85
CA ASN A 551 -6.97 -2.39 -28.88
C ASN A 551 -6.80 -2.96 -27.47
N LEU A 552 -5.99 -2.28 -26.67
CA LEU A 552 -5.71 -2.73 -25.30
C LEU A 552 -6.75 -2.21 -24.31
N PHE A 553 -8.03 -2.42 -24.63
CA PHE A 553 -9.12 -2.06 -23.73
C PHE A 553 -10.34 -2.85 -24.12
N SER A 554 -11.15 -3.19 -23.11
CA SER A 554 -12.38 -3.94 -23.34
C SER A 554 -13.33 -3.16 -24.24
N ARG A 555 -14.24 -3.88 -24.89
CA ARG A 555 -15.26 -3.22 -25.69
C ARG A 555 -16.19 -2.38 -24.82
N ALA A 556 -16.34 -2.74 -23.55
CA ALA A 556 -17.12 -1.92 -22.63
C ALA A 556 -16.48 -0.54 -22.46
N ARG A 557 -15.16 -0.48 -22.43
CA ARG A 557 -14.47 0.80 -22.36
C ARG A 557 -14.74 1.65 -23.59
N GLU A 558 -14.84 1.01 -24.76
CA GLU A 558 -15.11 1.74 -25.99
C GLU A 558 -16.45 2.48 -25.92
N ASP A 559 -17.44 1.90 -25.24
CA ASP A 559 -18.76 2.50 -25.21
C ASP A 559 -18.88 3.67 -24.23
N ARG A 560 -17.98 3.76 -23.25
CA ARG A 560 -17.90 4.96 -22.43
C ARG A 560 -17.01 6.03 -23.06
N MET A 561 -16.30 5.69 -24.13
CA MET A 561 -15.45 6.66 -24.80
C MET A 561 -16.29 7.67 -25.58
N ASP A 562 -15.85 8.92 -25.57
CA ASP A 562 -16.54 9.95 -26.33
C ASP A 562 -16.42 9.69 -27.83
N ASP A 563 -17.32 10.31 -28.60
CA ASP A 563 -17.30 10.14 -30.05
C ASP A 563 -16.04 10.76 -30.65
N ILE A 564 -15.80 12.04 -30.37
CA ILE A 564 -14.69 12.78 -30.94
C ILE A 564 -13.99 13.54 -29.83
N PRO A 565 -12.74 13.97 -30.04
CA PRO A 565 -12.09 14.79 -29.02
C PRO A 565 -12.83 16.10 -28.83
N THR A 566 -12.62 16.72 -27.68
CA THR A 566 -13.21 18.02 -27.43
C THR A 566 -12.84 18.98 -28.55
N PRO A 567 -13.82 19.50 -29.32
CA PRO A 567 -13.49 20.47 -30.37
C PRO A 567 -12.68 21.63 -29.81
N GLU A 568 -11.51 21.87 -30.39
CA GLU A 568 -10.49 22.68 -29.74
C GLU A 568 -10.90 24.15 -29.59
N ILE A 569 -11.93 24.61 -30.28
CA ILE A 569 -12.42 25.97 -30.06
C ILE A 569 -12.89 26.14 -28.63
N LEU A 570 -13.30 25.05 -27.98
CA LEU A 570 -13.68 25.08 -26.57
C LEU A 570 -12.48 24.95 -25.63
N ARG A 571 -11.27 24.81 -26.17
CA ARG A 571 -10.07 24.61 -25.35
C ARG A 571 -9.03 25.71 -25.51
N SER A 572 -9.26 26.67 -26.41
CA SER A 572 -8.28 27.70 -26.70
C SER A 572 -8.60 28.99 -25.96
N LYS A 573 -7.58 29.83 -25.81
CA LYS A 573 -7.80 31.23 -25.47
C LYS A 573 -8.17 31.98 -26.75
N LEU A 574 -9.17 32.84 -26.64
CA LEU A 574 -9.80 33.41 -27.83
C LEU A 574 -9.43 34.86 -28.08
N GLU A 575 -8.53 35.44 -27.27
CA GLU A 575 -8.18 36.85 -27.44
C GLU A 575 -7.69 37.15 -28.86
N SER A 576 -7.04 36.19 -29.51
CA SER A 576 -6.57 36.43 -30.87
C SER A 576 -7.73 36.41 -31.86
N ILE A 577 -8.72 35.56 -31.63
CA ILE A 577 -9.84 35.44 -32.57
C ILE A 577 -10.80 36.61 -32.41
N ILE A 578 -11.03 37.06 -31.16
CA ILE A 578 -11.87 38.24 -30.94
C ILE A 578 -11.32 39.42 -31.71
N LEU A 579 -10.00 39.62 -31.62
CA LEU A 579 -9.36 40.72 -32.35
C LEU A 579 -9.48 40.51 -33.86
N SER A 580 -9.17 39.31 -34.33
CA SER A 580 -9.24 39.02 -35.76
C SER A 580 -10.61 39.36 -36.34
N LEU A 581 -11.68 39.14 -35.57
CA LEU A 581 -13.03 39.39 -36.06
C LEU A 581 -13.34 40.87 -36.24
N LYS A 582 -12.62 41.76 -35.54
CA LYS A 582 -12.87 43.18 -35.67
C LYS A 582 -12.48 43.71 -37.04
N LEU A 583 -11.45 43.12 -37.66
CA LEU A 583 -11.09 43.51 -39.02
C LEU A 583 -12.14 43.11 -40.05
N LEU A 584 -12.93 42.08 -39.75
CA LEU A 584 -14.00 41.63 -40.63
C LEU A 584 -15.33 42.29 -40.31
N HIS A 585 -15.31 43.42 -39.60
CA HIS A 585 -16.51 44.14 -39.17
C HIS A 585 -17.45 43.23 -38.37
N ILE A 586 -16.88 42.31 -37.60
CA ILE A 586 -17.63 41.54 -36.63
C ILE A 586 -17.27 42.07 -35.25
N ASP A 587 -18.09 43.00 -34.74
CA ASP A 587 -17.75 43.73 -33.52
C ASP A 587 -18.24 43.02 -32.26
N ASP A 588 -19.31 42.24 -32.35
CA ASP A 588 -19.89 41.57 -31.19
C ASP A 588 -19.46 40.12 -31.18
N PRO A 589 -18.44 39.73 -30.40
CA PRO A 589 -18.00 38.33 -30.42
C PRO A 589 -18.90 37.39 -29.63
N TYR A 590 -19.67 37.89 -28.67
CA TYR A 590 -20.64 37.04 -27.99
C TYR A 590 -21.70 36.55 -28.98
N ARG A 591 -22.21 37.46 -29.80
CA ARG A 591 -23.24 37.08 -30.77
C ARG A 591 -22.68 36.17 -31.86
N PHE A 592 -21.46 36.46 -32.33
CA PHE A 592 -20.91 35.69 -33.44
C PHE A 592 -20.45 34.31 -33.01
N LEU A 593 -19.67 34.24 -31.93
CA LEU A 593 -19.14 32.94 -31.51
C LEU A 593 -20.23 31.98 -31.06
N GLN A 594 -21.42 32.50 -30.74
CA GLN A 594 -22.57 31.63 -30.48
C GLN A 594 -23.08 30.96 -31.75
N THR A 595 -22.68 31.46 -32.93
CA THR A 595 -23.13 30.90 -34.19
C THR A 595 -22.43 29.60 -34.55
N LEU A 596 -21.24 29.35 -33.99
CA LEU A 596 -20.43 28.21 -34.39
C LEU A 596 -21.13 26.89 -34.04
N ILE A 597 -20.57 25.80 -34.58
CA ILE A 597 -21.14 24.47 -34.32
C ILE A 597 -21.20 24.20 -32.83
N ASN A 598 -20.10 24.43 -32.13
CA ASN A 598 -20.05 24.38 -30.67
C ASN A 598 -19.62 25.76 -30.18
N ALA A 599 -20.54 26.48 -29.55
CA ALA A 599 -20.24 27.82 -29.10
C ALA A 599 -19.27 27.78 -27.92
N PRO A 600 -18.27 28.65 -27.91
CA PRO A 600 -17.37 28.73 -26.76
C PRO A 600 -18.11 29.26 -25.53
N ASN A 601 -17.57 28.93 -24.37
CA ASN A 601 -18.10 29.41 -23.11
C ASN A 601 -18.06 30.93 -23.09
N PRO A 602 -19.21 31.61 -22.91
CA PRO A 602 -19.20 33.09 -22.89
C PRO A 602 -18.24 33.68 -21.87
N GLU A 603 -17.91 32.90 -20.83
CA GLU A 603 -16.91 33.35 -19.87
C GLU A 603 -15.53 33.40 -20.50
N ALA A 604 -15.21 32.43 -21.36
CA ALA A 604 -13.93 32.46 -22.07
C ALA A 604 -13.88 33.60 -23.08
N ILE A 605 -15.04 34.04 -23.58
CA ILE A 605 -15.08 35.21 -24.45
C ILE A 605 -14.81 36.48 -23.66
N LYS A 606 -15.41 36.59 -22.47
CA LYS A 606 -15.18 37.77 -21.63
C LYS A 606 -13.71 37.88 -21.23
N MET A 607 -13.09 36.75 -20.87
CA MET A 607 -11.68 36.77 -20.50
C MET A 607 -10.81 37.21 -21.68
N GLY A 608 -11.20 36.85 -22.90
CA GLY A 608 -10.49 37.35 -24.07
C GLY A 608 -10.65 38.85 -24.24
N VAL A 609 -11.88 39.34 -24.06
CA VAL A 609 -12.12 40.78 -24.14
C VAL A 609 -11.34 41.51 -23.05
N GLU A 610 -11.32 40.95 -21.84
CA GLU A 610 -10.73 41.64 -20.71
C GLU A 610 -9.21 41.78 -20.86
N LEU A 611 -8.55 40.75 -21.39
CA LEU A 611 -7.12 40.86 -21.67
C LEU A 611 -6.87 41.88 -22.77
N LEU A 612 -7.63 41.77 -23.87
CA LEU A 612 -7.46 42.73 -24.97
C LEU A 612 -7.69 44.16 -24.50
N LYS A 613 -8.56 44.35 -23.51
CA LYS A 613 -8.71 45.67 -22.90
C LYS A 613 -7.49 46.04 -22.07
N ARG A 614 -6.85 45.06 -21.45
CA ARG A 614 -5.73 45.35 -20.57
C ARG A 614 -4.48 45.75 -21.35
N ILE A 615 -4.13 44.94 -22.36
CA ILE A 615 -3.08 45.36 -23.30
C ILE A 615 -3.52 46.52 -24.18
N GLU A 616 -4.77 46.97 -24.04
CA GLU A 616 -5.27 48.17 -24.71
C GLU A 616 -5.28 48.02 -26.22
N ALA A 617 -5.60 46.82 -26.69
CA ALA A 617 -6.01 46.62 -28.07
C ALA A 617 -7.48 46.98 -28.29
N LEU A 618 -8.25 47.09 -27.22
CA LEU A 618 -9.59 47.65 -27.26
C LEU A 618 -9.72 48.67 -26.13
N ASP A 619 -10.59 49.65 -26.34
CA ASP A 619 -10.94 50.58 -25.27
C ASP A 619 -11.91 49.90 -24.30
N GLN A 620 -12.39 50.65 -23.32
CA GLN A 620 -13.31 50.07 -22.35
C GLN A 620 -14.70 49.86 -22.95
N THR A 621 -15.07 50.68 -23.95
CA THR A 621 -16.32 50.47 -24.66
C THR A 621 -16.34 49.16 -25.45
N GLY A 622 -15.16 48.63 -25.79
CA GLY A 622 -15.03 47.43 -26.57
C GLY A 622 -14.54 47.67 -27.98
N THR A 623 -14.66 48.89 -28.48
CA THR A 623 -14.17 49.23 -29.80
C THR A 623 -12.66 49.04 -29.87
N LEU A 624 -12.18 48.66 -31.06
CA LEU A 624 -10.77 48.37 -31.25
C LEU A 624 -9.99 49.67 -31.44
N THR A 625 -8.78 49.71 -30.85
CA THR A 625 -7.92 50.88 -30.84
C THR A 625 -6.96 50.85 -32.01
N PRO A 626 -6.32 51.99 -32.33
CA PRO A 626 -5.32 51.98 -33.42
C PRO A 626 -4.21 50.97 -33.22
N LEU A 627 -3.84 50.67 -31.97
CA LEU A 627 -2.86 49.62 -31.73
C LEU A 627 -3.48 48.25 -31.99
N GLY A 628 -4.73 48.06 -31.58
CA GLY A 628 -5.39 46.78 -31.78
C GLY A 628 -5.51 46.40 -33.25
N MET A 629 -5.63 47.39 -34.14
CA MET A 629 -5.72 47.08 -35.56
C MET A 629 -4.39 46.55 -36.09
N HIS A 630 -3.27 47.11 -35.64
CA HIS A 630 -1.97 46.58 -36.03
C HIS A 630 -1.76 45.18 -35.46
N LEU A 631 -2.15 44.97 -34.20
CA LEU A 631 -2.03 43.64 -33.59
C LEU A 631 -2.92 42.63 -34.29
N ALA A 632 -4.08 43.06 -34.80
CA ALA A 632 -4.94 42.17 -35.56
C ALA A 632 -4.36 41.82 -36.92
N LYS A 633 -3.44 42.65 -37.43
CA LYS A 633 -2.87 42.46 -38.76
C LYS A 633 -1.56 41.68 -38.73
N LEU A 634 -1.08 41.27 -37.57
CA LEU A 634 0.17 40.52 -37.49
C LEU A 634 -0.11 39.06 -37.16
N PRO A 635 0.47 38.12 -37.90
CA PRO A 635 0.14 36.70 -37.71
C PRO A 635 0.73 36.11 -36.43
N ILE A 636 0.33 36.66 -35.29
CA ILE A 636 0.87 36.23 -34.01
C ILE A 636 -0.08 36.72 -32.93
N ASP A 637 -0.10 36.02 -31.80
CA ASP A 637 -1.02 36.37 -30.72
C ASP A 637 -0.79 37.82 -30.28
N PRO A 638 -1.85 38.51 -29.84
CA PRO A 638 -1.75 39.96 -29.65
C PRO A 638 -0.71 40.39 -28.63
N GLN A 639 -0.40 39.56 -27.65
CA GLN A 639 0.53 39.98 -26.61
C GLN A 639 1.95 40.11 -27.16
N MET A 640 2.46 39.06 -27.81
CA MET A 640 3.78 39.16 -28.41
C MET A 640 3.79 39.98 -29.68
N GLY A 641 2.64 40.11 -30.36
CA GLY A 641 2.55 41.09 -31.43
C GLY A 641 2.83 42.50 -30.92
N LYS A 642 2.32 42.82 -29.73
CA LYS A 642 2.71 44.07 -29.07
C LYS A 642 4.18 44.04 -28.69
N MET A 643 4.69 42.88 -28.28
CA MET A 643 6.10 42.77 -27.92
C MET A 643 7.00 43.01 -29.13
N ILE A 644 6.66 42.42 -30.27
CA ILE A 644 7.40 42.68 -31.51
C ILE A 644 7.34 44.18 -31.85
N LEU A 645 6.17 44.79 -31.63
CA LEU A 645 6.02 46.21 -31.92
C LEU A 645 6.91 47.06 -31.02
N MET A 646 6.95 46.74 -29.73
CA MET A 646 7.82 47.47 -28.82
C MET A 646 9.29 47.32 -29.22
N SER A 647 9.65 46.17 -29.80
CA SER A 647 11.04 45.95 -30.19
C SER A 647 11.47 46.90 -31.31
N ALA A 648 10.53 47.33 -32.15
CA ALA A 648 10.87 48.33 -33.17
C ALA A 648 11.08 49.69 -32.52
N LEU A 649 10.21 50.07 -31.60
CA LEU A 649 10.34 51.33 -30.88
C LEU A 649 11.65 51.41 -30.11
N PHE A 650 12.18 50.29 -29.64
CA PHE A 650 13.31 50.27 -28.72
C PHE A 650 14.57 49.68 -29.34
N CYS A 651 14.54 49.39 -30.65
CA CYS A 651 15.75 49.08 -31.43
C CYS A 651 16.44 47.80 -30.94
N CYS A 652 15.64 46.75 -30.74
CA CYS A 652 16.16 45.42 -30.44
C CYS A 652 15.32 44.38 -31.18
N LEU A 653 15.20 44.56 -32.51
CA LEU A 653 14.27 43.78 -33.31
C LEU A 653 14.68 42.31 -33.37
N ASP A 654 15.96 42.05 -33.63
CA ASP A 654 16.40 40.68 -33.85
C ASP A 654 16.16 39.76 -32.65
N PRO A 655 16.60 40.07 -31.43
CA PRO A 655 16.40 39.11 -30.33
C PRO A 655 14.95 38.99 -29.88
N ILE A 656 14.16 40.07 -29.94
CA ILE A 656 12.78 39.98 -29.49
C ILE A 656 11.94 39.19 -30.47
N THR A 657 12.16 39.39 -31.77
CA THR A 657 11.41 38.62 -32.77
C THR A 657 11.78 37.14 -32.72
N SER A 658 13.03 36.82 -32.31
CA SER A 658 13.38 35.44 -32.08
C SER A 658 12.59 34.86 -30.92
N ALA A 659 12.43 35.62 -29.84
CA ALA A 659 11.63 35.17 -28.71
C ALA A 659 10.17 34.99 -29.09
N ALA A 660 9.62 35.95 -29.83
CA ALA A 660 8.22 35.87 -30.23
C ALA A 660 7.98 34.75 -31.23
N ALA A 661 8.91 34.56 -32.17
CA ALA A 661 8.76 33.48 -33.14
C ALA A 661 8.91 32.12 -32.48
N ALA A 662 9.71 32.02 -31.42
CA ALA A 662 9.93 30.73 -30.76
C ALA A 662 8.76 30.34 -29.87
N LEU A 663 8.01 31.31 -29.33
CA LEU A 663 6.84 30.96 -28.54
C LEU A 663 5.64 30.68 -29.42
N SER A 664 5.52 31.40 -30.54
CA SER A 664 4.40 31.17 -31.44
C SER A 664 4.47 29.78 -32.06
N PHE A 665 5.65 29.35 -32.50
CA PHE A 665 5.84 28.01 -33.02
C PHE A 665 6.69 27.22 -32.00
N LYS A 666 7.37 26.17 -32.47
CA LYS A 666 8.07 25.16 -31.72
C LYS A 666 9.43 25.69 -31.24
N SER A 667 10.02 24.95 -30.35
CA SER A 667 11.42 25.18 -30.01
C SER A 667 12.32 24.35 -30.91
N PRO A 668 13.51 24.83 -31.24
CA PRO A 668 14.38 24.09 -32.18
C PRO A 668 15.06 22.86 -31.59
N PHE A 669 15.04 22.68 -30.27
CA PHE A 669 15.83 21.63 -29.64
C PHE A 669 15.11 20.29 -29.70
N TYR A 670 15.79 19.28 -30.23
CA TYR A 670 15.34 17.91 -30.07
C TYR A 670 15.49 17.50 -28.61
N SER A 671 14.83 16.40 -28.27
CA SER A 671 14.99 15.75 -26.96
C SER A 671 15.12 14.25 -27.18
N PRO A 672 16.25 13.81 -27.75
CA PRO A 672 16.42 12.38 -28.03
C PRO A 672 16.52 11.57 -26.75
N LEU A 673 16.01 10.35 -26.81
CA LEU A 673 15.95 9.50 -25.63
C LEU A 673 17.35 9.19 -25.12
N GLY A 674 17.52 9.22 -23.79
CA GLY A 674 18.76 8.86 -23.15
C GLY A 674 19.72 10.03 -22.92
N LYS A 675 19.65 11.05 -23.78
CA LYS A 675 20.51 12.23 -23.65
C LYS A 675 19.78 13.39 -22.97
N GLU A 676 18.85 13.08 -22.08
CA GLU A 676 18.15 14.11 -21.30
C GLU A 676 19.14 15.00 -20.55
N SER A 677 20.16 14.38 -19.94
CA SER A 677 21.14 15.16 -19.20
C SER A 677 21.99 16.01 -20.13
N ARG A 678 22.31 15.50 -21.32
CA ARG A 678 23.17 16.23 -22.23
C ARG A 678 22.48 17.45 -22.83
N VAL A 679 21.17 17.37 -23.09
CA VAL A 679 20.48 18.54 -23.63
C VAL A 679 20.14 19.56 -22.54
N ASP A 680 20.18 19.16 -21.27
CA ASP A 680 20.11 20.15 -20.20
C ASP A 680 21.37 21.01 -20.18
N GLU A 681 22.54 20.38 -20.29
CA GLU A 681 23.80 21.10 -20.23
C GLU A 681 24.00 22.01 -21.43
N ILE A 682 23.38 21.68 -22.56
CA ILE A 682 23.60 22.44 -23.78
C ILE A 682 22.67 23.63 -23.89
N LYS A 683 21.47 23.55 -23.32
CA LYS A 683 20.61 24.72 -23.24
C LYS A 683 21.18 25.75 -22.27
N ARG A 684 21.84 25.29 -21.20
CA ARG A 684 22.50 26.21 -20.29
C ARG A 684 23.69 26.89 -20.96
N ARG A 685 24.42 26.15 -21.81
CA ARG A 685 25.58 26.73 -22.47
C ARG A 685 25.18 27.83 -23.44
N MET A 686 24.12 27.61 -24.22
CA MET A 686 23.65 28.62 -25.15
C MET A 686 22.82 29.70 -24.47
N ALA A 687 22.34 29.47 -23.25
CA ALA A 687 21.70 30.53 -22.49
C ALA A 687 22.69 31.61 -22.08
N ARG A 688 23.99 31.27 -22.00
CA ARG A 688 25.04 32.23 -21.70
C ARG A 688 24.80 32.94 -20.38
N ASN A 689 24.26 32.21 -19.40
CA ASN A 689 23.97 32.69 -18.06
C ASN A 689 22.93 33.80 -18.02
N MET A 690 22.31 34.12 -19.15
CA MET A 690 21.34 35.20 -19.21
C MET A 690 20.01 34.86 -18.56
N ARG A 691 19.84 33.62 -18.10
CA ARG A 691 18.70 33.22 -17.27
C ARG A 691 17.37 33.45 -17.98
N SER A 692 17.32 33.14 -19.27
CA SER A 692 16.12 33.38 -20.07
C SER A 692 15.99 32.29 -21.12
N ASP A 693 14.87 31.55 -21.06
CA ASP A 693 14.59 30.56 -22.09
C ASP A 693 14.32 31.19 -23.44
N HIS A 694 13.91 32.45 -23.47
CA HIS A 694 13.64 33.12 -24.74
C HIS A 694 14.90 33.73 -25.35
N LEU A 695 15.70 34.42 -24.54
CA LEU A 695 16.95 34.97 -25.04
C LEU A 695 17.89 33.87 -25.50
N MET A 696 17.80 32.67 -24.90
CA MET A 696 18.70 31.59 -25.28
C MET A 696 18.39 31.05 -26.67
N VAL A 697 17.12 31.07 -27.08
CA VAL A 697 16.78 30.61 -28.41
C VAL A 697 17.34 31.56 -29.46
N HIS A 698 17.36 32.86 -29.15
CA HIS A 698 17.99 33.82 -30.06
C HIS A 698 19.49 33.56 -30.16
N ASN A 699 20.13 33.27 -29.03
CA ASN A 699 21.54 32.86 -29.06
C ASN A 699 21.74 31.66 -29.97
N THR A 700 20.80 30.71 -29.92
CA THR A 700 20.87 29.55 -30.80
C THR A 700 20.73 29.95 -32.26
N ILE A 701 19.87 30.94 -32.55
CA ILE A 701 19.76 31.41 -33.93
C ILE A 701 21.03 32.13 -34.34
N ILE A 702 21.61 32.92 -33.44
CA ILE A 702 22.89 33.57 -33.73
C ILE A 702 23.97 32.54 -34.05
N ALA A 703 24.02 31.47 -33.26
CA ALA A 703 24.99 30.41 -33.52
C ALA A 703 24.65 29.64 -34.79
N TYR A 704 23.36 29.43 -35.05
CA TYR A 704 22.97 28.74 -36.27
C TYR A 704 23.32 29.57 -37.51
N ARG A 705 23.10 30.88 -37.45
CA ARG A 705 23.51 31.75 -38.55
C ARG A 705 25.01 31.65 -38.80
N ASP A 706 25.80 31.71 -37.73
CA ASP A 706 27.25 31.70 -37.86
C ASP A 706 27.75 30.39 -38.48
N SER A 707 27.10 29.27 -38.17
CA SER A 707 27.49 28.00 -38.76
C SER A 707 27.23 27.95 -40.25
N ARG A 708 26.30 28.76 -40.76
CA ARG A 708 26.08 28.82 -42.20
C ARG A 708 27.13 29.67 -42.89
N TYR A 709 27.49 30.81 -42.28
CA TYR A 709 28.65 31.56 -42.74
C TYR A 709 29.92 30.72 -42.66
N SER A 710 29.94 29.73 -41.77
CA SER A 710 31.09 28.88 -41.55
C SER A 710 31.04 27.58 -42.36
N HIS A 711 29.94 27.33 -43.08
CA HIS A 711 29.75 26.07 -43.82
C HIS A 711 29.88 24.87 -42.88
N ALA A 712 29.47 25.05 -41.64
CA ALA A 712 29.50 24.01 -40.62
C ALA A 712 28.12 23.75 -40.06
N GLU A 713 27.10 23.83 -40.93
CA GLU A 713 25.72 23.74 -40.48
C GLU A 713 25.38 22.36 -39.94
N ARG A 714 25.79 21.31 -40.65
CA ARG A 714 25.41 19.96 -40.27
C ARG A 714 26.06 19.55 -38.96
N ASP A 715 27.37 19.80 -38.81
CA ASP A 715 28.05 19.46 -37.57
C ASP A 715 27.53 20.27 -36.40
N PHE A 716 27.14 21.52 -36.64
CA PHE A 716 26.58 22.34 -35.57
C PHE A 716 25.24 21.78 -35.10
N CYS A 717 24.36 21.44 -36.03
CA CYS A 717 23.05 20.92 -35.67
C CYS A 717 23.14 19.54 -35.02
N TYR A 718 24.17 18.77 -35.38
CA TYR A 718 24.38 17.46 -34.76
C TYR A 718 24.99 17.61 -33.37
N LYS A 719 26.06 18.40 -33.26
CA LYS A 719 26.70 18.66 -31.97
C LYS A 719 25.68 19.10 -30.94
N ASN A 720 24.66 19.85 -31.37
CA ASN A 720 23.84 20.60 -30.44
C ASN A 720 22.36 20.21 -30.47
N PHE A 721 22.02 19.08 -31.10
CA PHE A 721 20.67 18.51 -31.02
C PHE A 721 19.58 19.51 -31.46
N LEU A 722 19.83 20.22 -32.56
CA LEU A 722 18.80 21.12 -33.09
C LEU A 722 18.23 20.61 -34.39
N SER A 723 17.00 21.03 -34.66
CA SER A 723 16.33 20.78 -35.93
C SER A 723 16.66 21.91 -36.88
N SER A 724 17.40 21.60 -37.96
CA SER A 724 17.65 22.60 -38.98
C SER A 724 16.35 23.05 -39.65
N MET A 725 15.34 22.18 -39.65
CA MET A 725 14.07 22.50 -40.30
C MET A 725 13.35 23.62 -39.57
N THR A 726 13.15 23.47 -38.26
CA THR A 726 12.41 24.49 -37.51
C THR A 726 13.24 25.75 -37.29
N LEU A 727 14.57 25.61 -37.24
CA LEU A 727 15.43 26.80 -37.14
C LEU A 727 15.24 27.70 -38.35
N GLN A 728 15.20 27.11 -39.56
CA GLN A 728 14.97 27.91 -40.76
C GLN A 728 13.55 28.47 -40.79
N GLN A 729 12.58 27.72 -40.26
CA GLN A 729 11.22 28.25 -40.17
C GLN A 729 11.16 29.41 -39.19
N LEU A 730 11.91 29.33 -38.09
CA LEU A 730 11.99 30.47 -37.16
C LEU A 730 12.57 31.68 -37.85
N GLU A 731 13.61 31.49 -38.67
CA GLU A 731 14.22 32.60 -39.38
C GLU A 731 13.26 33.20 -40.40
N ARG A 732 12.42 32.38 -41.02
CA ARG A 732 11.49 32.91 -42.02
C ARG A 732 10.38 33.72 -41.36
N MET A 733 9.90 33.29 -40.19
CA MET A 733 8.85 34.03 -39.49
C MET A 733 9.37 35.35 -38.93
N LYS A 734 10.62 35.35 -38.45
CA LYS A 734 11.22 36.60 -37.99
C LYS A 734 11.31 37.60 -39.12
N ASN A 735 11.81 37.18 -40.28
CA ASN A 735 11.85 38.06 -41.44
C ASN A 735 10.45 38.42 -41.93
N GLN A 736 9.45 37.58 -41.64
CA GLN A 736 8.07 37.97 -41.91
C GLN A 736 7.63 39.10 -41.00
N PHE A 737 7.99 39.02 -39.71
CA PHE A 737 7.68 40.11 -38.79
C PHE A 737 8.41 41.39 -39.19
N SER A 738 9.57 41.26 -39.85
CA SER A 738 10.33 42.45 -40.23
C SER A 738 9.67 43.18 -41.38
N GLU A 739 9.26 42.45 -42.42
CA GLU A 739 8.60 43.09 -43.56
C GLU A 739 7.29 43.73 -43.14
N LEU A 740 6.49 43.03 -42.33
CA LEU A 740 5.17 43.54 -41.98
C LEU A 740 5.28 44.87 -41.23
N LEU A 741 6.19 44.94 -40.24
CA LEU A 741 6.38 46.22 -39.54
C LEU A 741 6.99 47.27 -40.47
N TYR A 742 7.90 46.86 -41.36
CA TYR A 742 8.48 47.81 -42.31
C TYR A 742 7.40 48.37 -43.23
N ASN A 743 6.46 47.52 -43.66
CA ASN A 743 5.36 48.00 -44.48
C ASN A 743 4.34 48.78 -43.66
N TYR A 744 4.24 48.51 -42.37
CA TYR A 744 3.40 49.30 -41.47
C TYR A 744 4.09 50.57 -40.99
N LYS A 745 5.21 50.95 -41.63
CA LYS A 745 5.93 52.18 -41.35
C LYS A 745 6.49 52.22 -39.93
N PHE A 746 6.78 51.06 -39.34
CA PHE A 746 7.42 51.02 -38.03
C PHE A 746 8.93 50.86 -38.11
N LEU A 747 9.46 50.44 -39.25
CA LEU A 747 10.89 50.23 -39.43
C LEU A 747 11.34 50.90 -40.72
N ALA A 748 12.57 51.42 -40.70
CA ALA A 748 13.16 51.99 -41.89
C ALA A 748 13.72 50.94 -42.83
N SER A 749 13.86 49.70 -42.38
CA SER A 749 14.41 48.62 -43.20
C SER A 749 13.69 47.33 -42.84
N SER A 750 13.55 46.46 -43.84
CA SER A 750 12.83 45.20 -43.69
C SER A 750 13.72 44.05 -43.24
N ASN A 751 14.95 44.34 -42.83
CA ASN A 751 15.89 43.31 -42.37
C ASN A 751 15.87 43.27 -40.84
N CYS A 752 15.63 42.08 -40.29
CA CYS A 752 15.67 41.91 -38.84
C CYS A 752 17.06 42.05 -38.27
N LYS A 753 18.09 42.01 -39.10
CA LYS A 753 19.48 42.15 -38.66
C LYS A 753 20.05 43.53 -38.96
N ASP A 754 19.24 44.44 -39.49
CA ASP A 754 19.71 45.78 -39.81
C ASP A 754 20.23 46.48 -38.55
N ALA A 755 21.30 47.27 -38.73
CA ALA A 755 21.97 47.87 -37.58
C ALA A 755 21.09 48.91 -36.89
N ALA A 756 20.35 49.71 -37.67
CA ALA A 756 19.53 50.75 -37.08
C ALA A 756 18.44 50.18 -36.18
N SER A 757 17.81 49.08 -36.61
CA SER A 757 16.79 48.43 -35.81
C SER A 757 17.37 47.61 -34.67
N ASN A 758 18.69 47.64 -34.47
CA ASN A 758 19.32 46.77 -33.48
C ASN A 758 20.40 47.48 -32.66
N LYS A 759 20.33 48.80 -32.52
CA LYS A 759 21.31 49.52 -31.72
C LYS A 759 21.27 49.10 -30.26
N ASN A 760 20.15 48.57 -29.79
CA ASN A 760 20.00 48.13 -28.40
C ASN A 760 19.99 46.62 -28.27
N SER A 761 20.34 45.88 -29.33
CA SER A 761 20.09 44.45 -29.36
C SER A 761 20.99 43.63 -28.45
N GLU A 762 21.95 44.25 -27.78
CA GLU A 762 22.78 43.55 -26.81
C GLU A 762 22.74 44.19 -25.42
N LYS A 763 21.87 45.18 -25.22
CA LYS A 763 21.59 45.69 -23.88
C LYS A 763 20.63 44.69 -23.24
N ILE A 764 21.17 43.78 -22.43
CA ILE A 764 20.35 42.69 -21.90
C ILE A 764 19.23 43.19 -21.00
N PRO A 765 19.44 44.15 -20.10
CA PRO A 765 18.28 44.69 -19.37
C PRO A 765 17.24 45.32 -20.27
N LEU A 766 17.66 45.88 -21.40
CA LEU A 766 16.71 46.33 -22.42
C LEU A 766 15.82 45.18 -22.90
N LEU A 767 16.38 43.98 -23.07
CA LEU A 767 15.61 42.90 -23.68
C LEU A 767 14.60 42.30 -22.71
N ARG A 768 14.99 42.09 -21.45
CA ARG A 768 14.06 41.60 -20.46
C ARG A 768 12.90 42.55 -20.24
N ALA A 769 13.16 43.86 -20.35
CA ALA A 769 12.08 44.84 -20.25
C ALA A 769 11.08 44.67 -21.37
N ILE A 770 11.56 44.44 -22.59
CA ILE A 770 10.65 44.27 -23.73
C ILE A 770 10.03 42.88 -23.72
N ILE A 771 10.78 41.86 -23.28
CA ILE A 771 10.19 40.54 -23.09
C ILE A 771 9.11 40.60 -22.03
N GLY A 772 9.37 41.29 -20.92
CA GLY A 772 8.36 41.45 -19.91
C GLY A 772 7.15 42.23 -20.38
N ALA A 773 7.35 43.21 -21.26
CA ALA A 773 6.24 43.99 -21.77
C ALA A 773 5.26 43.13 -22.55
N GLY A 774 5.72 42.02 -23.12
CA GLY A 774 4.86 41.13 -23.87
C GLY A 774 4.25 40.03 -23.05
N LEU A 775 4.99 39.51 -22.08
CA LEU A 775 4.53 38.40 -21.26
C LEU A 775 3.84 38.85 -19.98
N TYR A 776 3.93 40.13 -19.63
CA TYR A 776 3.14 40.68 -18.55
C TYR A 776 1.66 40.37 -18.78
N PRO A 777 0.89 40.05 -17.74
CA PRO A 777 1.24 40.04 -16.31
C PRO A 777 1.58 38.68 -15.74
N ASN A 778 2.13 37.76 -16.54
CA ASN A 778 2.49 36.44 -16.04
C ASN A 778 3.83 36.55 -15.31
N MET A 779 3.75 36.85 -14.01
CA MET A 779 4.93 37.06 -13.19
C MET A 779 5.01 36.00 -12.10
N ALA A 780 6.20 35.87 -11.51
CA ALA A 780 6.46 34.95 -10.43
C ALA A 780 7.63 35.47 -9.61
N HIS A 781 7.60 35.21 -8.30
CA HIS A 781 8.64 35.66 -7.37
C HIS A 781 9.27 34.46 -6.69
N LEU A 782 10.60 34.43 -6.68
CA LEU A 782 11.39 33.39 -6.04
C LEU A 782 11.86 33.84 -4.66
N ARG A 783 11.81 32.93 -3.68
CA ARG A 783 12.14 33.29 -2.30
C ARG A 783 13.22 32.42 -1.66
N LYS A 784 13.45 31.19 -2.13
CA LYS A 784 14.36 30.27 -1.46
C LYS A 784 15.33 29.66 -2.45
N SER A 785 16.35 28.99 -1.89
CA SER A 785 17.38 28.30 -2.66
C SER A 785 18.14 27.37 -1.71
N ARG A 786 18.45 26.17 -2.19
CA ARG A 786 19.09 25.12 -1.40
C ARG A 786 20.56 24.98 -1.78
N GLN A 787 21.33 24.45 -0.83
CA GLN A 787 22.67 23.94 -1.11
C GLN A 787 22.77 22.46 -0.71
N ILE A 788 22.54 22.18 0.58
CA ILE A 788 22.67 20.83 1.13
C ILE A 788 21.67 19.88 0.46
N LYS A 789 22.15 18.73 0.00
CA LYS A 789 23.55 18.30 0.03
C LYS A 789 23.95 17.59 -1.27
N ASN A 790 23.54 18.15 -2.41
CA ASN A 790 23.85 17.54 -3.70
C ASN A 790 25.13 18.14 -4.28
N ARG A 791 24.98 18.92 -5.35
CA ARG A 791 26.12 19.56 -5.97
C ARG A 791 25.67 20.73 -6.85
N VAL A 792 24.57 20.56 -7.59
CA VAL A 792 24.11 21.65 -8.45
C VAL A 792 22.66 22.04 -8.13
N ARG A 793 21.71 21.12 -8.26
CA ARG A 793 20.32 21.52 -8.38
C ARG A 793 19.75 21.93 -7.02
N ALA A 794 18.97 23.01 -7.03
CA ALA A 794 18.42 23.61 -5.82
C ALA A 794 16.90 23.45 -5.81
N ILE A 795 16.33 23.67 -4.63
CA ILE A 795 14.88 23.62 -4.42
C ILE A 795 14.37 25.05 -4.32
N HIS A 796 13.31 25.34 -5.07
CA HIS A 796 12.75 26.67 -5.17
C HIS A 796 11.35 26.69 -4.56
N THR A 797 11.13 27.64 -3.65
CA THR A 797 9.77 28.04 -3.28
C THR A 797 9.49 29.32 -4.06
N MET A 798 8.65 29.21 -5.08
CA MET A 798 8.35 30.32 -5.97
C MET A 798 6.87 30.29 -6.30
N ALA A 799 6.26 31.47 -6.31
CA ALA A 799 4.82 31.58 -6.53
C ALA A 799 4.54 32.63 -7.58
N THR A 800 3.56 32.35 -8.45
CA THR A 800 3.06 33.35 -9.37
C THR A 800 2.32 34.45 -8.59
N ASP A 801 1.96 35.52 -9.30
CA ASP A 801 1.32 36.65 -8.64
C ASP A 801 0.00 36.29 -7.97
N ASP A 802 -0.63 35.19 -8.40
CA ASP A 802 -1.88 34.74 -7.80
C ASP A 802 -1.68 34.05 -6.46
N GLY A 803 -0.43 33.88 -6.02
CA GLY A 803 -0.14 33.17 -4.79
C GLY A 803 0.12 31.70 -4.94
N ARG A 804 -0.15 31.12 -6.11
CA ARG A 804 0.06 29.69 -6.32
C ARG A 804 1.54 29.37 -6.40
N ARG A 805 1.99 28.44 -5.58
CA ARG A 805 3.39 28.04 -5.61
C ARG A 805 3.67 27.18 -6.83
N VAL A 806 4.75 27.51 -7.54
CA VAL A 806 5.11 26.87 -8.80
C VAL A 806 6.58 26.50 -8.77
N ASN A 807 7.06 25.97 -9.89
CA ASN A 807 8.47 25.62 -10.05
C ASN A 807 8.81 25.67 -11.53
N PHE A 808 10.08 25.92 -11.83
CA PHE A 808 10.54 25.87 -13.21
C PHE A 808 10.38 24.46 -13.77
N HIS A 809 9.83 24.38 -14.98
CA HIS A 809 9.76 23.08 -15.64
C HIS A 809 11.16 22.56 -15.88
N PRO A 810 11.40 21.25 -15.69
CA PRO A 810 12.77 20.74 -15.82
C PRO A 810 13.42 20.99 -17.17
N SER A 811 12.63 21.13 -18.23
CA SER A 811 13.19 21.45 -19.54
C SER A 811 13.51 22.94 -19.69
N SER A 812 13.09 23.77 -18.73
CA SER A 812 13.46 25.18 -18.75
C SER A 812 14.89 25.36 -18.28
N VAL A 813 15.52 26.44 -18.76
CA VAL A 813 16.93 26.69 -18.47
C VAL A 813 17.14 26.92 -16.98
N ASN A 814 16.23 27.65 -16.35
CA ASN A 814 16.39 28.06 -14.95
C ASN A 814 16.00 26.95 -13.96
N SER A 815 15.80 25.73 -14.44
CA SER A 815 15.40 24.64 -13.55
C SER A 815 16.57 24.24 -12.66
N GLY A 816 16.36 24.32 -11.34
CA GLY A 816 17.37 23.91 -10.38
C GLY A 816 18.56 24.84 -10.25
N GLU A 817 18.50 26.03 -10.82
CA GLU A 817 19.62 26.96 -10.72
C GLU A 817 19.54 27.74 -9.41
N SER A 818 20.65 28.40 -9.08
CA SER A 818 20.76 29.18 -7.86
C SER A 818 21.53 30.46 -8.14
N GLY A 819 21.41 31.41 -7.21
CA GLY A 819 22.10 32.68 -7.34
C GLY A 819 21.63 33.51 -8.51
N PHE A 820 20.36 33.89 -8.50
CA PHE A 820 19.80 34.74 -9.55
C PHE A 820 20.04 36.19 -9.21
N ASP A 821 20.38 36.99 -10.23
CA ASP A 821 20.56 38.42 -10.03
C ASP A 821 19.26 39.09 -9.59
N SER A 822 18.11 38.53 -9.99
CA SER A 822 16.82 39.05 -9.60
C SER A 822 15.93 37.88 -9.21
N ALA A 823 14.92 38.17 -8.38
CA ALA A 823 14.06 37.13 -7.84
C ALA A 823 12.75 37.00 -8.60
N TYR A 824 12.51 37.85 -9.60
CA TYR A 824 11.22 37.94 -10.27
C TYR A 824 11.36 37.52 -11.72
N PHE A 825 10.38 36.74 -12.20
CA PHE A 825 10.43 36.14 -13.53
C PHE A 825 9.11 36.33 -14.24
N VAL A 826 9.16 36.33 -15.57
CA VAL A 826 7.96 36.31 -16.40
C VAL A 826 7.97 35.02 -17.21
N TYR A 827 6.78 34.56 -17.58
CA TYR A 827 6.63 33.30 -18.28
C TYR A 827 5.52 33.43 -19.32
N PHE A 828 5.58 32.56 -20.33
CA PHE A 828 4.52 32.53 -21.33
C PHE A 828 3.45 31.50 -21.01
N GLN A 829 3.83 30.36 -20.43
CA GLN A 829 2.92 29.25 -20.23
C GLN A 829 3.19 28.58 -18.90
N ARG A 830 2.15 28.46 -18.07
CA ARG A 830 2.19 27.66 -16.85
C ARG A 830 1.30 26.44 -17.04
N GLN A 831 1.79 25.29 -16.58
CA GLN A 831 1.11 24.02 -16.85
C GLN A 831 1.33 23.06 -15.69
N LYS A 832 0.26 22.39 -15.27
CA LYS A 832 0.31 21.41 -14.20
C LYS A 832 0.40 20.01 -14.80
N SER A 833 1.47 19.29 -14.45
CA SER A 833 1.62 17.90 -14.87
C SER A 833 1.98 17.05 -13.66
N THR A 834 3.17 17.28 -13.09
CA THR A 834 3.54 16.76 -11.79
C THR A 834 3.51 17.82 -10.71
N ASP A 835 3.67 19.08 -11.08
CA ASP A 835 3.63 20.22 -10.18
C ASP A 835 3.22 21.42 -11.03
N LEU A 836 2.89 22.52 -10.37
CA LEU A 836 2.65 23.76 -11.10
C LEU A 836 3.96 24.21 -11.72
N PHE A 837 4.08 24.06 -13.04
CA PHE A 837 5.33 24.32 -13.74
C PHE A 837 5.21 25.55 -14.63
N LEU A 838 6.30 26.32 -14.71
CA LEU A 838 6.46 27.35 -15.73
C LEU A 838 7.31 26.76 -16.84
N LEU A 839 6.72 26.61 -18.03
CA LEU A 839 7.42 25.94 -19.13
C LEU A 839 8.55 26.79 -19.70
N ASP A 840 8.53 28.09 -19.46
CA ASP A 840 9.53 29.01 -19.99
C ASP A 840 9.60 30.21 -19.05
N SER A 841 10.78 30.81 -18.94
CA SER A 841 10.92 31.92 -18.03
C SER A 841 12.10 32.81 -18.44
N THR A 842 11.92 34.11 -18.23
CA THR A 842 12.99 35.10 -18.35
C THR A 842 13.03 35.91 -17.06
N MET A 843 14.21 35.98 -16.44
CA MET A 843 14.34 36.76 -15.22
C MET A 843 14.28 38.24 -15.55
N VAL A 844 13.46 38.97 -14.81
CA VAL A 844 13.21 40.38 -15.08
C VAL A 844 13.56 41.20 -13.84
N PHE A 845 13.62 42.51 -14.03
CA PHE A 845 13.93 43.40 -12.92
C PHE A 845 12.72 44.23 -12.55
N PRO A 846 12.55 44.56 -11.27
CA PRO A 846 11.37 45.34 -10.85
C PRO A 846 11.22 46.65 -11.58
N MET A 847 12.32 47.31 -11.93
CA MET A 847 12.24 48.58 -12.63
C MET A 847 11.58 48.42 -14.01
N ALA A 848 11.89 47.31 -14.69
CA ALA A 848 11.33 47.09 -16.02
C ALA A 848 9.83 46.83 -15.95
N LEU A 849 9.38 46.05 -14.97
CA LEU A 849 7.96 45.75 -14.83
C LEU A 849 7.16 47.01 -14.52
N ILE A 850 7.68 47.84 -13.60
CA ILE A 850 6.97 49.05 -13.19
C ILE A 850 6.75 49.97 -14.39
N ILE A 851 7.73 50.04 -15.29
CA ILE A 851 7.64 50.96 -16.42
C ILE A 851 6.53 50.56 -17.37
N PHE A 852 6.53 49.30 -17.82
CA PHE A 852 5.61 48.86 -18.86
C PHE A 852 4.33 48.24 -18.32
N GLY A 853 4.32 47.74 -17.09
CA GLY A 853 3.14 47.15 -16.51
C GLY A 853 2.10 48.19 -16.11
N ASP A 854 1.09 47.71 -15.38
CA ASP A 854 0.05 48.56 -14.82
C ASP A 854 -0.14 48.23 -13.36
N GLY A 855 -1.00 49.01 -12.70
CA GLY A 855 -1.15 48.88 -11.26
C GLY A 855 -0.05 49.56 -10.48
N VAL A 856 0.49 50.66 -11.01
CA VAL A 856 1.63 51.34 -10.42
C VAL A 856 1.09 52.46 -9.53
N GLU A 857 1.29 52.33 -8.23
CA GLU A 857 0.93 53.36 -7.27
C GLU A 857 2.10 53.62 -6.33
N ALA A 858 2.22 54.87 -5.88
CA ALA A 858 3.24 55.27 -4.94
C ALA A 858 2.60 55.68 -3.62
N GLY A 859 3.29 55.43 -2.52
CA GLY A 859 2.76 55.78 -1.22
C GLY A 859 3.67 55.30 -0.11
N VAL A 860 3.10 55.18 1.08
CA VAL A 860 3.81 54.70 2.27
C VAL A 860 2.96 53.63 2.94
N THR A 861 3.62 52.64 3.54
CA THR A 861 2.86 51.55 4.16
C THR A 861 3.23 51.30 5.62
N GLN A 862 4.46 50.86 5.92
CA GLN A 862 4.87 50.71 7.32
C GLN A 862 5.10 52.10 7.88
N ASN A 863 6.22 52.70 7.50
CA ASN A 863 6.39 54.14 7.38
C ASN A 863 7.30 54.40 6.20
N THR A 864 7.22 53.51 5.20
CA THR A 864 8.19 53.28 4.15
C THR A 864 7.64 53.68 2.80
N PRO A 865 8.35 54.52 2.04
CA PRO A 865 7.90 54.86 0.69
C PRO A 865 8.06 53.67 -0.24
N TYR A 866 7.03 53.42 -1.05
CA TYR A 866 7.01 52.25 -1.92
C TYR A 866 6.58 52.63 -3.34
N LEU A 867 6.82 51.70 -4.26
CA LEU A 867 6.28 51.75 -5.62
C LEU A 867 5.91 50.33 -6.00
N CYS A 868 4.64 50.10 -6.32
CA CYS A 868 4.15 48.76 -6.60
C CYS A 868 3.89 48.59 -8.09
N VAL A 869 3.75 47.33 -8.49
CA VAL A 869 3.31 46.95 -9.82
C VAL A 869 2.24 45.89 -9.68
N ALA A 870 1.21 45.97 -10.53
CA ALA A 870 0.02 45.13 -10.45
C ALA A 870 -0.67 45.19 -9.09
N LYS A 871 -0.33 46.17 -8.25
CA LYS A 871 -0.79 46.23 -6.86
C LYS A 871 -0.55 44.90 -6.15
N THR A 872 0.50 44.19 -6.57
CA THR A 872 0.88 42.90 -6.03
C THR A 872 2.29 42.91 -5.46
N TYR A 873 3.25 43.45 -6.21
CA TYR A 873 4.65 43.51 -5.79
C TYR A 873 4.96 44.94 -5.39
N TYR A 874 5.20 45.15 -4.10
CA TYR A 874 5.52 46.48 -3.58
C TYR A 874 7.01 46.55 -3.28
N PHE A 875 7.68 47.55 -3.83
CA PHE A 875 9.12 47.73 -3.69
C PHE A 875 9.42 49.05 -3.02
N LYS A 876 10.40 49.05 -2.13
CA LYS A 876 10.85 50.28 -1.50
C LYS A 876 11.46 51.21 -2.54
N CYS A 877 11.06 52.48 -2.51
CA CYS A 877 11.75 53.50 -3.28
C CYS A 877 11.25 54.87 -2.85
N ASN A 878 12.16 55.84 -2.84
CA ASN A 878 11.86 57.17 -2.38
C ASN A 878 10.95 57.91 -3.36
N ARG A 879 10.41 59.04 -2.90
CA ARG A 879 9.48 59.82 -3.70
C ARG A 879 10.15 60.43 -4.93
N GLU A 880 11.45 60.71 -4.85
CA GLU A 880 12.12 61.41 -5.94
C GLU A 880 12.17 60.56 -7.21
N THR A 881 12.44 59.27 -7.08
CA THR A 881 12.41 58.40 -8.26
C THR A 881 10.99 58.00 -8.62
N ALA A 882 10.14 57.74 -7.62
CA ALA A 882 8.76 57.36 -7.91
C ALA A 882 8.02 58.46 -8.65
N ASP A 883 8.30 59.73 -8.32
CA ASP A 883 7.60 60.83 -8.96
C ASP A 883 7.92 60.94 -10.44
N VAL A 884 9.10 60.51 -10.86
CA VAL A 884 9.49 60.69 -12.26
C VAL A 884 9.16 59.46 -13.11
N VAL A 885 9.21 58.26 -12.53
CA VAL A 885 8.86 57.08 -13.32
C VAL A 885 7.36 57.02 -13.55
N ILE A 886 6.58 57.49 -12.58
CA ILE A 886 5.16 57.71 -12.82
C ILE A 886 4.99 58.74 -13.92
N GLN A 887 5.73 59.84 -13.85
CA GLN A 887 5.78 60.77 -14.96
C GLN A 887 6.41 60.14 -16.20
N LEU A 888 7.29 59.15 -16.04
CA LEU A 888 7.85 58.47 -17.20
C LEU A 888 6.86 57.51 -17.83
N ARG A 889 6.00 56.89 -17.02
CA ARG A 889 4.97 56.01 -17.56
C ARG A 889 3.92 56.79 -18.34
N SER A 890 3.68 58.05 -17.97
CA SER A 890 2.60 58.81 -18.59
C SER A 890 2.94 59.20 -20.02
N ASN A 891 4.19 59.58 -20.28
CA ASN A 891 4.59 59.94 -21.64
C ASN A 891 4.93 58.73 -22.49
N LEU A 892 5.40 57.65 -21.87
CA LEU A 892 5.51 56.39 -22.59
C LEU A 892 4.14 55.95 -23.12
N GLU A 893 3.08 56.18 -22.34
CA GLU A 893 1.74 55.82 -22.80
C GLU A 893 1.26 56.77 -23.89
N LYS A 894 1.54 58.07 -23.75
CA LYS A 894 1.10 59.01 -24.78
C LYS A 894 1.97 58.92 -26.03
N LEU A 895 3.17 58.35 -25.93
CA LEU A 895 3.99 58.11 -27.12
C LEU A 895 3.44 56.93 -27.91
N LEU A 896 3.17 55.81 -27.23
CA LEU A 896 2.69 54.61 -27.91
C LEU A 896 1.38 54.85 -28.64
N LEU A 897 0.52 55.72 -28.10
CA LEU A 897 -0.77 55.97 -28.74
C LEU A 897 -0.61 56.82 -29.99
N LYS A 898 0.28 57.81 -29.95
CA LYS A 898 0.54 58.61 -31.14
C LYS A 898 1.21 57.78 -32.23
N LYS A 899 2.13 56.89 -31.84
CA LYS A 899 2.87 56.10 -32.82
C LYS A 899 1.97 55.08 -33.50
N ALA A 900 0.99 54.54 -32.79
CA ALA A 900 0.04 53.63 -33.42
C ALA A 900 -0.93 54.37 -34.33
N LEU A 901 -1.29 55.61 -33.97
CA LEU A 901 -2.16 56.41 -34.82
C LEU A 901 -1.42 56.93 -36.04
N TYR A 902 -0.16 57.31 -35.88
CA TYR A 902 0.65 57.90 -36.94
C TYR A 902 1.94 57.10 -37.07
N PRO A 903 1.88 55.92 -37.68
CA PRO A 903 3.05 55.03 -37.73
C PRO A 903 4.20 55.65 -38.49
N ALA A 904 5.35 55.75 -37.82
CA ALA A 904 6.59 56.22 -38.42
C ALA A 904 7.73 55.71 -37.55
N PRO A 905 8.88 55.35 -38.15
CA PRO A 905 10.01 54.92 -37.33
C PRO A 905 10.53 56.06 -36.48
N ILE A 906 11.06 55.71 -35.31
CA ILE A 906 11.59 56.71 -34.39
C ILE A 906 12.86 57.32 -34.99
N GLU A 907 12.85 58.64 -35.19
CA GLU A 907 14.05 59.32 -35.59
C GLU A 907 15.11 59.19 -34.51
N GLU A 908 16.34 58.85 -34.91
CA GLU A 908 17.40 58.60 -33.93
C GLU A 908 17.87 59.86 -33.23
N ASN A 909 17.65 61.03 -33.81
CA ASN A 909 17.99 62.31 -33.20
C ASN A 909 16.77 63.21 -33.13
N GLY A 910 15.62 62.65 -32.79
CA GLY A 910 14.37 63.38 -32.72
C GLY A 910 13.84 63.51 -31.30
N TYR A 911 12.66 64.13 -31.22
CA TYR A 911 12.03 64.37 -29.93
C TYR A 911 11.65 63.07 -29.24
N GLU A 912 11.19 62.08 -30.01
CA GLU A 912 10.72 60.83 -29.42
C GLU A 912 11.84 59.95 -28.92
N LYS A 913 13.00 59.99 -29.59
CA LYS A 913 14.14 59.19 -29.15
C LYS A 913 14.60 59.59 -27.75
N GLN A 914 14.38 60.85 -27.38
CA GLN A 914 14.77 61.31 -26.03
C GLN A 914 14.03 60.53 -24.95
N LEU A 915 12.73 60.29 -25.15
CA LEU A 915 11.98 59.47 -24.21
C LEU A 915 12.48 58.04 -24.22
N ILE A 916 12.89 57.54 -25.38
CA ILE A 916 13.46 56.19 -25.47
C ILE A 916 14.74 56.11 -24.65
N LYS A 917 15.61 57.11 -24.79
CA LYS A 917 16.86 57.11 -24.04
C LYS A 917 16.63 57.27 -22.55
N ALA A 918 15.57 57.97 -22.15
CA ALA A 918 15.23 58.08 -20.73
C ALA A 918 14.88 56.71 -20.14
N ILE A 919 14.34 55.82 -20.97
CA ILE A 919 14.01 54.48 -20.50
C ILE A 919 15.23 53.57 -20.54
N GLU A 920 16.05 53.69 -21.60
CA GLU A 920 17.31 52.95 -21.64
C GLU A 920 18.17 53.28 -20.43
N LEU A 921 18.15 54.52 -19.98
CA LEU A 921 18.98 54.94 -18.86
C LEU A 921 18.52 54.31 -17.55
N LEU A 922 17.21 54.34 -17.29
CA LEU A 922 16.69 53.78 -16.04
C LEU A 922 16.87 52.26 -16.01
N LEU A 923 16.71 51.59 -17.16
CA LEU A 923 16.85 50.15 -17.20
C LEU A 923 18.30 49.71 -17.17
N SER A 924 19.23 50.57 -17.61
CA SER A 924 20.65 50.23 -17.58
C SER A 924 21.20 50.12 -16.17
N LEU A 925 20.45 50.58 -15.16
CA LEU A 925 20.92 50.51 -13.78
C LEU A 925 20.94 49.09 -13.24
N ASP A 926 20.35 48.13 -13.94
CA ASP A 926 20.30 46.75 -13.48
C ASP A 926 21.28 45.85 -14.23
N GLU A 927 22.28 46.42 -14.88
CA GLU A 927 23.24 45.63 -15.63
C GLU A 927 24.19 44.88 -14.69
N ARG A 928 24.63 43.72 -15.17
CA ARG A 928 25.58 42.88 -14.44
C ARG A 928 26.81 43.69 -14.06
N LEU A 929 27.25 43.54 -12.80
CA LEU A 929 28.47 44.18 -12.35
C LEU A 929 29.70 43.48 -12.92
N ILE B 52 37.78 -14.32 21.83
CA ILE B 52 37.38 -14.63 23.19
C ILE B 52 37.54 -13.40 24.08
N ARG B 53 36.52 -13.12 24.88
CA ARG B 53 36.49 -11.98 25.79
C ARG B 53 36.52 -12.48 27.23
N LEU B 54 36.76 -11.54 28.15
CA LEU B 54 36.93 -11.87 29.56
C LEU B 54 36.16 -10.87 30.42
N GLY B 55 35.54 -11.36 31.49
CA GLY B 55 34.69 -10.56 32.34
C GLY B 55 35.37 -10.13 33.63
N CYS B 56 34.56 -9.79 34.62
CA CYS B 56 35.05 -9.19 35.85
C CYS B 56 35.84 -10.20 36.68
N ASN B 57 36.61 -9.68 37.63
CA ASN B 57 37.51 -10.49 38.45
C ASN B 57 36.74 -11.15 39.59
N VAL B 58 36.78 -12.47 39.66
CA VAL B 58 36.07 -13.23 40.68
C VAL B 58 37.01 -13.78 41.74
N SER B 59 38.24 -13.28 41.80
CA SER B 59 39.17 -13.74 42.83
C SER B 59 38.66 -13.37 44.21
N ALA B 60 39.08 -14.15 45.21
CA ALA B 60 38.58 -13.95 46.56
C ALA B 60 39.73 -13.69 47.51
N PRO B 61 39.46 -12.99 48.62
CA PRO B 61 40.52 -12.66 49.57
C PRO B 61 41.22 -13.90 50.11
N SER B 62 42.50 -13.72 50.46
CA SER B 62 43.29 -14.84 50.98
C SER B 62 42.68 -15.40 52.25
N GLY B 63 42.23 -14.52 53.15
CA GLY B 63 41.64 -15.00 54.38
C GLY B 63 40.38 -15.81 54.17
N VAL B 64 39.62 -15.50 53.12
CA VAL B 64 38.40 -16.24 52.84
C VAL B 64 38.72 -17.65 52.34
N LEU B 65 39.71 -17.76 51.45
CA LEU B 65 40.04 -19.05 50.84
C LEU B 65 40.50 -20.06 51.89
N GLU B 66 41.49 -19.68 52.69
CA GLU B 66 42.05 -20.59 53.69
C GLU B 66 41.03 -21.04 54.71
N ARG B 67 39.92 -20.32 54.86
CA ARG B 67 38.82 -20.82 55.69
C ARG B 67 37.95 -21.79 54.91
N VAL B 68 37.73 -21.51 53.63
CA VAL B 68 37.07 -22.48 52.75
C VAL B 68 37.90 -23.75 52.67
N LYS B 69 39.22 -23.60 52.63
CA LYS B 69 40.11 -24.78 52.65
C LYS B 69 39.95 -25.55 53.95
N GLU B 70 39.93 -24.85 55.09
CA GLU B 70 39.74 -25.50 56.38
C GLU B 70 38.45 -26.30 56.41
N LEU B 71 37.37 -25.74 55.87
CA LEU B 71 36.07 -26.41 55.92
C LEU B 71 36.04 -27.62 54.99
N MET B 72 36.61 -27.49 53.79
CA MET B 72 36.67 -28.64 52.88
C MET B 72 37.58 -29.72 53.43
N GLU B 73 38.71 -29.32 54.02
CA GLU B 73 39.54 -30.29 54.73
C GLU B 73 38.78 -30.89 55.91
N ASP B 74 37.94 -30.09 56.56
CA ASP B 74 37.09 -30.62 57.63
C ASP B 74 36.02 -31.55 57.08
N TYR B 75 35.44 -31.20 55.93
CA TYR B 75 34.41 -32.05 55.34
C TYR B 75 34.99 -33.34 54.79
N SER B 76 36.26 -33.33 54.36
CA SER B 76 36.88 -34.48 53.72
C SER B 76 37.29 -35.57 54.68
N ARG B 77 37.08 -35.40 55.99
CA ARG B 77 37.50 -36.36 56.99
C ARG B 77 36.33 -37.12 57.60
N ALA B 78 35.21 -37.19 56.90
CA ALA B 78 34.10 -37.98 57.43
C ALA B 78 34.14 -39.41 56.86
N PRO B 79 33.94 -40.43 57.70
CA PRO B 79 33.88 -41.81 57.23
C PRO B 79 32.57 -42.13 56.52
N ASP B 90 21.34 -45.93 58.06
CA ASP B 90 20.16 -46.60 57.51
C ASP B 90 19.67 -45.88 56.26
N ALA B 91 19.45 -46.65 55.19
CA ALA B 91 18.94 -46.07 53.94
C ALA B 91 18.10 -47.13 53.25
N LYS B 92 16.78 -47.07 53.45
CA LYS B 92 15.88 -47.92 52.70
C LYS B 92 15.75 -47.46 51.25
N PHE B 93 15.99 -46.17 51.00
CA PHE B 93 15.89 -45.65 49.64
C PHE B 93 16.90 -46.31 48.71
N GLN B 94 18.15 -46.45 49.16
CA GLN B 94 19.17 -47.09 48.34
C GLN B 94 18.73 -48.49 47.93
N GLN B 95 18.18 -49.26 48.87
CA GLN B 95 17.69 -50.60 48.53
C GLN B 95 16.60 -50.54 47.46
N GLN B 96 15.71 -49.55 47.54
CA GLN B 96 14.62 -49.46 46.56
C GLN B 96 15.12 -48.97 45.21
N PHE B 97 16.19 -48.17 45.19
CA PHE B 97 16.74 -47.72 43.91
C PHE B 97 17.38 -48.87 43.15
N ARG B 98 18.18 -49.70 43.84
CA ARG B 98 18.75 -50.86 43.19
C ARG B 98 17.67 -51.84 42.77
N HIS B 99 16.55 -51.88 43.50
CA HIS B 99 15.49 -52.84 43.20
C HIS B 99 14.77 -52.48 41.90
N LEU B 100 14.61 -51.19 41.60
CA LEU B 100 13.96 -50.80 40.36
C LEU B 100 14.78 -51.22 39.15
N LEU B 101 16.10 -51.03 39.20
CA LEU B 101 16.93 -51.31 38.03
C LEU B 101 17.13 -52.81 37.83
N SER B 102 17.04 -53.60 38.90
CA SER B 102 17.33 -55.02 38.80
C SER B 102 16.18 -55.80 38.15
N VAL B 103 14.95 -55.37 38.34
CA VAL B 103 13.79 -56.11 37.84
C VAL B 103 13.58 -55.80 36.37
N ASN B 104 13.22 -56.83 35.59
CA ASN B 104 12.77 -56.60 34.22
C ASN B 104 11.28 -56.30 34.27
N PHE B 105 10.63 -56.17 33.12
CA PHE B 105 9.27 -55.65 33.12
C PHE B 105 8.26 -56.66 33.66
N GLU B 106 8.47 -57.95 33.43
CA GLU B 106 7.43 -58.89 33.86
C GLU B 106 7.49 -59.16 35.36
N GLU B 107 8.69 -59.16 35.98
CA GLU B 107 8.71 -59.21 37.44
C GLU B 107 8.23 -57.88 38.01
N PHE B 108 8.35 -56.80 37.25
CA PHE B 108 7.76 -55.53 37.64
C PHE B 108 6.25 -55.68 37.78
N VAL B 109 5.60 -56.25 36.76
CA VAL B 109 4.15 -56.40 36.84
C VAL B 109 3.76 -57.48 37.83
N ALA B 110 4.63 -58.47 38.05
CA ALA B 110 4.34 -59.47 39.06
C ALA B 110 4.39 -58.86 40.45
N GLU B 111 5.37 -57.99 40.71
CA GLU B 111 5.54 -57.45 42.05
C GLU B 111 4.47 -56.42 42.40
N THR B 112 3.93 -55.71 41.41
CA THR B 112 2.87 -54.75 41.69
C THR B 112 1.50 -55.41 41.80
N LYS B 113 1.30 -56.57 41.17
CA LYS B 113 0.04 -57.28 41.32
C LYS B 113 -0.16 -57.74 42.76
N GLU B 114 0.89 -58.32 43.36
CA GLU B 114 0.79 -58.73 44.75
C GLU B 114 0.85 -57.56 45.72
N ARG B 115 1.41 -56.43 45.30
CA ARG B 115 1.51 -55.27 46.18
C ARG B 115 0.20 -54.50 46.26
N ASN B 116 -0.56 -54.43 45.17
CA ASN B 116 -1.86 -53.77 45.13
C ASN B 116 -2.91 -54.84 44.83
N ALA B 117 -3.47 -55.44 45.87
CA ALA B 117 -4.35 -56.59 45.69
C ALA B 117 -5.56 -56.55 46.61
N ASP B 118 -5.97 -55.36 47.04
CA ASP B 118 -7.05 -55.28 48.01
C ASP B 118 -8.43 -55.31 47.35
N LEU B 119 -8.51 -54.88 46.08
CA LEU B 119 -9.74 -55.10 45.32
C LEU B 119 -10.05 -56.58 45.14
N ASP B 120 -9.11 -57.47 45.46
CA ASP B 120 -9.42 -58.89 45.54
C ASP B 120 -10.44 -59.17 46.64
N TRP B 121 -10.47 -58.33 47.68
CA TRP B 121 -11.35 -58.55 48.81
C TRP B 121 -12.67 -57.82 48.62
N VAL B 122 -13.75 -58.53 48.89
CA VAL B 122 -15.12 -58.08 48.68
C VAL B 122 -15.91 -58.39 49.96
N ASN B 123 -16.90 -57.55 50.28
CA ASN B 123 -17.68 -57.71 51.50
C ASN B 123 -19.11 -58.11 51.16
N PRO B 124 -19.51 -59.36 51.40
CA PRO B 124 -20.89 -59.74 51.07
C PRO B 124 -21.94 -59.06 51.93
N LYS B 125 -21.68 -58.86 53.23
CA LYS B 125 -22.67 -58.22 54.09
C LYS B 125 -22.89 -56.76 53.71
N LEU B 126 -21.85 -56.07 53.25
CA LEU B 126 -22.03 -54.72 52.73
C LEU B 126 -22.62 -54.76 51.33
N ASP B 127 -22.28 -55.80 50.55
CA ASP B 127 -22.79 -55.94 49.19
C ASP B 127 -24.31 -55.88 49.14
N GLU B 128 -24.98 -56.68 49.97
CA GLU B 128 -26.44 -56.76 49.90
C GLU B 128 -27.12 -55.66 50.72
N ARG B 129 -26.45 -55.10 51.72
CA ARG B 129 -27.02 -53.94 52.42
C ARG B 129 -27.21 -52.79 51.45
N LEU B 130 -26.20 -52.50 50.63
CA LEU B 130 -26.35 -51.51 49.58
C LEU B 130 -27.31 -51.97 48.49
N GLN B 131 -27.39 -53.29 48.26
CA GLN B 131 -28.35 -53.82 47.29
C GLN B 131 -29.77 -53.56 47.75
N LEU B 132 -29.99 -53.61 49.07
CA LEU B 132 -31.31 -53.39 49.62
C LEU B 132 -31.65 -51.90 49.65
N GLU B 133 -30.74 -51.09 50.19
CA GLU B 133 -30.99 -49.67 50.37
C GLU B 133 -31.07 -48.90 49.05
N LEU B 134 -30.53 -49.45 47.97
CA LEU B 134 -30.71 -48.81 46.67
C LEU B 134 -32.15 -48.97 46.18
N GLY B 135 -32.60 -50.22 46.08
CA GLY B 135 -33.99 -50.50 45.71
C GLY B 135 -35.00 -49.87 46.64
N GLN B 136 -34.62 -49.64 47.90
CA GLN B 136 -35.51 -48.97 48.85
C GLN B 136 -35.68 -47.50 48.52
N ARG B 137 -34.56 -46.77 48.38
CA ARG B 137 -34.63 -45.34 48.07
C ARG B 137 -35.21 -45.09 46.68
N GLN B 138 -35.18 -46.08 45.78
CA GLN B 138 -35.84 -45.91 44.50
C GLN B 138 -37.36 -45.95 44.62
N LEU B 139 -37.89 -46.29 45.78
CA LEU B 139 -39.30 -46.13 46.09
C LEU B 139 -39.57 -44.85 46.88
N GLU B 140 -38.54 -44.04 47.12
CA GLU B 140 -38.61 -42.79 47.87
C GLU B 140 -38.73 -41.61 46.92
N GLU B 141 -39.64 -40.68 47.29
CA GLU B 141 -40.07 -39.55 46.50
C GLU B 141 -38.95 -38.59 46.07
N ASN B 142 -37.86 -38.42 46.84
CA ASN B 142 -36.85 -37.46 46.37
C ASN B 142 -35.71 -38.11 45.61
N ALA B 143 -35.63 -39.44 45.64
CA ALA B 143 -35.39 -40.16 44.39
C ALA B 143 -36.68 -40.00 43.59
N LYS B 144 -37.15 -40.98 42.82
CA LYS B 144 -38.46 -40.85 42.18
C LYS B 144 -38.67 -39.55 41.37
N LYS B 145 -37.82 -38.54 41.62
CA LYS B 145 -38.06 -37.16 41.25
C LYS B 145 -36.87 -36.52 40.54
N ARG B 146 -35.67 -37.05 40.74
CA ARG B 146 -34.58 -36.76 39.81
C ARG B 146 -34.22 -37.98 38.97
N LEU B 147 -34.78 -39.15 39.26
CA LEU B 147 -34.81 -40.19 38.24
C LEU B 147 -35.65 -39.75 37.05
N GLU B 148 -36.58 -38.81 37.26
CA GLU B 148 -37.25 -38.20 36.11
C GLU B 148 -36.30 -37.32 35.33
N ALA B 149 -35.43 -36.59 36.02
CA ALA B 149 -34.52 -35.67 35.34
C ALA B 149 -33.37 -36.41 34.65
N ARG B 150 -32.91 -37.52 35.23
CA ARG B 150 -31.84 -38.28 34.61
C ARG B 150 -32.31 -38.95 33.33
N LYS B 151 -33.44 -39.66 33.39
CA LYS B 151 -33.99 -40.28 32.19
C LYS B 151 -34.43 -39.25 31.15
N LYS B 152 -34.49 -37.97 31.50
CA LYS B 152 -34.71 -36.93 30.51
C LYS B 152 -33.46 -36.64 29.69
N LEU B 153 -32.30 -37.07 30.17
CA LEU B 153 -31.00 -36.91 29.50
C LEU B 153 -30.80 -38.03 28.48
N PRO B 154 -30.27 -37.70 27.31
CA PRO B 154 -30.15 -38.71 26.24
C PRO B 154 -29.28 -39.90 26.62
N THR B 155 -28.34 -39.74 27.54
CA THR B 155 -27.47 -40.85 27.91
C THR B 155 -28.27 -42.00 28.52
N MET B 156 -29.33 -41.69 29.28
CA MET B 156 -30.07 -42.74 29.98
C MET B 156 -30.91 -43.60 29.03
N LYS B 157 -31.21 -43.11 27.82
CA LYS B 157 -31.85 -43.96 26.83
C LYS B 157 -30.98 -45.13 26.43
N TYR B 158 -29.66 -45.01 26.59
CA TYR B 158 -28.69 -46.02 26.19
C TYR B 158 -28.10 -46.74 27.39
N ALA B 159 -28.73 -46.60 28.56
CA ALA B 159 -28.13 -47.10 29.80
C ALA B 159 -27.88 -48.59 29.74
N ASP B 160 -28.90 -49.38 29.36
CA ASP B 160 -28.75 -50.83 29.36
C ASP B 160 -27.80 -51.30 28.27
N ASP B 161 -27.82 -50.65 27.11
CA ASP B 161 -26.89 -51.02 26.04
C ASP B 161 -25.45 -50.79 26.47
N ILE B 162 -25.19 -49.70 27.19
CA ILE B 162 -23.85 -49.44 27.71
C ILE B 162 -23.44 -50.53 28.69
N ILE B 163 -24.36 -50.93 29.58
CA ILE B 163 -24.04 -51.91 30.61
C ILE B 163 -23.59 -53.23 29.98
N GLN B 164 -24.27 -53.67 28.93
CA GLN B 164 -23.85 -54.91 28.27
C GLN B 164 -22.63 -54.69 27.40
N ALA B 165 -22.43 -53.48 26.89
CA ALA B 165 -21.25 -53.20 26.08
C ALA B 165 -19.98 -53.31 26.90
N VAL B 166 -20.01 -52.83 28.15
CA VAL B 166 -18.86 -53.04 29.02
C VAL B 166 -18.75 -54.52 29.39
N ARG B 167 -19.88 -55.23 29.40
CA ARG B 167 -19.86 -56.65 29.73
C ARG B 167 -19.09 -57.44 28.67
N GLU B 168 -19.18 -57.03 27.41
CA GLU B 168 -18.62 -57.78 26.29
C GLU B 168 -17.25 -57.29 25.84
N ASN B 169 -16.93 -56.04 26.11
CA ASN B 169 -15.68 -55.43 25.65
C ASN B 169 -14.99 -54.73 26.81
N GLN B 170 -13.66 -54.81 26.83
CA GLN B 170 -12.92 -54.22 27.93
C GLN B 170 -12.80 -52.70 27.78
N VAL B 171 -12.73 -52.21 26.53
CA VAL B 171 -12.71 -50.78 26.27
C VAL B 171 -13.76 -50.46 25.22
N ILE B 172 -14.70 -49.59 25.58
CA ILE B 172 -15.68 -49.03 24.66
C ILE B 172 -15.50 -47.52 24.64
N LEU B 173 -16.09 -46.88 23.62
CA LEU B 173 -15.98 -45.44 23.42
C LEU B 173 -17.38 -44.85 23.32
N ILE B 174 -17.65 -43.84 24.15
CA ILE B 174 -18.92 -43.13 24.14
C ILE B 174 -18.65 -41.72 23.62
N VAL B 175 -19.17 -41.44 22.43
CA VAL B 175 -19.05 -40.12 21.81
C VAL B 175 -20.33 -39.36 22.08
N GLY B 176 -20.19 -38.13 22.59
CA GLY B 176 -21.35 -37.32 22.89
C GLY B 176 -21.08 -35.84 22.77
N SER B 177 -22.00 -35.11 22.14
CA SER B 177 -21.90 -33.67 22.01
C SER B 177 -22.38 -33.01 23.30
N THR B 178 -22.25 -31.68 23.36
CA THR B 178 -22.51 -30.94 24.58
C THR B 178 -23.96 -31.12 25.04
N GLY B 179 -24.13 -31.37 26.34
CA GLY B 179 -25.44 -31.60 26.91
C GLY B 179 -25.93 -33.02 26.90
N CYS B 180 -25.11 -33.97 26.42
CA CYS B 180 -25.56 -35.35 26.33
C CYS B 180 -25.64 -36.04 27.70
N GLY B 181 -24.94 -35.51 28.70
CA GLY B 181 -24.97 -36.10 30.03
C GLY B 181 -24.09 -37.31 30.21
N LYS B 182 -23.15 -37.57 29.29
CA LYS B 182 -22.29 -38.74 29.41
C LYS B 182 -21.46 -38.70 30.70
N THR B 183 -21.03 -37.50 31.10
CA THR B 183 -20.17 -37.37 32.27
C THR B 183 -20.94 -37.65 33.56
N THR B 184 -22.14 -37.11 33.68
CA THR B 184 -22.90 -37.22 34.92
C THR B 184 -23.58 -38.57 35.09
N GLN B 185 -23.91 -39.24 33.99
CA GLN B 185 -24.79 -40.41 34.02
C GLN B 185 -24.04 -41.74 33.92
N VAL B 186 -23.16 -41.89 32.94
CA VAL B 186 -22.46 -43.15 32.69
C VAL B 186 -21.80 -43.67 33.97
N PRO B 187 -21.14 -42.83 34.78
CA PRO B 187 -20.67 -43.32 36.09
C PRO B 187 -21.78 -43.88 36.97
N GLN B 188 -22.88 -43.15 37.13
CA GLN B 188 -23.97 -43.64 37.96
C GLN B 188 -24.62 -44.89 37.39
N ILE B 189 -24.63 -45.02 36.06
CA ILE B 189 -25.26 -46.18 35.43
C ILE B 189 -24.55 -47.46 35.85
N LEU B 190 -23.21 -47.47 35.75
CA LEU B 190 -22.46 -48.69 36.02
C LEU B 190 -22.31 -48.96 37.52
N LEU B 191 -22.33 -47.92 38.36
CA LEU B 191 -22.32 -48.15 39.79
C LEU B 191 -23.65 -48.74 40.26
N ASP B 192 -24.76 -48.08 39.90
CA ASP B 192 -26.08 -48.59 40.25
C ASP B 192 -26.28 -50.01 39.73
N ASP B 193 -25.72 -50.32 38.57
CA ASP B 193 -25.78 -51.69 38.06
C ASP B 193 -25.07 -52.65 39.00
N ALA B 194 -23.79 -52.37 39.30
CA ALA B 194 -23.02 -53.26 40.16
C ALA B 194 -23.64 -53.42 41.53
N ILE B 195 -24.26 -52.36 42.06
CA ILE B 195 -24.91 -52.44 43.37
C ILE B 195 -26.09 -53.41 43.32
N SER B 196 -26.95 -53.25 42.31
CA SER B 196 -28.17 -54.06 42.24
C SER B 196 -27.88 -55.53 42.01
N ARG B 197 -26.80 -55.84 41.28
CA ARG B 197 -26.43 -57.23 41.01
C ARG B 197 -25.66 -57.87 42.15
N GLY B 198 -25.67 -57.28 43.34
CA GLY B 198 -24.98 -57.85 44.47
C GLY B 198 -23.46 -57.82 44.36
N CYS B 199 -22.91 -56.76 43.77
CA CYS B 199 -21.47 -56.63 43.59
C CYS B 199 -21.00 -55.21 43.87
N ALA B 200 -21.67 -54.52 44.79
CA ALA B 200 -21.29 -53.15 45.11
C ALA B 200 -19.85 -53.08 45.60
N SER B 201 -19.48 -53.97 46.52
CA SER B 201 -18.14 -53.97 47.08
C SER B 201 -17.03 -54.25 46.05
N SER B 202 -17.37 -54.60 44.81
CA SER B 202 -16.36 -54.82 43.78
C SER B 202 -16.16 -53.62 42.87
N CYS B 203 -17.10 -52.67 42.87
CA CYS B 203 -17.12 -51.58 41.90
C CYS B 203 -16.37 -50.37 42.46
N ARG B 204 -15.39 -49.87 41.71
CA ARG B 204 -14.68 -48.65 42.07
C ARG B 204 -14.42 -47.89 40.78
N ILE B 205 -15.07 -46.73 40.62
CA ILE B 205 -15.04 -45.96 39.39
C ILE B 205 -14.17 -44.74 39.58
N ILE B 206 -13.22 -44.54 38.67
CA ILE B 206 -12.43 -43.32 38.59
C ILE B 206 -12.75 -42.66 37.27
N CYS B 207 -13.33 -41.46 37.32
CA CYS B 207 -13.67 -40.70 36.14
C CYS B 207 -12.68 -39.55 36.00
N THR B 208 -12.01 -39.48 34.86
CA THR B 208 -10.96 -38.51 34.59
C THR B 208 -11.57 -37.22 34.05
N GLN B 209 -11.00 -36.08 34.46
CA GLN B 209 -11.43 -34.77 34.00
C GLN B 209 -10.20 -33.94 33.65
N PRO B 210 -10.32 -33.05 32.65
CA PRO B 210 -9.15 -32.26 32.23
C PRO B 210 -8.82 -31.14 33.20
N ARG B 211 -9.82 -30.39 33.65
CA ARG B 211 -9.60 -29.23 34.51
C ARG B 211 -10.18 -29.47 35.90
N ARG B 212 -9.61 -28.75 36.87
CA ARG B 212 -9.98 -28.92 38.27
C ARG B 212 -11.45 -28.58 38.50
N ILE B 213 -11.89 -27.44 37.96
CA ILE B 213 -13.22 -26.91 38.29
C ILE B 213 -14.29 -27.88 37.79
N SER B 214 -14.06 -28.52 36.65
CA SER B 214 -14.99 -29.53 36.17
C SER B 214 -15.11 -30.68 37.17
N ALA B 215 -13.97 -31.19 37.64
CA ALA B 215 -13.99 -32.33 38.56
C ALA B 215 -14.75 -32.03 39.83
N ILE B 216 -14.71 -30.77 40.31
CA ILE B 216 -15.45 -30.41 41.52
C ILE B 216 -16.92 -30.21 41.20
N ALA B 217 -17.23 -29.43 40.16
CA ALA B 217 -18.62 -29.15 39.83
C ALA B 217 -19.37 -30.42 39.45
N ILE B 218 -18.75 -31.30 38.67
CA ILE B 218 -19.39 -32.55 38.28
C ILE B 218 -19.65 -33.40 39.52
N ALA B 219 -18.66 -33.52 40.41
CA ALA B 219 -18.83 -34.35 41.60
C ALA B 219 -19.92 -33.79 42.50
N GLU B 220 -19.95 -32.47 42.70
CA GLU B 220 -20.97 -31.87 43.55
C GLU B 220 -22.37 -32.05 42.96
N TRP B 221 -22.48 -31.98 41.62
CA TRP B 221 -23.78 -32.15 40.99
C TRP B 221 -24.23 -33.61 41.04
N VAL B 222 -23.32 -34.54 40.77
CA VAL B 222 -23.69 -35.95 40.82
C VAL B 222 -24.14 -36.33 42.23
N SER B 223 -23.51 -35.76 43.26
CA SER B 223 -23.93 -36.04 44.63
C SER B 223 -25.36 -35.58 44.90
N TYR B 224 -25.72 -34.40 44.39
CA TYR B 224 -27.10 -33.93 44.55
C TYR B 224 -28.07 -34.86 43.85
N GLU B 225 -27.69 -35.41 42.70
CA GLU B 225 -28.52 -36.37 41.99
C GLU B 225 -28.62 -37.71 42.70
N ARG B 226 -27.90 -37.92 43.80
CA ARG B 226 -28.00 -39.13 44.59
C ARG B 226 -28.51 -38.87 46.01
N CYS B 227 -28.96 -37.65 46.30
CA CYS B 227 -29.50 -37.28 47.61
C CYS B 227 -28.47 -37.48 48.72
N GLU B 228 -27.20 -37.22 48.40
CA GLU B 228 -26.12 -37.35 49.37
C GLU B 228 -25.24 -36.11 49.34
N SER B 229 -24.67 -35.79 50.49
CA SER B 229 -23.60 -34.81 50.54
C SER B 229 -22.33 -35.40 49.95
N LEU B 230 -21.39 -34.51 49.59
CA LEU B 230 -20.19 -34.94 48.89
C LEU B 230 -19.29 -35.75 49.81
N GLY B 231 -18.96 -36.97 49.40
CA GLY B 231 -18.06 -37.81 50.16
C GLY B 231 -18.59 -39.19 50.46
N ASN B 232 -19.86 -39.45 50.13
CA ASN B 232 -20.51 -40.71 50.46
C ASN B 232 -20.47 -41.70 49.31
N SER B 233 -21.11 -41.39 48.18
CA SER B 233 -21.04 -42.26 47.01
C SER B 233 -20.17 -41.71 45.89
N VAL B 234 -20.14 -40.40 45.71
CA VAL B 234 -19.28 -39.75 44.73
C VAL B 234 -18.40 -38.75 45.47
N GLY B 235 -17.18 -38.58 44.96
CA GLY B 235 -16.27 -37.58 45.50
C GLY B 235 -15.36 -37.07 44.41
N TYR B 236 -14.54 -36.08 44.76
CA TYR B 236 -13.53 -35.57 43.85
C TYR B 236 -12.18 -35.56 44.53
N GLN B 237 -11.13 -35.80 43.73
CA GLN B 237 -9.76 -35.76 44.20
C GLN B 237 -8.94 -35.00 43.18
N ILE B 238 -8.42 -33.83 43.57
CA ILE B 238 -7.51 -33.06 42.75
C ILE B 238 -6.26 -32.77 43.57
N ARG B 239 -5.37 -31.97 43.00
CA ARG B 239 -4.12 -31.63 43.70
C ARG B 239 -4.43 -30.77 44.91
N LEU B 240 -3.95 -31.21 46.08
CA LEU B 240 -4.00 -30.47 47.34
C LEU B 240 -5.41 -30.19 47.82
N GLU B 241 -6.41 -30.87 47.28
CA GLU B 241 -7.78 -30.68 47.71
C GLU B 241 -8.58 -31.91 47.31
N SER B 242 -9.25 -32.52 48.28
CA SER B 242 -9.96 -33.76 48.01
C SER B 242 -11.11 -33.93 48.99
N ARG B 243 -12.30 -34.15 48.46
CA ARG B 243 -13.43 -34.68 49.22
C ARG B 243 -13.58 -36.13 48.80
N LYS B 244 -12.77 -36.99 49.42
CA LYS B 244 -12.71 -38.39 49.03
C LYS B 244 -14.04 -39.08 49.24
N ALA B 245 -14.35 -40.02 48.35
CA ALA B 245 -15.57 -40.80 48.45
C ALA B 245 -15.34 -42.03 49.33
N ARG B 246 -16.39 -42.82 49.47
CA ARG B 246 -16.33 -44.16 50.04
C ARG B 246 -15.28 -44.98 49.30
N GLU B 247 -14.73 -46.02 49.92
CA GLU B 247 -13.67 -46.78 49.25
C GLU B 247 -14.24 -47.68 48.15
N ARG B 248 -15.33 -48.39 48.45
CA ARG B 248 -15.89 -49.39 47.54
C ARG B 248 -17.31 -48.99 47.16
N ALA B 249 -17.70 -49.28 45.92
CA ALA B 249 -18.98 -48.83 45.36
C ALA B 249 -19.08 -47.31 45.39
N SER B 250 -18.16 -46.67 44.67
CA SER B 250 -18.00 -45.23 44.75
C SER B 250 -17.66 -44.65 43.38
N ILE B 251 -17.90 -43.35 43.25
CA ILE B 251 -17.53 -42.58 42.07
C ILE B 251 -16.50 -41.56 42.50
N THR B 252 -15.43 -41.43 41.72
CA THR B 252 -14.38 -40.45 42.03
C THR B 252 -14.04 -39.69 40.76
N TYR B 253 -14.29 -38.38 40.77
CA TYR B 253 -13.93 -37.49 39.67
C TYR B 253 -12.58 -36.85 40.00
N CYS B 254 -11.59 -37.09 39.16
CA CYS B 254 -10.24 -36.60 39.43
C CYS B 254 -9.63 -36.06 38.14
N THR B 255 -8.66 -35.18 38.30
CA THR B 255 -7.92 -34.66 37.16
C THR B 255 -6.96 -35.72 36.62
N THR B 256 -6.61 -35.55 35.34
CA THR B 256 -5.69 -36.48 34.68
C THR B 256 -4.42 -36.67 35.48
N GLY B 257 -3.87 -35.57 36.02
CA GLY B 257 -2.58 -35.64 36.68
C GLY B 257 -2.60 -36.48 37.94
N VAL B 258 -3.70 -36.44 38.69
CA VAL B 258 -3.78 -37.22 39.93
C VAL B 258 -3.62 -38.70 39.63
N LEU B 259 -4.33 -39.20 38.63
CA LEU B 259 -4.20 -40.61 38.25
C LEU B 259 -2.80 -40.92 37.74
N LEU B 260 -2.22 -39.99 36.98
CA LEU B 260 -0.88 -40.21 36.45
C LEU B 260 0.17 -40.28 37.54
N GLN B 261 -0.02 -39.50 38.62
CA GLN B 261 0.88 -39.62 39.77
C GLN B 261 0.58 -40.88 40.56
N GLN B 262 -0.71 -41.26 40.66
CA GLN B 262 -1.07 -42.48 41.36
C GLN B 262 -0.52 -43.72 40.67
N LEU B 263 -0.12 -43.61 39.40
CA LEU B 263 0.47 -44.74 38.69
C LEU B 263 1.82 -45.14 39.27
N GLN B 264 2.46 -44.28 40.06
CA GLN B 264 3.78 -44.62 40.59
C GLN B 264 3.70 -45.77 41.59
N SER B 265 2.61 -45.86 42.36
CA SER B 265 2.40 -47.00 43.24
C SER B 265 1.46 -48.04 42.66
N ASP B 266 0.58 -47.64 41.75
CA ASP B 266 -0.33 -48.55 41.06
C ASP B 266 -0.02 -48.51 39.57
N PRO B 267 1.15 -49.00 39.16
CA PRO B 267 1.55 -48.88 37.75
C PRO B 267 0.64 -49.63 36.80
N LEU B 268 -0.14 -50.58 37.31
CA LEU B 268 -1.15 -51.27 36.54
C LEU B 268 -2.48 -51.24 37.28
N MET B 269 -2.84 -50.06 37.76
CA MET B 269 -4.22 -49.67 38.08
C MET B 269 -5.04 -50.81 38.68
N HIS B 270 -4.52 -51.40 39.76
CA HIS B 270 -5.21 -52.50 40.43
C HIS B 270 -6.28 -52.04 41.40
N ASN B 271 -6.19 -50.80 41.89
CA ASN B 271 -7.07 -50.30 42.94
C ASN B 271 -8.26 -49.53 42.39
N LEU B 272 -8.67 -49.83 41.16
CA LEU B 272 -9.92 -49.33 40.60
C LEU B 272 -10.46 -50.40 39.66
N SER B 273 -11.79 -50.41 39.50
CA SER B 273 -12.43 -51.47 38.74
C SER B 273 -12.76 -51.08 37.31
N VAL B 274 -13.20 -49.85 37.05
CA VAL B 274 -13.34 -49.34 35.70
C VAL B 274 -12.75 -47.94 35.65
N LEU B 275 -12.14 -47.61 34.51
CA LEU B 275 -11.50 -46.32 34.29
C LEU B 275 -12.26 -45.56 33.22
N ILE B 276 -12.63 -44.32 33.52
CA ILE B 276 -13.43 -43.50 32.62
C ILE B 276 -12.59 -42.29 32.24
N LEU B 277 -12.06 -42.29 31.01
CA LEU B 277 -11.35 -41.14 30.46
C LEU B 277 -12.34 -40.23 29.74
N ASP B 278 -12.41 -38.98 30.17
CA ASP B 278 -13.35 -38.03 29.60
C ASP B 278 -12.61 -36.92 28.85
N GLU B 279 -13.31 -36.33 27.88
CA GLU B 279 -12.81 -35.19 27.12
C GLU B 279 -11.45 -35.48 26.48
N ILE B 280 -11.28 -36.73 26.01
CA ILE B 280 -10.06 -37.09 25.31
C ILE B 280 -9.96 -36.42 23.94
N HIS B 281 -11.06 -35.84 23.45
CA HIS B 281 -11.05 -35.16 22.17
C HIS B 281 -10.13 -33.94 22.18
N GLU B 282 -9.94 -33.32 23.35
CA GLU B 282 -9.04 -32.19 23.46
C GLU B 282 -7.58 -32.60 23.37
N ARG B 283 -7.29 -33.90 23.56
CA ARG B 283 -5.96 -34.46 23.34
C ARG B 283 -4.92 -33.74 24.18
N SER B 284 -5.26 -33.41 25.42
CA SER B 284 -4.28 -32.95 26.38
C SER B 284 -3.20 -34.02 26.54
N VAL B 285 -1.98 -33.57 26.84
CA VAL B 285 -0.84 -34.49 26.88
C VAL B 285 -1.08 -35.64 27.85
N GLU B 286 -1.83 -35.39 28.92
CA GLU B 286 -2.02 -36.42 29.95
C GLU B 286 -2.91 -37.56 29.45
N THR B 287 -4.03 -37.23 28.80
CA THR B 287 -4.90 -38.29 28.30
C THR B 287 -4.32 -38.97 27.07
N ASP B 288 -3.61 -38.22 26.22
CA ASP B 288 -2.82 -38.86 25.17
C ASP B 288 -1.80 -39.81 25.77
N LEU B 289 -1.17 -39.39 26.87
CA LEU B 289 -0.21 -40.25 27.57
C LEU B 289 -0.92 -41.44 28.22
N LEU B 290 -2.12 -41.21 28.75
CA LEU B 290 -2.82 -42.27 29.48
C LEU B 290 -3.23 -43.40 28.55
N MET B 291 -3.82 -43.07 27.40
CA MET B 291 -4.22 -44.10 26.46
C MET B 291 -3.02 -44.87 25.93
N GLY B 292 -1.88 -44.20 25.76
CA GLY B 292 -0.66 -44.91 25.41
C GLY B 292 -0.25 -45.89 26.50
N LEU B 293 -0.30 -45.44 27.75
CA LEU B 293 -0.01 -46.33 28.87
C LEU B 293 -1.03 -47.45 28.98
N LEU B 294 -2.28 -47.19 28.56
CA LEU B 294 -3.31 -48.21 28.62
C LEU B 294 -2.97 -49.40 27.73
N LYS B 295 -2.28 -49.17 26.62
CA LYS B 295 -1.87 -50.28 25.76
C LYS B 295 -0.89 -51.20 26.45
N VAL B 296 -0.11 -50.67 27.41
CA VAL B 296 0.83 -51.49 28.15
C VAL B 296 0.15 -52.21 29.31
N ILE B 297 -0.89 -51.61 29.89
CA ILE B 297 -1.46 -52.11 31.14
C ILE B 297 -2.57 -53.13 30.89
N LEU B 298 -3.43 -52.87 29.90
CA LEU B 298 -4.58 -53.74 29.67
C LEU B 298 -4.21 -55.21 29.39
N PRO B 299 -3.14 -55.53 28.65
CA PRO B 299 -2.83 -56.96 28.45
C PRO B 299 -2.62 -57.74 29.73
N HIS B 300 -2.18 -57.10 30.81
CA HIS B 300 -1.94 -57.78 32.08
C HIS B 300 -3.11 -57.68 33.03
N ARG B 301 -4.26 -57.16 32.57
CA ARG B 301 -5.42 -56.96 33.44
C ARG B 301 -6.70 -57.15 32.64
N PRO B 302 -7.12 -58.39 32.44
CA PRO B 302 -8.37 -58.64 31.70
C PRO B 302 -9.62 -58.21 32.46
N ASP B 303 -9.56 -58.14 33.79
CA ASP B 303 -10.72 -57.78 34.59
C ASP B 303 -11.00 -56.28 34.60
N LEU B 304 -10.08 -55.46 34.11
CA LEU B 304 -10.24 -54.02 34.14
C LEU B 304 -11.08 -53.54 32.97
N LYS B 305 -12.04 -52.66 33.23
CA LYS B 305 -12.87 -52.07 32.20
C LYS B 305 -12.44 -50.61 31.98
N VAL B 306 -12.45 -50.18 30.72
CA VAL B 306 -12.09 -48.82 30.35
C VAL B 306 -13.21 -48.23 29.51
N ILE B 307 -13.54 -46.98 29.76
CA ILE B 307 -14.58 -46.26 29.03
C ILE B 307 -14.02 -44.93 28.61
N LEU B 308 -13.73 -44.77 27.32
CA LEU B 308 -13.30 -43.50 26.78
C LEU B 308 -14.51 -42.67 26.40
N MET B 309 -14.47 -41.39 26.74
CA MET B 309 -15.54 -40.45 26.40
C MET B 309 -14.95 -39.26 25.67
N SER B 310 -15.64 -38.83 24.62
CA SER B 310 -15.11 -37.82 23.72
C SER B 310 -16.24 -37.02 23.12
N ALA B 311 -15.95 -35.77 22.76
CA ALA B 311 -16.85 -35.00 21.93
C ALA B 311 -16.77 -35.49 20.49
N THR B 312 -17.57 -34.90 19.61
CA THR B 312 -17.54 -35.27 18.19
C THR B 312 -16.48 -34.46 17.44
N VAL B 313 -15.24 -34.69 17.86
CA VAL B 313 -14.05 -34.01 17.34
C VAL B 313 -13.03 -35.11 17.03
N ARG B 314 -12.91 -35.47 15.74
CA ARG B 314 -12.09 -36.59 15.30
C ARG B 314 -12.38 -37.81 16.15
N GLU B 315 -13.67 -38.17 16.24
CA GLU B 315 -14.10 -39.33 17.02
C GLU B 315 -13.29 -40.57 16.68
N GLN B 316 -12.95 -40.75 15.40
CA GLN B 316 -12.42 -42.01 14.91
C GLN B 316 -10.96 -42.23 15.28
N ASP B 317 -10.22 -41.17 15.61
CA ASP B 317 -8.82 -41.34 16.01
C ASP B 317 -8.71 -42.28 17.22
N PHE B 318 -9.64 -42.18 18.15
CA PHE B 318 -9.60 -43.01 19.34
C PHE B 318 -10.22 -44.39 19.10
N CYS B 319 -11.23 -44.46 18.24
CA CYS B 319 -11.77 -45.76 17.85
C CYS B 319 -10.73 -46.58 17.10
N ASP B 320 -10.05 -45.96 16.13
CA ASP B 320 -8.99 -46.66 15.40
C ASP B 320 -7.84 -47.03 16.33
N TYR B 321 -7.51 -46.14 17.28
CA TYR B 321 -6.35 -46.35 18.14
C TYR B 321 -6.50 -47.56 19.05
N PHE B 322 -7.73 -47.97 19.36
CA PHE B 322 -7.99 -49.14 20.19
C PHE B 322 -8.54 -50.29 19.35
N ASN B 323 -8.07 -50.41 18.11
CA ASN B 323 -8.41 -51.52 17.22
C ASN B 323 -9.90 -51.61 16.95
N ASN B 324 -10.53 -50.45 16.72
CA ASN B 324 -11.93 -50.36 16.29
C ASN B 324 -12.87 -51.02 17.29
N CYS B 325 -12.73 -50.62 18.55
CA CYS B 325 -13.60 -51.06 19.63
C CYS B 325 -15.02 -50.54 19.41
N PRO B 326 -16.03 -51.07 20.09
CA PRO B 326 -17.38 -50.54 19.94
C PRO B 326 -17.45 -49.06 20.30
N MET B 327 -18.31 -48.34 19.57
CA MET B 327 -18.45 -46.89 19.74
C MET B 327 -19.92 -46.53 19.86
N PHE B 328 -20.26 -45.77 20.90
CA PHE B 328 -21.59 -45.22 21.08
C PHE B 328 -21.58 -43.75 20.67
N ARG B 329 -22.59 -43.36 19.91
CA ARG B 329 -22.81 -41.96 19.56
C ARG B 329 -24.11 -41.52 20.23
N ILE B 330 -23.99 -40.71 21.26
CA ILE B 330 -25.12 -40.28 22.08
C ILE B 330 -25.39 -38.82 21.80
N GLU B 331 -26.62 -38.52 21.39
CA GLU B 331 -26.99 -37.16 21.03
C GLU B 331 -27.01 -36.26 22.26
N GLY B 332 -26.89 -34.95 22.03
CA GLY B 332 -26.96 -33.97 23.07
C GLY B 332 -28.29 -33.23 23.11
N VAL B 333 -28.34 -32.20 23.93
CA VAL B 333 -29.51 -31.32 24.01
C VAL B 333 -29.00 -29.89 23.92
N MET B 334 -29.15 -29.27 22.76
CA MET B 334 -28.75 -27.89 22.54
C MET B 334 -29.72 -27.23 21.59
N PHE B 335 -29.95 -25.95 21.79
CA PHE B 335 -30.83 -25.23 20.87
C PHE B 335 -30.05 -24.82 19.63
N PRO B 336 -30.71 -24.79 18.47
CA PRO B 336 -29.98 -24.58 17.21
C PRO B 336 -29.35 -23.19 17.14
N VAL B 337 -28.10 -23.15 16.70
CA VAL B 337 -27.35 -21.91 16.50
C VAL B 337 -27.01 -21.82 15.02
N LYS B 338 -27.51 -20.78 14.36
CA LYS B 338 -27.29 -20.62 12.93
C LYS B 338 -25.91 -20.04 12.66
N MET B 339 -25.21 -20.61 11.67
CA MET B 339 -23.88 -20.16 11.29
C MET B 339 -23.96 -19.10 10.20
N LEU B 340 -23.37 -17.95 10.47
CA LEU B 340 -23.09 -16.96 9.44
C LEU B 340 -21.58 -16.85 9.24
N TYR B 341 -21.20 -16.34 8.08
CA TYR B 341 -19.80 -16.12 7.77
C TYR B 341 -19.64 -14.73 7.17
N LEU B 342 -18.39 -14.33 6.93
CA LEU B 342 -18.07 -12.97 6.49
C LEU B 342 -18.89 -12.55 5.27
N GLU B 343 -19.46 -13.52 4.56
CA GLU B 343 -20.35 -13.23 3.45
C GLU B 343 -21.64 -12.58 3.94
N ASP B 344 -22.34 -13.26 4.85
CA ASP B 344 -23.64 -12.78 5.30
C ASP B 344 -23.53 -11.72 6.39
N VAL B 345 -22.41 -11.69 7.14
CA VAL B 345 -22.23 -10.58 8.08
C VAL B 345 -22.26 -9.26 7.32
N LEU B 346 -21.58 -9.22 6.17
CA LEU B 346 -21.38 -7.96 5.47
C LEU B 346 -22.62 -7.52 4.71
N SER B 347 -23.53 -8.43 4.40
CA SER B 347 -24.80 -8.06 3.80
C SER B 347 -25.75 -7.46 4.84
N LYS B 348 -25.68 -7.96 6.07
CA LYS B 348 -26.49 -7.40 7.15
C LYS B 348 -25.80 -6.23 7.85
N THR B 349 -24.52 -5.97 7.58
CA THR B 349 -23.82 -4.86 8.25
C THR B 349 -23.50 -3.69 7.32
N ASN B 350 -23.03 -3.95 6.09
CA ASN B 350 -22.62 -2.91 5.15
C ASN B 350 -21.75 -1.84 5.81
N TYR B 351 -20.88 -2.26 6.72
CA TYR B 351 -19.88 -1.38 7.29
C TYR B 351 -18.66 -1.35 6.38
N GLU B 352 -18.07 -0.17 6.22
CA GLU B 352 -17.03 0.07 5.21
C GLU B 352 -15.71 0.39 5.87
N PHE B 353 -14.64 -0.26 5.42
CA PHE B 353 -13.32 -0.17 6.05
C PHE B 353 -12.55 0.95 5.39
N GLN B 354 -12.40 2.09 6.08
CA GLN B 354 -11.51 3.15 5.64
C GLN B 354 -11.32 4.14 6.78
N LYS B 355 -10.13 4.74 6.82
CA LYS B 355 -9.76 5.67 7.89
C LYS B 355 -8.86 6.77 7.36
N ARG B 369 1.28 -10.84 3.07
CA ARG B 369 1.50 -11.02 1.64
C ARG B 369 0.20 -11.40 0.93
N MET B 370 0.16 -11.19 -0.39
CA MET B 370 -1.03 -11.44 -1.20
C MET B 370 -0.65 -12.34 -2.38
N LYS B 371 -0.87 -13.67 -2.31
CA LYS B 371 -1.22 -14.54 -1.17
C LYS B 371 -2.58 -14.37 -0.47
N HIS B 372 -3.34 -13.35 -0.82
CA HIS B 372 -4.66 -13.14 -0.24
C HIS B 372 -5.77 -13.45 -1.24
N GLU B 373 -5.77 -12.75 -2.37
CA GLU B 373 -6.75 -13.04 -3.41
C GLU B 373 -6.53 -14.40 -4.06
N ALA B 374 -5.34 -15.00 -3.87
CA ALA B 374 -5.10 -16.32 -4.44
C ALA B 374 -6.07 -17.36 -3.89
N MET B 375 -6.58 -17.15 -2.68
CA MET B 375 -7.52 -18.07 -2.06
C MET B 375 -8.97 -17.62 -2.20
N ILE B 376 -9.24 -16.31 -2.11
CA ILE B 376 -10.63 -15.84 -2.11
C ILE B 376 -11.17 -15.78 -3.53
N GLU B 377 -10.35 -15.34 -4.50
CA GLU B 377 -10.85 -15.13 -5.85
C GLU B 377 -11.52 -16.34 -6.47
N PRO B 378 -11.01 -17.58 -6.32
CA PRO B 378 -11.79 -18.73 -6.79
C PRO B 378 -13.13 -18.86 -6.09
N TYR B 379 -13.24 -18.40 -4.84
CA TYR B 379 -14.49 -18.52 -4.12
C TYR B 379 -15.48 -17.43 -4.46
N LEU B 380 -15.03 -16.27 -4.96
CA LEU B 380 -15.98 -15.18 -5.18
C LEU B 380 -16.92 -15.45 -6.34
N ARG B 381 -16.50 -16.24 -7.33
CA ARG B 381 -17.26 -16.34 -8.57
C ARG B 381 -18.43 -17.32 -8.45
N ARG B 382 -18.23 -18.46 -7.78
CA ARG B 382 -19.38 -19.32 -7.46
C ARG B 382 -20.34 -18.64 -6.51
N ILE B 383 -19.94 -17.51 -5.92
CA ILE B 383 -20.74 -16.73 -4.98
C ILE B 383 -21.18 -15.41 -5.60
N ARG B 384 -21.05 -15.27 -6.91
CA ARG B 384 -21.25 -13.99 -7.59
C ARG B 384 -22.65 -13.42 -7.36
N ASN B 385 -23.68 -14.15 -7.78
CA ASN B 385 -25.05 -13.66 -7.75
C ASN B 385 -25.84 -14.18 -6.55
N SER B 386 -25.16 -14.72 -5.54
CA SER B 386 -25.83 -15.07 -4.29
C SER B 386 -25.77 -13.96 -3.26
N TYR B 387 -24.76 -13.09 -3.34
CA TYR B 387 -24.61 -11.95 -2.45
C TYR B 387 -24.44 -10.69 -3.28
N ASP B 388 -24.46 -9.55 -2.60
CA ASP B 388 -24.33 -8.26 -3.26
C ASP B 388 -22.95 -8.11 -3.89
N SER B 389 -22.84 -7.13 -4.79
CA SER B 389 -21.58 -6.87 -5.49
C SER B 389 -20.64 -5.99 -4.69
N ARG B 390 -21.16 -5.00 -3.97
CA ARG B 390 -20.33 -4.21 -3.06
C ARG B 390 -20.00 -4.97 -1.79
N VAL B 391 -20.82 -5.96 -1.41
CA VAL B 391 -20.52 -6.79 -0.25
C VAL B 391 -19.27 -7.60 -0.50
N LEU B 392 -19.17 -8.23 -1.67
CA LEU B 392 -18.02 -9.04 -2.02
C LEU B 392 -16.76 -8.21 -2.22
N ASP B 393 -16.90 -6.92 -2.54
CA ASP B 393 -15.73 -6.08 -2.76
C ASP B 393 -14.94 -5.85 -1.48
N LYS B 394 -15.63 -5.86 -0.33
CA LYS B 394 -14.94 -5.78 0.95
C LYS B 394 -14.34 -7.12 1.38
N LEU B 395 -14.58 -8.19 0.63
CA LEU B 395 -14.11 -9.51 1.04
C LEU B 395 -12.66 -9.75 0.64
N ARG B 396 -12.27 -9.35 -0.59
CA ARG B 396 -10.88 -9.45 -1.00
C ARG B 396 -10.00 -8.47 -0.24
N LEU B 397 -10.60 -7.60 0.54
CA LEU B 397 -9.86 -6.77 1.46
C LEU B 397 -9.15 -7.64 2.49
N PRO B 398 -7.83 -7.49 2.68
CA PRO B 398 -7.13 -8.32 3.67
C PRO B 398 -7.59 -8.10 5.10
N GLU B 399 -7.94 -6.87 5.46
CA GLU B 399 -8.41 -6.58 6.81
C GLU B 399 -9.87 -6.98 7.05
N SER B 400 -10.50 -7.61 6.07
CA SER B 400 -11.88 -8.08 6.25
C SER B 400 -11.97 -9.15 7.33
N GLU B 401 -11.16 -10.18 7.22
CA GLU B 401 -11.22 -11.33 8.09
C GLU B 401 -10.41 -11.12 9.36
N GLY B 402 -10.67 -11.96 10.35
CA GLY B 402 -9.97 -11.86 11.62
C GLY B 402 -10.49 -10.71 12.45
N CYS B 403 -9.57 -9.92 13.01
CA CYS B 403 -9.96 -8.81 13.87
C CYS B 403 -8.99 -7.65 13.69
N GLU B 404 -8.61 -7.38 12.44
CA GLU B 404 -7.66 -6.30 12.17
C GLU B 404 -8.35 -4.94 12.17
N ASP B 405 -9.60 -4.87 11.75
CA ASP B 405 -10.42 -3.66 11.87
C ASP B 405 -11.29 -3.83 13.10
N ILE B 406 -10.85 -3.24 14.22
CA ILE B 406 -11.57 -3.37 15.47
C ILE B 406 -12.85 -2.55 15.46
N ASP B 407 -12.93 -1.50 14.63
CA ASP B 407 -14.17 -0.76 14.48
C ASP B 407 -15.25 -1.58 13.78
N PHE B 408 -14.86 -2.60 13.01
CA PHE B 408 -15.82 -3.45 12.32
C PHE B 408 -16.65 -4.27 13.30
N ILE B 409 -15.97 -5.03 14.17
CA ILE B 409 -16.66 -5.83 15.17
C ILE B 409 -17.42 -4.93 16.14
N ALA B 410 -16.88 -3.73 16.41
CA ALA B 410 -17.63 -2.75 17.19
C ALA B 410 -18.95 -2.41 16.51
N ASP B 411 -18.92 -2.26 15.18
CA ASP B 411 -20.16 -2.02 14.44
C ASP B 411 -21.07 -3.24 14.50
N LEU B 412 -20.49 -4.44 14.45
CA LEU B 412 -21.30 -5.66 14.54
C LEU B 412 -21.96 -5.78 15.91
N VAL B 413 -21.25 -5.40 16.97
CA VAL B 413 -21.84 -5.39 18.31
C VAL B 413 -22.97 -4.37 18.37
N TYR B 414 -22.72 -3.16 17.85
CA TYR B 414 -23.77 -2.15 17.76
C TYR B 414 -24.92 -2.60 16.86
N TYR B 415 -24.66 -3.50 15.92
CA TYR B 415 -25.72 -3.99 15.04
C TYR B 415 -26.72 -4.84 15.82
N ILE B 416 -26.25 -5.93 16.44
CA ILE B 416 -27.17 -6.87 17.07
C ILE B 416 -27.96 -6.25 18.21
N CYS B 417 -27.53 -5.09 18.69
CA CYS B 417 -28.26 -4.43 19.77
C CYS B 417 -29.62 -3.89 19.29
N GLU B 418 -29.75 -3.56 18.00
CA GLU B 418 -31.02 -3.05 17.49
C GLU B 418 -31.98 -4.19 17.16
N ASN B 419 -31.57 -5.14 16.32
CA ASN B 419 -32.38 -6.27 15.90
C ASN B 419 -32.11 -7.41 16.86
N GLU B 420 -32.49 -8.63 16.48
CA GLU B 420 -32.02 -9.82 17.17
C GLU B 420 -32.25 -9.66 18.66
N PRO B 421 -33.47 -9.91 19.14
CA PRO B 421 -33.85 -9.45 20.48
C PRO B 421 -32.96 -9.94 21.61
N GLU B 422 -33.25 -9.47 22.82
CA GLU B 422 -32.34 -9.46 23.96
C GLU B 422 -31.57 -10.74 24.22
N GLY B 423 -30.43 -10.61 24.89
CA GLY B 423 -29.52 -11.70 25.18
C GLY B 423 -28.08 -11.27 25.05
N ALA B 424 -27.15 -12.07 25.56
CA ALA B 424 -25.76 -11.65 25.68
C ALA B 424 -24.98 -11.86 24.38
N ILE B 425 -23.90 -11.09 24.25
CA ILE B 425 -23.00 -11.14 23.09
C ILE B 425 -21.65 -11.64 23.58
N LEU B 426 -21.25 -12.81 23.11
CA LEU B 426 -19.94 -13.36 23.40
C LEU B 426 -19.01 -13.08 22.23
N VAL B 427 -17.98 -12.28 22.46
CA VAL B 427 -17.06 -11.85 21.41
C VAL B 427 -15.71 -12.52 21.65
N PHE B 428 -15.30 -13.39 20.72
CA PHE B 428 -14.07 -14.14 20.84
C PHE B 428 -12.95 -13.39 20.13
N LEU B 429 -12.02 -12.86 20.90
CA LEU B 429 -10.86 -12.14 20.40
C LEU B 429 -9.58 -12.92 20.70
N PRO B 430 -8.49 -12.65 19.98
CA PRO B 430 -7.30 -13.51 20.13
C PRO B 430 -6.56 -13.32 21.43
N GLY B 431 -6.44 -12.09 21.93
CA GLY B 431 -5.61 -11.88 23.10
C GLY B 431 -5.86 -10.55 23.76
N TYR B 432 -5.18 -10.37 24.90
CA TYR B 432 -5.35 -9.20 25.75
C TYR B 432 -5.21 -7.89 24.98
N ASP B 433 -4.32 -7.85 23.98
CA ASP B 433 -4.06 -6.60 23.28
C ASP B 433 -5.26 -6.14 22.47
N LYS B 434 -5.95 -7.07 21.82
CA LYS B 434 -7.17 -6.71 21.10
C LYS B 434 -8.40 -6.72 22.00
N ILE B 435 -8.35 -7.45 23.13
CA ILE B 435 -9.36 -7.28 24.18
C ILE B 435 -9.41 -5.82 24.61
N SER B 436 -8.25 -5.16 24.64
CA SER B 436 -8.18 -3.80 25.13
C SER B 436 -8.88 -2.83 24.19
N GLN B 437 -8.62 -2.94 22.89
CA GLN B 437 -9.11 -1.93 21.95
C GLN B 437 -10.62 -2.01 21.75
N LEU B 438 -11.20 -3.21 21.85
CA LEU B 438 -12.64 -3.34 21.69
C LEU B 438 -13.37 -2.81 22.92
N TYR B 439 -12.82 -3.08 24.11
CA TYR B 439 -13.42 -2.57 25.34
C TYR B 439 -13.44 -1.04 25.34
N ASN B 440 -12.35 -0.42 24.90
CA ASN B 440 -12.28 1.04 24.89
C ASN B 440 -13.28 1.63 23.91
N ILE B 441 -13.31 1.12 22.68
CA ILE B 441 -14.24 1.63 21.68
C ILE B 441 -15.68 1.52 22.17
N LEU B 442 -16.01 0.43 22.86
CA LEU B 442 -17.34 0.29 23.43
C LEU B 442 -17.54 1.17 24.66
N ASP B 443 -16.45 1.64 25.28
CA ASP B 443 -16.54 2.48 26.47
C ASP B 443 -16.25 3.96 26.19
N LYS B 444 -15.31 4.26 25.30
CA LYS B 444 -15.03 5.63 24.86
C LYS B 444 -15.27 5.73 23.36
N PRO B 445 -16.53 5.66 22.93
CA PRO B 445 -16.81 5.59 21.49
C PRO B 445 -16.58 6.93 20.80
N LYS B 446 -16.06 6.85 19.57
CA LYS B 446 -15.79 8.03 18.76
C LYS B 446 -16.93 8.37 17.81
N THR B 447 -17.79 7.41 17.51
CA THR B 447 -18.87 7.57 16.57
C THR B 447 -20.16 7.90 17.33
N SER B 448 -21.06 8.64 16.66
CA SER B 448 -22.38 8.91 17.25
C SER B 448 -23.14 7.62 17.51
N LYS B 449 -22.97 6.61 16.65
CA LYS B 449 -23.56 5.31 16.85
C LYS B 449 -23.02 4.60 18.10
N GLY B 450 -21.86 5.02 18.59
CA GLY B 450 -21.27 4.40 19.76
C GLY B 450 -21.77 4.99 21.08
N GLN B 451 -21.75 6.32 21.19
CA GLN B 451 -22.34 6.97 22.34
C GLN B 451 -23.83 6.69 22.46
N ARG B 452 -24.43 6.18 21.39
CA ARG B 452 -25.81 5.71 21.45
C ARG B 452 -25.96 4.57 22.46
N TRP B 453 -25.04 3.60 22.43
CA TRP B 453 -25.21 2.33 23.12
C TRP B 453 -24.40 2.20 24.41
N ARG B 454 -23.41 3.08 24.63
CA ARG B 454 -22.45 2.86 25.71
C ARG B 454 -23.15 2.67 27.05
N ASP B 455 -24.05 3.58 27.41
CA ASP B 455 -24.76 3.46 28.67
C ASP B 455 -25.83 2.37 28.64
N HIS B 456 -26.08 1.75 27.49
CA HIS B 456 -27.04 0.66 27.38
C HIS B 456 -26.35 -0.68 27.23
N MET B 457 -25.04 -0.75 27.42
CA MET B 457 -24.29 -1.99 27.43
C MET B 457 -23.54 -2.12 28.76
N ALA B 458 -23.39 -3.37 29.21
CA ALA B 458 -22.52 -3.71 30.32
C ALA B 458 -21.48 -4.67 29.75
N VAL B 459 -20.37 -4.14 29.28
CA VAL B 459 -19.35 -4.93 28.60
C VAL B 459 -18.38 -5.50 29.63
N PHE B 460 -18.09 -6.79 29.50
CA PHE B 460 -17.15 -7.48 30.37
C PHE B 460 -15.98 -7.99 29.54
N PRO B 461 -14.75 -7.66 29.92
CA PRO B 461 -13.59 -8.37 29.38
C PRO B 461 -13.30 -9.61 30.19
N LEU B 462 -12.82 -10.65 29.51
CA LEU B 462 -12.54 -11.92 30.15
C LEU B 462 -11.24 -12.49 29.61
N HIS B 463 -10.27 -12.70 30.50
CA HIS B 463 -8.94 -13.18 30.16
C HIS B 463 -8.32 -13.72 31.44
N SER B 464 -7.51 -14.78 31.31
CA SER B 464 -7.05 -15.52 32.48
C SER B 464 -6.31 -14.64 33.47
N LEU B 465 -5.67 -13.57 32.99
CA LEU B 465 -4.94 -12.65 33.84
C LEU B 465 -5.81 -11.52 34.38
N MET B 466 -7.12 -11.56 34.14
CA MET B 466 -8.03 -10.52 34.59
C MET B 466 -9.00 -11.09 35.61
N GLN B 467 -9.51 -10.20 36.47
CA GLN B 467 -10.27 -10.61 37.65
C GLN B 467 -11.72 -10.97 37.34
N SER B 468 -12.25 -10.53 36.20
CA SER B 468 -13.68 -10.69 35.94
C SER B 468 -14.10 -12.16 35.94
N GLY B 469 -13.22 -13.07 35.56
CA GLY B 469 -13.58 -14.48 35.57
C GLY B 469 -13.90 -15.00 36.96
N GLU B 470 -13.15 -14.54 37.96
CA GLU B 470 -13.34 -14.97 39.34
C GLU B 470 -14.40 -14.13 40.06
N GLN B 471 -15.19 -13.35 39.33
CA GLN B 471 -16.24 -12.52 39.91
C GLN B 471 -17.61 -13.07 39.55
N GLN B 472 -18.59 -12.74 40.38
CA GLN B 472 -19.95 -13.22 40.20
C GLN B 472 -20.76 -12.38 39.23
N ALA B 473 -20.20 -11.28 38.71
CA ALA B 473 -20.97 -10.35 37.90
C ALA B 473 -21.07 -10.77 36.43
N VAL B 474 -20.03 -11.42 35.90
CA VAL B 474 -20.06 -11.80 34.49
C VAL B 474 -21.04 -12.94 34.25
N PHE B 475 -21.15 -13.86 35.21
CA PHE B 475 -22.14 -14.93 35.11
C PHE B 475 -23.53 -14.46 35.48
N ARG B 476 -23.62 -13.37 36.25
CA ARG B 476 -24.86 -12.64 36.45
C ARG B 476 -25.41 -12.14 35.11
N ARG B 477 -26.76 -12.10 34.98
CA ARG B 477 -27.22 -11.53 33.72
C ARG B 477 -27.62 -10.07 33.92
N PRO B 478 -27.49 -9.22 32.90
CA PRO B 478 -27.30 -7.79 33.13
C PRO B 478 -28.52 -7.13 33.76
N PRO B 479 -28.33 -5.96 34.38
CA PRO B 479 -29.49 -5.21 34.90
C PRO B 479 -30.46 -4.85 33.78
N ALA B 480 -31.70 -4.56 34.20
CA ALA B 480 -32.77 -4.32 33.24
C ALA B 480 -32.45 -3.15 32.33
N GLY B 481 -32.75 -3.32 31.04
CA GLY B 481 -32.51 -2.28 30.06
C GLY B 481 -31.09 -2.19 29.54
N GLN B 482 -30.23 -3.14 29.88
CA GLN B 482 -28.83 -3.12 29.46
C GLN B 482 -28.49 -4.44 28.79
N ARG B 483 -27.61 -4.36 27.80
CA ARG B 483 -27.17 -5.51 27.01
C ARG B 483 -25.79 -5.93 27.47
N LYS B 484 -25.69 -7.12 28.06
CA LYS B 484 -24.39 -7.65 28.47
C LYS B 484 -23.67 -8.21 27.26
N VAL B 485 -22.48 -7.67 26.98
CA VAL B 485 -21.66 -8.14 25.88
C VAL B 485 -20.27 -8.43 26.43
N ILE B 486 -19.73 -9.60 26.10
CA ILE B 486 -18.54 -10.12 26.75
C ILE B 486 -17.41 -10.23 25.72
N ILE B 487 -16.30 -9.56 25.99
CA ILE B 487 -15.12 -9.61 25.13
C ILE B 487 -14.13 -10.57 25.78
N SER B 488 -13.96 -11.74 25.18
CA SER B 488 -13.20 -12.81 25.81
C SER B 488 -12.21 -13.41 24.83
N THR B 489 -11.16 -14.01 25.38
CA THR B 489 -10.26 -14.84 24.60
C THR B 489 -10.85 -16.24 24.49
N ILE B 490 -10.02 -17.23 24.17
CA ILE B 490 -10.48 -18.61 23.99
C ILE B 490 -10.89 -19.21 25.32
N ILE B 491 -10.74 -18.44 26.40
CA ILE B 491 -11.09 -18.92 27.74
C ILE B 491 -12.58 -19.23 27.84
N ALA B 492 -13.41 -18.58 27.00
CA ALA B 492 -14.84 -18.81 27.02
C ALA B 492 -15.27 -19.97 26.13
N GLU B 493 -14.32 -20.68 25.52
CA GLU B 493 -14.66 -21.80 24.65
C GLU B 493 -15.09 -23.02 25.46
N THR B 494 -14.23 -23.51 26.34
CA THR B 494 -14.55 -24.61 27.23
C THR B 494 -14.34 -24.29 28.70
N SER B 495 -13.36 -23.45 29.04
CA SER B 495 -13.00 -23.23 30.44
C SER B 495 -14.11 -22.47 31.17
N VAL B 496 -14.39 -21.24 30.74
CA VAL B 496 -15.41 -20.41 31.37
C VAL B 496 -16.69 -20.50 30.55
N THR B 497 -17.81 -20.73 31.24
CA THR B 497 -19.12 -20.85 30.59
C THR B 497 -20.08 -19.81 31.18
N ILE B 498 -20.64 -18.98 30.31
CA ILE B 498 -21.62 -17.97 30.69
C ILE B 498 -22.94 -18.33 30.02
N ASP B 499 -23.99 -18.46 30.81
CA ASP B 499 -25.18 -19.19 30.39
C ASP B 499 -26.05 -18.40 29.41
N ASP B 500 -26.20 -17.09 29.61
CA ASP B 500 -27.18 -16.30 28.88
C ASP B 500 -26.66 -15.78 27.54
N VAL B 501 -25.68 -16.44 26.93
CA VAL B 501 -25.15 -16.02 25.64
C VAL B 501 -26.09 -16.50 24.54
N VAL B 502 -26.38 -15.62 23.58
CA VAL B 502 -27.16 -16.00 22.41
C VAL B 502 -26.53 -15.59 21.10
N TYR B 503 -25.59 -14.64 21.08
CA TYR B 503 -24.91 -14.24 19.85
C TYR B 503 -23.41 -14.34 20.07
N VAL B 504 -22.75 -15.17 19.28
CA VAL B 504 -21.30 -15.34 19.34
C VAL B 504 -20.66 -14.60 18.17
N ILE B 505 -19.69 -13.76 18.47
CA ILE B 505 -18.87 -13.11 17.45
C ILE B 505 -17.52 -13.82 17.47
N ASN B 506 -17.30 -14.69 16.48
CA ASN B 506 -16.09 -15.49 16.38
C ASN B 506 -15.15 -14.81 15.39
N SER B 507 -14.10 -14.18 15.91
CA SER B 507 -13.08 -13.59 15.05
C SER B 507 -12.31 -14.63 14.26
N GLY B 508 -12.27 -15.87 14.73
CA GLY B 508 -11.49 -16.89 14.06
C GLY B 508 -10.00 -16.77 14.28
N ARG B 509 -9.56 -15.94 15.22
CA ARG B 509 -8.14 -15.76 15.49
C ARG B 509 -7.87 -15.96 16.97
N THR B 510 -6.78 -16.67 17.27
CA THR B 510 -6.29 -16.83 18.63
C THR B 510 -4.77 -16.90 18.57
N LYS B 511 -4.14 -16.97 19.74
CA LYS B 511 -2.69 -17.05 19.85
C LYS B 511 -2.28 -18.45 20.29
N ALA B 512 -1.09 -18.87 19.89
CA ALA B 512 -0.59 -20.20 20.20
C ALA B 512 0.92 -20.17 20.32
N THR B 513 1.47 -21.10 21.10
CA THR B 513 2.91 -21.25 21.26
C THR B 513 3.41 -22.39 20.40
N ASN B 514 4.45 -22.14 19.61
CA ASN B 514 5.05 -23.17 18.79
C ASN B 514 6.54 -23.21 19.07
N TYR B 515 7.07 -24.39 19.37
CA TYR B 515 8.48 -24.56 19.69
C TYR B 515 9.21 -25.09 18.46
N ASP B 516 9.98 -24.23 17.82
CA ASP B 516 10.87 -24.65 16.75
C ASP B 516 12.07 -25.35 17.37
N ILE B 517 12.21 -26.66 17.10
CA ILE B 517 13.22 -27.46 17.76
C ILE B 517 14.63 -27.14 17.28
N GLU B 518 14.77 -26.61 16.06
CA GLU B 518 16.09 -26.30 15.52
C GLU B 518 16.61 -24.93 15.96
N THR B 519 15.72 -24.04 16.41
CA THR B 519 16.13 -22.71 16.82
C THR B 519 16.10 -22.51 18.34
N ASN B 520 15.49 -23.40 19.10
CA ASN B 520 15.34 -23.22 20.55
C ASN B 520 14.80 -21.82 20.82
N ILE B 521 13.68 -21.49 20.17
CA ILE B 521 12.97 -20.23 20.43
C ILE B 521 11.47 -20.51 20.43
N GLN B 522 10.85 -20.24 21.58
CA GLN B 522 9.41 -20.33 21.73
C GLN B 522 8.79 -19.02 21.25
N SER B 523 7.74 -19.12 20.45
CA SER B 523 7.07 -17.95 19.89
C SER B 523 5.60 -17.99 20.26
N LEU B 524 5.05 -16.83 20.55
CA LEU B 524 3.62 -16.66 20.80
C LEU B 524 3.07 -15.89 19.60
N ASP B 525 2.50 -16.61 18.64
CA ASP B 525 2.10 -16.05 17.37
C ASP B 525 0.58 -16.06 17.23
N GLU B 526 0.05 -15.03 16.57
CA GLU B 526 -1.36 -15.00 16.21
C GLU B 526 -1.60 -15.98 15.08
N VAL B 527 -2.47 -16.97 15.33
CA VAL B 527 -2.73 -18.03 14.37
C VAL B 527 -4.22 -18.11 14.11
N TRP B 528 -4.58 -18.86 13.08
CA TRP B 528 -5.98 -19.04 12.76
C TRP B 528 -6.61 -20.09 13.66
N VAL B 529 -7.91 -19.99 13.81
CA VAL B 529 -8.66 -20.92 14.65
C VAL B 529 -8.94 -22.19 13.86
N THR B 530 -9.07 -23.30 14.59
CA THR B 530 -9.39 -24.57 14.01
C THR B 530 -10.89 -24.68 13.73
N LYS B 531 -11.25 -25.58 12.81
CA LYS B 531 -12.67 -25.87 12.58
C LYS B 531 -13.30 -26.50 13.81
N ALA B 532 -12.53 -27.27 14.58
CA ALA B 532 -13.04 -27.83 15.83
C ALA B 532 -13.35 -26.73 16.83
N ASN B 533 -12.48 -25.72 16.93
CA ASN B 533 -12.76 -24.60 17.82
C ASN B 533 -13.98 -23.82 17.35
N THR B 534 -14.07 -23.57 16.03
CA THR B 534 -15.19 -22.80 15.49
C THR B 534 -16.52 -23.44 15.85
N GLN B 535 -16.60 -24.77 15.81
CA GLN B 535 -17.84 -25.45 16.16
C GLN B 535 -18.08 -25.47 17.66
N GLN B 536 -17.01 -25.49 18.46
CA GLN B 536 -17.18 -25.44 19.91
C GLN B 536 -17.73 -24.10 20.36
N ARG B 537 -17.25 -23.00 19.75
CA ARG B 537 -17.78 -21.68 20.10
C ARG B 537 -19.20 -21.50 19.61
N ARG B 538 -19.58 -22.18 18.51
CA ARG B 538 -20.96 -22.14 18.05
C ARG B 538 -21.92 -22.64 19.12
N GLY B 539 -21.55 -23.72 19.81
CA GLY B 539 -22.40 -24.28 20.86
C GLY B 539 -22.52 -23.41 22.09
N ARG B 540 -21.70 -22.37 22.22
CA ARG B 540 -21.79 -21.46 23.35
C ARG B 540 -22.93 -20.46 23.23
N ALA B 541 -23.70 -20.52 22.14
CA ALA B 541 -24.85 -19.64 21.95
C ALA B 541 -26.17 -20.38 22.03
N GLY B 542 -26.17 -21.68 22.30
CA GLY B 542 -27.39 -22.45 22.25
C GLY B 542 -27.73 -23.20 23.52
N ARG B 543 -27.41 -22.61 24.68
CA ARG B 543 -27.80 -23.21 25.95
C ARG B 543 -29.12 -22.67 26.47
N VAL B 544 -29.42 -21.40 26.21
CA VAL B 544 -30.65 -20.78 26.68
C VAL B 544 -31.71 -20.72 25.59
N ARG B 545 -31.34 -20.22 24.40
CA ARG B 545 -32.27 -20.02 23.30
C ARG B 545 -31.65 -20.51 21.99
N PRO B 546 -32.42 -20.54 20.90
CA PRO B 546 -31.78 -20.58 19.59
C PRO B 546 -30.94 -19.32 19.38
N GLY B 547 -29.71 -19.52 18.92
CA GLY B 547 -28.78 -18.41 18.80
C GLY B 547 -28.18 -18.25 17.42
N ILE B 548 -27.17 -17.39 17.31
CA ILE B 548 -26.52 -17.07 16.04
C ILE B 548 -25.04 -16.86 16.30
N CYS B 549 -24.19 -17.42 15.43
CA CYS B 549 -22.74 -17.36 15.58
C CYS B 549 -22.15 -16.61 14.40
N TYR B 550 -21.54 -15.45 14.68
CA TYR B 550 -20.93 -14.62 13.66
C TYR B 550 -19.46 -14.99 13.52
N ASN B 551 -19.10 -15.62 12.39
CA ASN B 551 -17.71 -15.86 12.06
C ASN B 551 -17.23 -14.77 11.11
N LEU B 552 -16.11 -14.15 11.43
CA LEU B 552 -15.57 -13.04 10.64
C LEU B 552 -14.47 -13.52 9.71
N PHE B 553 -14.81 -14.54 8.91
CA PHE B 553 -13.93 -15.03 7.88
C PHE B 553 -14.76 -15.76 6.83
N SER B 554 -14.28 -15.71 5.59
CA SER B 554 -15.01 -16.33 4.49
C SER B 554 -15.14 -17.83 4.70
N ARG B 555 -16.14 -18.41 4.04
CA ARG B 555 -16.26 -19.87 4.02
C ARG B 555 -15.07 -20.53 3.34
N ALA B 556 -14.40 -19.80 2.44
CA ALA B 556 -13.21 -20.34 1.80
C ALA B 556 -12.07 -20.53 2.80
N ARG B 557 -12.02 -19.71 3.86
CA ARG B 557 -10.95 -19.85 4.85
C ARG B 557 -11.20 -21.02 5.79
N GLU B 558 -12.45 -21.32 6.11
CA GLU B 558 -12.74 -22.45 6.99
C GLU B 558 -12.15 -23.74 6.41
N ASP B 559 -12.19 -23.89 5.09
CA ASP B 559 -11.70 -25.13 4.48
C ASP B 559 -10.18 -25.23 4.52
N ARG B 560 -9.48 -24.09 4.58
CA ARG B 560 -8.03 -24.13 4.76
C ARG B 560 -7.63 -24.35 6.21
N MET B 561 -8.52 -24.07 7.16
CA MET B 561 -8.22 -24.27 8.56
C MET B 561 -7.95 -25.75 8.84
N ASP B 562 -7.39 -26.03 10.02
CA ASP B 562 -7.08 -27.41 10.35
C ASP B 562 -8.30 -28.09 10.97
N ASP B 563 -8.21 -29.43 11.07
CA ASP B 563 -9.28 -30.19 11.71
C ASP B 563 -9.33 -29.91 13.20
N ILE B 564 -8.19 -30.08 13.87
CA ILE B 564 -8.07 -29.89 15.31
C ILE B 564 -6.75 -29.19 15.61
N PRO B 565 -6.69 -28.44 16.72
CA PRO B 565 -5.42 -27.77 17.06
C PRO B 565 -4.34 -28.80 17.34
N THR B 566 -3.08 -28.41 17.06
CA THR B 566 -1.97 -29.34 17.14
C THR B 566 -1.97 -30.05 18.50
N PRO B 567 -1.92 -31.38 18.52
CA PRO B 567 -1.76 -32.12 19.78
C PRO B 567 -0.67 -31.52 20.67
N GLU B 568 -0.93 -31.52 21.98
CA GLU B 568 0.01 -30.87 22.87
C GLU B 568 1.26 -31.71 23.13
N ILE B 569 1.14 -33.04 23.06
CA ILE B 569 2.32 -33.89 23.22
C ILE B 569 3.39 -33.56 22.19
N LEU B 570 3.01 -32.92 21.09
CA LEU B 570 3.95 -32.50 20.05
C LEU B 570 4.59 -31.15 20.33
N ARG B 571 3.97 -30.31 21.15
CA ARG B 571 4.43 -28.93 21.34
C ARG B 571 5.04 -28.69 22.72
N SER B 572 5.10 -29.71 23.58
CA SER B 572 5.61 -29.54 24.93
C SER B 572 7.02 -30.13 25.05
N LYS B 573 7.78 -29.60 26.00
CA LYS B 573 9.08 -30.18 26.32
C LYS B 573 8.90 -31.49 27.07
N LEU B 574 9.79 -32.45 26.81
CA LEU B 574 9.54 -33.84 27.15
C LEU B 574 10.35 -34.34 28.34
N GLU B 575 11.10 -33.48 29.03
CA GLU B 575 11.98 -33.96 30.09
C GLU B 575 11.18 -34.57 31.25
N SER B 576 10.03 -33.98 31.58
CA SER B 576 9.28 -34.43 32.74
C SER B 576 8.68 -35.82 32.51
N ILE B 577 8.20 -36.08 31.30
CA ILE B 577 7.51 -37.34 31.03
C ILE B 577 8.50 -38.48 30.87
N ILE B 578 9.62 -38.25 30.17
CA ILE B 578 10.65 -39.27 30.03
C ILE B 578 11.11 -39.74 31.41
N LEU B 579 11.21 -38.81 32.36
CA LEU B 579 11.60 -39.16 33.72
C LEU B 579 10.51 -39.98 34.40
N SER B 580 9.26 -39.52 34.33
CA SER B 580 8.17 -40.21 35.01
C SER B 580 7.98 -41.62 34.48
N LEU B 581 8.23 -41.85 33.19
CA LEU B 581 8.04 -43.17 32.61
C LEU B 581 8.96 -44.20 33.26
N LYS B 582 10.13 -43.79 33.71
CA LYS B 582 11.07 -44.73 34.31
C LYS B 582 10.61 -45.21 35.69
N LEU B 583 9.75 -44.45 36.35
CA LEU B 583 9.13 -44.94 37.58
C LEU B 583 8.06 -45.99 37.30
N LEU B 584 7.49 -45.99 36.10
CA LEU B 584 6.59 -47.03 35.65
C LEU B 584 7.32 -48.15 34.92
N HIS B 585 8.65 -48.21 35.04
CA HIS B 585 9.50 -49.19 34.37
C HIS B 585 9.29 -49.17 32.86
N ILE B 586 9.28 -47.96 32.30
CA ILE B 586 9.30 -47.76 30.86
C ILE B 586 10.60 -47.02 30.56
N ASP B 587 11.64 -47.78 30.22
CA ASP B 587 12.99 -47.24 30.14
C ASP B 587 13.38 -46.79 28.74
N ASP B 588 12.64 -47.19 27.71
CA ASP B 588 12.92 -46.73 26.36
C ASP B 588 11.89 -45.68 25.98
N PRO B 589 12.19 -44.39 26.12
CA PRO B 589 11.19 -43.37 25.76
C PRO B 589 10.93 -43.29 24.27
N TYR B 590 11.90 -43.64 23.43
CA TYR B 590 11.66 -43.63 21.99
C TYR B 590 10.64 -44.67 21.59
N ARG B 591 10.77 -45.88 22.14
CA ARG B 591 9.87 -46.97 21.76
C ARG B 591 8.45 -46.72 22.24
N PHE B 592 8.29 -46.24 23.48
CA PHE B 592 6.95 -46.04 24.02
C PHE B 592 6.30 -44.78 23.46
N LEU B 593 7.01 -43.65 23.46
CA LEU B 593 6.42 -42.44 22.90
C LEU B 593 6.15 -42.57 21.40
N GLN B 594 6.73 -43.59 20.76
CA GLN B 594 6.42 -43.87 19.37
C GLN B 594 4.94 -44.24 19.18
N THR B 595 4.36 -44.96 20.15
CA THR B 595 3.03 -45.52 19.99
C THR B 595 1.94 -44.68 20.64
N LEU B 596 2.16 -43.38 20.83
CA LEU B 596 1.03 -42.52 21.13
C LEU B 596 0.24 -42.27 19.84
N ILE B 597 -0.96 -41.69 19.99
CA ILE B 597 -1.78 -41.39 18.82
C ILE B 597 -1.00 -40.52 17.84
N ASN B 598 -0.29 -39.53 18.36
CA ASN B 598 0.60 -38.68 17.57
C ASN B 598 1.97 -38.73 18.22
N ALA B 599 2.88 -39.51 17.64
CA ALA B 599 4.21 -39.66 18.21
C ALA B 599 4.96 -38.34 18.14
N PRO B 600 5.52 -37.86 19.24
CA PRO B 600 6.33 -36.63 19.18
C PRO B 600 7.58 -36.86 18.36
N ASN B 601 8.17 -35.76 17.90
CA ASN B 601 9.42 -35.81 17.16
C ASN B 601 10.47 -36.51 18.02
N PRO B 602 11.11 -37.58 17.53
CA PRO B 602 12.20 -38.19 18.29
C PRO B 602 13.32 -37.22 18.63
N GLU B 603 13.49 -36.14 17.87
CA GLU B 603 14.48 -35.13 18.22
C GLU B 603 14.08 -34.37 19.47
N ALA B 604 12.77 -34.20 19.70
CA ALA B 604 12.30 -33.62 20.95
C ALA B 604 12.43 -34.60 22.11
N ILE B 605 12.54 -35.90 21.81
CA ILE B 605 12.73 -36.89 22.87
C ILE B 605 14.17 -36.84 23.38
N LYS B 606 15.15 -36.85 22.46
CA LYS B 606 16.55 -36.79 22.88
C LYS B 606 16.86 -35.47 23.56
N MET B 607 16.32 -34.36 23.03
CA MET B 607 16.53 -33.06 23.66
C MET B 607 16.04 -33.04 25.10
N GLY B 608 15.00 -33.81 25.41
CA GLY B 608 14.58 -33.94 26.78
C GLY B 608 15.50 -34.82 27.60
N VAL B 609 15.96 -35.92 27.00
CA VAL B 609 16.89 -36.81 27.70
C VAL B 609 18.23 -36.15 27.91
N GLU B 610 18.66 -35.30 26.98
CA GLU B 610 19.94 -34.63 27.13
C GLU B 610 19.90 -33.59 28.23
N LEU B 611 18.81 -32.86 28.33
CA LEU B 611 18.58 -32.06 29.53
C LEU B 611 18.74 -32.93 30.76
N LEU B 612 17.89 -33.96 30.89
CA LEU B 612 17.93 -34.85 32.04
C LEU B 612 19.34 -35.37 32.34
N LYS B 613 20.17 -35.57 31.32
CA LYS B 613 21.55 -35.96 31.56
C LYS B 613 22.39 -34.83 32.11
N ARG B 614 22.12 -33.59 31.68
CA ARG B 614 22.87 -32.44 32.19
C ARG B 614 22.62 -32.23 33.68
N ILE B 615 21.36 -32.33 34.11
CA ILE B 615 20.98 -32.28 35.52
C ILE B 615 21.40 -33.54 36.25
N GLU B 616 21.86 -34.55 35.51
CA GLU B 616 22.26 -35.84 36.06
C GLU B 616 21.10 -36.54 36.76
N ALA B 617 19.89 -36.32 36.25
CA ALA B 617 18.77 -37.20 36.56
C ALA B 617 18.96 -38.57 35.92
N LEU B 618 19.72 -38.63 34.84
CA LEU B 618 20.15 -39.87 34.22
C LEU B 618 21.67 -39.84 34.05
N ASP B 619 22.28 -41.01 34.20
CA ASP B 619 23.67 -41.14 33.79
C ASP B 619 23.75 -41.07 32.27
N GLN B 620 24.97 -41.01 31.74
CA GLN B 620 25.09 -40.84 30.30
C GLN B 620 24.83 -42.13 29.53
N THR B 621 24.74 -43.27 30.19
CA THR B 621 24.18 -44.45 29.54
C THR B 621 22.65 -44.41 29.49
N GLY B 622 22.03 -43.43 30.16
CA GLY B 622 20.61 -43.20 30.06
C GLY B 622 19.78 -43.76 31.19
N THR B 623 20.37 -44.52 32.11
CA THR B 623 19.63 -45.14 33.19
C THR B 623 19.41 -44.15 34.33
N LEU B 624 18.28 -44.32 35.02
CA LEU B 624 17.92 -43.44 36.12
C LEU B 624 19.01 -43.41 37.19
N THR B 625 19.31 -42.21 37.68
CA THR B 625 20.20 -41.99 38.81
C THR B 625 19.40 -41.82 40.08
N PRO B 626 20.02 -42.02 41.26
CA PRO B 626 19.28 -41.81 42.51
C PRO B 626 18.67 -40.43 42.64
N LEU B 627 19.36 -39.39 42.16
CA LEU B 627 18.77 -38.05 42.15
C LEU B 627 17.55 -38.01 41.23
N GLY B 628 17.65 -38.62 40.05
CA GLY B 628 16.56 -38.60 39.11
C GLY B 628 15.29 -39.23 39.63
N MET B 629 15.42 -40.26 40.47
CA MET B 629 14.24 -40.89 41.06
C MET B 629 13.55 -39.94 42.03
N HIS B 630 14.32 -39.15 42.78
CA HIS B 630 13.73 -38.14 43.64
C HIS B 630 12.99 -37.09 42.82
N LEU B 631 13.58 -36.67 41.71
CA LEU B 631 12.93 -35.67 40.87
C LEU B 631 11.67 -36.24 40.22
N ALA B 632 11.67 -37.53 39.90
CA ALA B 632 10.48 -38.15 39.32
C ALA B 632 9.35 -38.26 40.33
N LYS B 633 9.68 -38.39 41.61
CA LYS B 633 8.67 -38.45 42.67
C LYS B 633 8.23 -37.08 43.15
N LEU B 634 8.65 -36.01 42.49
CA LEU B 634 8.26 -34.66 42.85
C LEU B 634 7.29 -34.11 41.82
N PRO B 635 6.18 -33.48 42.24
CA PRO B 635 5.15 -32.98 41.32
C PRO B 635 5.53 -31.66 40.64
N ILE B 636 6.73 -31.61 40.07
CA ILE B 636 7.21 -30.42 39.39
C ILE B 636 8.43 -30.82 38.57
N ASP B 637 8.64 -30.11 37.45
CA ASP B 637 9.68 -30.35 36.46
C ASP B 637 11.04 -30.58 37.12
N PRO B 638 11.93 -31.37 36.49
CA PRO B 638 13.15 -31.80 37.19
C PRO B 638 14.09 -30.67 37.55
N GLN B 639 14.23 -29.66 36.68
CA GLN B 639 15.11 -28.54 36.98
C GLN B 639 14.68 -27.80 38.24
N MET B 640 13.37 -27.57 38.38
CA MET B 640 12.87 -26.87 39.56
C MET B 640 12.71 -27.80 40.75
N GLY B 641 12.42 -29.08 40.50
CA GLY B 641 12.49 -30.05 41.60
C GLY B 641 13.90 -30.17 42.15
N LYS B 642 14.90 -30.14 41.25
CA LYS B 642 16.29 -30.08 41.69
C LYS B 642 16.54 -28.82 42.51
N MET B 643 15.93 -27.70 42.11
CA MET B 643 16.16 -26.43 42.80
C MET B 643 15.54 -26.45 44.19
N ILE B 644 14.32 -26.97 44.31
CA ILE B 644 13.69 -27.14 45.61
C ILE B 644 14.54 -28.06 46.48
N LEU B 645 15.06 -29.13 45.90
CA LEU B 645 15.91 -30.06 46.64
C LEU B 645 17.15 -29.37 47.17
N MET B 646 17.72 -28.44 46.41
CA MET B 646 18.88 -27.69 46.88
C MET B 646 18.51 -26.79 48.06
N SER B 647 17.28 -26.27 48.08
CA SER B 647 16.85 -25.41 49.18
C SER B 647 16.77 -26.17 50.50
N ALA B 648 16.59 -27.49 50.46
CA ALA B 648 16.64 -28.29 51.67
C ALA B 648 18.06 -28.39 52.21
N LEU B 649 19.02 -28.69 51.33
CA LEU B 649 20.40 -28.83 51.75
C LEU B 649 21.03 -27.49 52.13
N PHE B 650 20.59 -26.41 51.51
CA PHE B 650 21.18 -25.09 51.72
C PHE B 650 20.31 -24.20 52.62
N CYS B 651 19.26 -24.75 53.23
CA CYS B 651 18.53 -24.09 54.30
C CYS B 651 17.89 -22.77 53.84
N CYS B 652 17.18 -22.83 52.72
CA CYS B 652 16.46 -21.67 52.19
C CYS B 652 15.14 -22.13 51.57
N LEU B 653 14.37 -22.90 52.35
CA LEU B 653 13.25 -23.64 51.78
C LEU B 653 12.08 -22.74 51.39
N ASP B 654 11.77 -21.75 52.22
CA ASP B 654 10.56 -20.95 52.00
C ASP B 654 10.65 -20.09 50.75
N PRO B 655 11.67 -19.26 50.54
CA PRO B 655 11.69 -18.44 49.32
C PRO B 655 11.86 -19.26 48.05
N ILE B 656 12.59 -20.38 48.11
CA ILE B 656 12.83 -21.16 46.90
C ILE B 656 11.56 -21.89 46.48
N THR B 657 10.85 -22.50 47.43
CA THR B 657 9.60 -23.18 47.09
C THR B 657 8.56 -22.20 46.56
N SER B 658 8.58 -20.95 47.04
CA SER B 658 7.67 -19.95 46.50
C SER B 658 8.01 -19.64 45.04
N ALA B 659 9.29 -19.47 44.73
CA ALA B 659 9.69 -19.23 43.35
C ALA B 659 9.33 -20.41 42.46
N ALA B 660 9.56 -21.63 42.95
CA ALA B 660 9.25 -22.80 42.15
C ALA B 660 7.75 -22.98 41.98
N ALA B 661 6.98 -22.70 43.04
CA ALA B 661 5.53 -22.77 42.92
C ALA B 661 5.00 -21.73 41.93
N ALA B 662 5.63 -20.55 41.90
CA ALA B 662 5.17 -19.48 41.02
C ALA B 662 5.50 -19.77 39.56
N LEU B 663 6.62 -20.45 39.30
CA LEU B 663 6.98 -20.79 37.93
C LEU B 663 6.27 -22.04 37.44
N SER B 664 5.84 -22.92 38.36
CA SER B 664 5.05 -24.08 37.96
C SER B 664 3.58 -23.69 37.76
N PHE B 665 3.05 -22.86 38.64
CA PHE B 665 1.68 -22.38 38.55
C PHE B 665 1.68 -20.98 37.91
N LYS B 666 0.59 -20.24 38.11
CA LYS B 666 0.38 -18.90 37.57
C LYS B 666 0.96 -17.86 38.53
N SER B 667 1.18 -16.65 38.00
CA SER B 667 1.57 -15.52 38.83
C SER B 667 0.35 -14.94 39.54
N PRO B 668 0.50 -14.49 40.79
CA PRO B 668 -0.69 -14.12 41.59
C PRO B 668 -1.29 -12.76 41.23
N PHE B 669 -0.67 -11.96 40.37
CA PHE B 669 -1.18 -10.64 40.05
C PHE B 669 -2.13 -10.69 38.86
N TYR B 670 -3.24 -9.96 38.97
CA TYR B 670 -4.01 -9.66 37.77
C TYR B 670 -3.33 -8.54 36.98
N SER B 671 -3.79 -8.37 35.74
CA SER B 671 -3.40 -7.23 34.91
C SER B 671 -4.68 -6.59 34.40
N PRO B 672 -5.36 -5.81 35.23
CA PRO B 672 -6.63 -5.21 34.80
C PRO B 672 -6.42 -4.15 33.74
N LEU B 673 -7.50 -3.82 33.05
CA LEU B 673 -7.41 -2.88 31.93
C LEU B 673 -7.01 -1.49 32.43
N GLY B 674 -6.20 -0.81 31.63
CA GLY B 674 -5.82 0.55 31.90
C GLY B 674 -4.93 0.77 33.10
N LYS B 675 -4.58 -0.30 33.84
CA LYS B 675 -3.76 -0.18 35.03
C LYS B 675 -2.43 -0.93 34.87
N GLU B 676 -1.97 -1.08 33.62
CA GLU B 676 -0.64 -1.63 33.39
C GLU B 676 0.42 -0.77 34.05
N SER B 677 0.19 0.55 34.11
CA SER B 677 1.16 1.44 34.73
C SER B 677 1.31 1.17 36.22
N ARG B 678 0.19 0.97 36.92
CA ARG B 678 0.24 0.81 38.37
C ARG B 678 0.75 -0.57 38.77
N VAL B 679 0.33 -1.62 38.06
CA VAL B 679 0.78 -2.96 38.41
C VAL B 679 2.29 -3.10 38.24
N ASP B 680 2.88 -2.27 37.37
CA ASP B 680 4.33 -2.27 37.22
C ASP B 680 5.00 -1.88 38.53
N GLU B 681 4.72 -0.66 39.01
CA GLU B 681 5.34 -0.18 40.24
C GLU B 681 4.94 -0.99 41.46
N ILE B 682 3.77 -1.65 41.42
CA ILE B 682 3.42 -2.56 42.51
C ILE B 682 4.40 -3.74 42.54
N LYS B 683 4.80 -4.23 41.37
CA LYS B 683 5.78 -5.31 41.33
C LYS B 683 7.17 -4.82 41.71
N ARG B 684 7.56 -3.62 41.23
CA ARG B 684 8.85 -3.07 41.63
C ARG B 684 8.91 -2.85 43.13
N ARG B 685 7.78 -2.49 43.76
CA ARG B 685 7.76 -2.27 45.19
C ARG B 685 7.91 -3.57 45.96
N MET B 686 7.23 -4.63 45.52
CA MET B 686 7.37 -5.93 46.16
C MET B 686 8.63 -6.65 45.73
N ALA B 687 9.19 -6.32 44.56
CA ALA B 687 10.52 -6.81 44.23
C ALA B 687 11.56 -6.31 45.22
N ARG B 688 11.28 -5.18 45.88
CA ARG B 688 12.11 -4.65 46.95
C ARG B 688 13.55 -4.44 46.49
N ASN B 689 13.71 -4.04 45.23
CA ASN B 689 15.01 -3.79 44.62
C ASN B 689 15.91 -5.02 44.63
N MET B 690 15.35 -6.20 44.88
CA MET B 690 16.12 -7.44 44.79
C MET B 690 16.34 -7.86 43.35
N ARG B 691 15.67 -7.21 42.38
CA ARG B 691 15.92 -7.40 40.96
C ARG B 691 15.77 -8.86 40.55
N SER B 692 14.78 -9.52 41.12
CA SER B 692 14.40 -10.88 40.74
C SER B 692 12.89 -11.00 40.78
N ASP B 693 12.30 -11.42 39.66
CA ASP B 693 10.86 -11.66 39.63
C ASP B 693 10.49 -12.84 40.51
N HIS B 694 11.37 -13.84 40.61
CA HIS B 694 11.08 -15.00 41.44
C HIS B 694 11.13 -14.64 42.92
N LEU B 695 12.16 -13.89 43.33
CA LEU B 695 12.19 -13.38 44.69
C LEU B 695 11.07 -12.39 44.95
N MET B 696 10.59 -11.72 43.90
CA MET B 696 9.48 -10.78 44.04
C MET B 696 8.22 -11.51 44.49
N VAL B 697 7.97 -12.70 43.95
CA VAL B 697 6.76 -13.44 44.29
C VAL B 697 6.79 -13.84 45.77
N HIS B 698 7.94 -14.31 46.26
CA HIS B 698 8.03 -14.72 47.66
C HIS B 698 7.78 -13.54 48.59
N ASN B 699 8.35 -12.38 48.27
CA ASN B 699 8.07 -11.17 49.04
C ASN B 699 6.57 -10.90 49.09
N THR B 700 5.89 -11.05 47.95
CA THR B 700 4.45 -10.88 47.91
C THR B 700 3.76 -11.89 48.83
N ILE B 701 4.19 -13.16 48.76
CA ILE B 701 3.63 -14.19 49.63
C ILE B 701 3.88 -13.84 51.09
N ILE B 702 5.08 -13.33 51.40
CA ILE B 702 5.38 -12.90 52.76
C ILE B 702 4.44 -11.78 53.18
N ALA B 703 4.16 -10.85 52.27
CA ALA B 703 3.23 -9.77 52.58
C ALA B 703 1.79 -10.27 52.68
N TYR B 704 1.45 -11.33 51.95
CA TYR B 704 0.09 -11.86 52.01
C TYR B 704 -0.18 -12.54 53.34
N ARG B 705 0.77 -13.34 53.83
CA ARG B 705 0.61 -13.94 55.16
C ARG B 705 0.50 -12.87 56.23
N ASP B 706 1.25 -11.78 56.08
CA ASP B 706 1.15 -10.68 57.03
C ASP B 706 -0.24 -10.06 57.03
N SER B 707 -0.83 -9.89 55.84
CA SER B 707 -2.18 -9.34 55.76
C SER B 707 -3.20 -10.26 56.40
N ARG B 708 -2.94 -11.56 56.41
CA ARG B 708 -3.83 -12.48 57.13
C ARG B 708 -3.60 -12.40 58.64
N TYR B 709 -2.34 -12.25 59.06
CA TYR B 709 -2.04 -12.07 60.48
C TYR B 709 -2.69 -10.80 61.03
N SER B 710 -2.79 -9.76 60.20
CA SER B 710 -3.35 -8.48 60.60
C SER B 710 -4.79 -8.30 60.14
N HIS B 711 -5.43 -9.37 59.66
CA HIS B 711 -6.85 -9.34 59.26
C HIS B 711 -7.12 -8.26 58.21
N ALA B 712 -6.14 -8.00 57.35
CA ALA B 712 -6.28 -6.99 56.29
C ALA B 712 -6.15 -7.64 54.91
N GLU B 713 -6.54 -8.90 54.80
CA GLU B 713 -6.27 -9.67 53.59
C GLU B 713 -7.03 -9.11 52.39
N ARG B 714 -8.31 -8.79 52.57
CA ARG B 714 -9.15 -8.40 51.44
C ARG B 714 -8.63 -7.13 50.78
N ASP B 715 -8.36 -6.10 51.59
CA ASP B 715 -7.90 -4.83 51.02
C ASP B 715 -6.43 -4.85 50.65
N PHE B 716 -5.64 -5.74 51.25
CA PHE B 716 -4.27 -5.93 50.76
C PHE B 716 -4.28 -6.51 49.36
N CYS B 717 -5.15 -7.49 49.11
CA CYS B 717 -5.29 -8.03 47.76
C CYS B 717 -5.92 -7.01 46.82
N TYR B 718 -6.73 -6.10 47.34
CA TYR B 718 -7.29 -5.04 46.52
C TYR B 718 -6.21 -4.00 46.21
N LYS B 719 -5.45 -3.59 47.22
CA LYS B 719 -4.43 -2.56 47.02
C LYS B 719 -3.36 -3.00 46.02
N ASN B 720 -3.13 -4.31 45.88
CA ASN B 720 -2.00 -4.81 45.12
C ASN B 720 -2.43 -5.68 43.93
N PHE B 721 -3.70 -5.64 43.55
CA PHE B 721 -4.21 -6.36 42.37
C PHE B 721 -3.83 -7.84 42.40
N LEU B 722 -3.95 -8.45 43.58
CA LEU B 722 -3.52 -9.82 43.79
C LEU B 722 -4.73 -10.76 43.84
N SER B 723 -4.55 -11.95 43.26
CA SER B 723 -5.56 -13.00 43.33
C SER B 723 -5.35 -13.79 44.61
N SER B 724 -6.23 -13.57 45.59
CA SER B 724 -6.07 -14.23 46.88
C SER B 724 -6.21 -15.74 46.76
N MET B 725 -7.02 -16.21 45.81
CA MET B 725 -7.24 -17.65 45.70
C MET B 725 -6.04 -18.35 45.07
N THR B 726 -5.38 -17.71 44.09
CA THR B 726 -4.16 -18.28 43.53
C THR B 726 -2.99 -18.13 44.49
N LEU B 727 -3.06 -17.17 45.42
CA LEU B 727 -2.06 -17.07 46.47
C LEU B 727 -2.22 -18.21 47.47
N GLN B 728 -3.46 -18.53 47.84
CA GLN B 728 -3.69 -19.68 48.72
C GLN B 728 -3.25 -20.98 48.06
N GLN B 729 -3.40 -21.07 46.73
CA GLN B 729 -2.94 -22.26 46.01
C GLN B 729 -1.42 -22.34 45.98
N LEU B 730 -0.75 -21.20 45.85
CA LEU B 730 0.71 -21.19 45.82
C LEU B 730 1.29 -21.76 47.11
N GLU B 731 0.73 -21.38 48.26
CA GLU B 731 1.24 -21.87 49.53
C GLU B 731 0.83 -23.31 49.79
N ARG B 732 -0.35 -23.72 49.31
CA ARG B 732 -0.68 -25.14 49.33
C ARG B 732 0.37 -25.95 48.59
N MET B 733 0.76 -25.48 47.39
CA MET B 733 1.84 -26.11 46.65
C MET B 733 3.13 -26.12 47.46
N LYS B 734 3.45 -25.00 48.12
CA LYS B 734 4.68 -24.93 48.91
C LYS B 734 4.66 -25.94 50.06
N ASN B 735 3.55 -26.02 50.78
CA ASN B 735 3.44 -26.97 51.87
C ASN B 735 3.40 -28.41 51.38
N GLN B 736 3.07 -28.64 50.11
CA GLN B 736 3.20 -29.97 49.55
C GLN B 736 4.67 -30.33 49.34
N PHE B 737 5.45 -29.40 48.80
CA PHE B 737 6.89 -29.62 48.65
C PHE B 737 7.53 -29.97 49.98
N SER B 738 7.21 -29.20 51.02
CA SER B 738 7.80 -29.45 52.34
C SER B 738 7.44 -30.83 52.86
N GLU B 739 6.17 -31.23 52.71
CA GLU B 739 5.74 -32.53 53.20
C GLU B 739 6.49 -33.66 52.49
N LEU B 740 6.58 -33.58 51.17
CA LEU B 740 7.23 -34.64 50.40
C LEU B 740 8.71 -34.74 50.74
N LEU B 741 9.40 -33.61 50.79
CA LEU B 741 10.82 -33.64 51.16
C LEU B 741 11.02 -34.07 52.61
N TYR B 742 10.07 -33.73 53.49
CA TYR B 742 10.13 -34.27 54.84
C TYR B 742 9.88 -35.78 54.84
N ASN B 743 9.02 -36.25 53.95
CA ASN B 743 8.82 -37.70 53.82
C ASN B 743 10.01 -38.37 53.16
N TYR B 744 10.72 -37.66 52.29
CA TYR B 744 11.92 -38.19 51.64
C TYR B 744 13.15 -38.05 52.51
N LYS B 745 12.98 -37.68 53.78
CA LYS B 745 14.07 -37.55 54.74
C LYS B 745 15.07 -36.45 54.34
N PHE B 746 14.60 -35.43 53.62
CA PHE B 746 15.47 -34.33 53.25
C PHE B 746 15.37 -33.14 54.19
N LEU B 747 14.32 -33.07 55.01
CA LEU B 747 14.13 -31.99 55.97
C LEU B 747 13.71 -32.56 57.32
N ALA B 748 14.04 -31.81 58.37
CA ALA B 748 13.67 -32.20 59.73
C ALA B 748 12.24 -31.83 60.11
N SER B 749 11.57 -31.02 59.28
CA SER B 749 10.20 -30.62 59.56
C SER B 749 9.44 -30.44 58.25
N SER B 750 8.14 -30.70 58.30
CA SER B 750 7.27 -30.58 57.15
C SER B 750 6.70 -29.17 56.97
N ASN B 751 7.18 -28.20 57.75
CA ASN B 751 6.74 -26.82 57.65
C ASN B 751 7.74 -26.05 56.79
N CYS B 752 7.23 -25.37 55.76
CA CYS B 752 8.09 -24.63 54.85
C CYS B 752 8.67 -23.37 55.47
N LYS B 753 8.14 -22.92 56.61
CA LYS B 753 8.70 -21.78 57.32
C LYS B 753 9.29 -22.18 58.67
N ASP B 754 9.73 -23.43 58.78
CA ASP B 754 10.47 -23.86 59.96
C ASP B 754 11.75 -23.03 60.08
N ALA B 755 12.12 -22.71 61.32
CA ALA B 755 13.29 -21.86 61.52
C ALA B 755 14.56 -22.54 61.02
N ALA B 756 14.75 -23.82 61.35
CA ALA B 756 15.98 -24.51 60.97
C ALA B 756 16.09 -24.65 59.45
N SER B 757 14.96 -24.84 58.77
CA SER B 757 15.00 -25.05 57.31
C SER B 757 15.28 -23.78 56.54
N ASN B 758 15.39 -22.62 57.22
CA ASN B 758 15.47 -21.33 56.56
C ASN B 758 16.46 -20.36 57.23
N LYS B 759 17.54 -20.88 57.79
CA LYS B 759 18.56 -20.01 58.37
C LYS B 759 19.18 -19.09 57.33
N ASN B 760 19.16 -19.50 56.06
CA ASN B 760 19.76 -18.74 54.98
C ASN B 760 18.73 -17.97 54.15
N SER B 761 17.46 -17.99 54.55
CA SER B 761 16.40 -17.46 53.69
C SER B 761 16.40 -15.94 53.61
N GLU B 762 17.28 -15.25 54.32
CA GLU B 762 17.42 -13.81 54.15
C GLU B 762 18.74 -13.42 53.49
N LYS B 763 19.67 -14.36 53.36
CA LYS B 763 20.89 -14.15 52.60
C LYS B 763 20.55 -14.17 51.12
N ILE B 764 20.43 -12.99 50.52
CA ILE B 764 19.94 -12.87 49.15
C ILE B 764 20.94 -13.46 48.15
N PRO B 765 22.25 -13.19 48.24
CA PRO B 765 23.18 -13.86 47.32
C PRO B 765 23.13 -15.38 47.39
N LEU B 766 22.82 -15.93 48.57
CA LEU B 766 22.58 -17.37 48.66
C LEU B 766 21.36 -17.78 47.84
N LEU B 767 20.31 -16.94 47.87
CA LEU B 767 19.07 -17.30 47.19
C LEU B 767 19.24 -17.30 45.68
N ARG B 768 20.00 -16.33 45.15
CA ARG B 768 20.25 -16.30 43.71
C ARG B 768 21.13 -17.45 43.25
N ALA B 769 21.94 -18.01 44.15
CA ALA B 769 22.74 -19.17 43.79
C ALA B 769 21.88 -20.41 43.67
N ILE B 770 20.93 -20.60 44.58
CA ILE B 770 20.04 -21.75 44.51
C ILE B 770 19.03 -21.59 43.38
N ILE B 771 18.57 -20.36 43.15
CA ILE B 771 17.71 -20.10 42.00
C ILE B 771 18.47 -20.37 40.70
N GLY B 772 19.75 -19.99 40.66
CA GLY B 772 20.56 -20.30 39.50
C GLY B 772 20.79 -21.78 39.32
N ALA B 773 20.91 -22.52 40.42
CA ALA B 773 21.09 -23.97 40.34
C ALA B 773 19.89 -24.65 39.70
N GLY B 774 18.74 -23.98 39.64
CA GLY B 774 17.57 -24.53 38.98
C GLY B 774 17.39 -24.04 37.56
N LEU B 775 17.64 -22.73 37.34
CA LEU B 775 17.41 -22.12 36.04
C LEU B 775 18.59 -22.25 35.09
N TYR B 776 19.76 -22.63 35.58
CA TYR B 776 20.89 -22.95 34.71
C TYR B 776 20.46 -24.02 33.71
N PRO B 777 20.92 -23.95 32.44
CA PRO B 777 21.89 -23.02 31.85
C PRO B 777 21.29 -21.81 31.13
N ASN B 778 20.06 -21.43 31.47
CA ASN B 778 19.40 -20.29 30.82
C ASN B 778 20.00 -19.02 31.40
N MET B 779 21.06 -18.51 30.76
CA MET B 779 21.79 -17.34 31.23
C MET B 779 21.71 -16.21 30.22
N ALA B 780 21.82 -14.98 30.71
CA ALA B 780 21.86 -13.79 29.88
C ALA B 780 22.80 -12.77 30.51
N HIS B 781 23.45 -11.98 29.65
CA HIS B 781 24.48 -11.03 30.10
C HIS B 781 24.20 -9.67 29.47
N LEU B 782 24.00 -8.66 30.31
CA LEU B 782 23.74 -7.30 29.86
C LEU B 782 25.07 -6.56 29.63
N ARG B 783 25.07 -5.68 28.63
CA ARG B 783 26.33 -5.05 28.23
C ARG B 783 26.32 -3.52 28.26
N LYS B 784 25.17 -2.87 28.09
CA LYS B 784 25.09 -1.42 28.24
C LYS B 784 23.65 -0.98 28.41
N SER B 785 23.47 0.28 28.81
CA SER B 785 22.15 0.85 29.05
C SER B 785 22.24 2.38 28.94
N ARG B 786 21.18 3.06 29.38
CA ARG B 786 20.88 4.42 28.92
C ARG B 786 20.08 5.14 30.01
N GLN B 787 20.33 6.46 30.15
CA GLN B 787 19.70 7.24 31.20
C GLN B 787 19.18 8.59 30.70
N ILE B 788 18.63 8.63 29.50
CA ILE B 788 18.10 9.87 28.94
C ILE B 788 17.05 9.55 27.87
N LYS B 789 15.91 10.24 27.92
CA LYS B 789 15.64 11.28 28.90
C LYS B 789 14.16 11.35 29.26
N ASN B 790 13.35 10.50 28.62
CA ASN B 790 11.90 10.47 28.80
C ASN B 790 11.53 10.71 30.25
N ARG B 791 11.89 9.76 31.13
CA ARG B 791 11.86 9.99 32.56
C ARG B 791 12.79 9.00 33.24
N VAL B 792 12.48 7.71 33.15
CA VAL B 792 13.20 6.70 33.91
C VAL B 792 13.18 5.36 33.17
N ARG B 793 13.71 5.32 31.94
CA ARG B 793 13.84 4.08 31.20
C ARG B 793 15.24 3.93 30.64
N ALA B 794 15.66 2.68 30.48
CA ALA B 794 16.97 2.34 29.94
C ALA B 794 16.82 1.34 28.80
N ILE B 795 17.80 1.35 27.90
CA ILE B 795 17.79 0.49 26.72
C ILE B 795 18.87 -0.57 26.90
N HIS B 796 18.48 -1.84 26.80
CA HIS B 796 19.31 -2.96 27.21
C HIS B 796 19.90 -3.68 26.01
N THR B 797 21.22 -3.71 25.93
CA THR B 797 21.94 -4.56 24.99
C THR B 797 22.40 -5.80 25.77
N MET B 798 21.58 -6.85 25.72
CA MET B 798 21.91 -8.10 26.38
C MET B 798 21.57 -9.26 25.47
N ALA B 799 22.31 -10.36 25.64
CA ALA B 799 22.13 -11.56 24.84
C ALA B 799 22.23 -12.78 25.75
N THR B 800 21.62 -13.88 25.31
CA THR B 800 21.69 -15.12 26.05
C THR B 800 23.05 -15.80 25.83
N ASP B 801 23.22 -16.96 26.47
CA ASP B 801 24.45 -17.72 26.30
C ASP B 801 24.64 -18.20 24.87
N ASP B 802 23.56 -18.35 24.11
CA ASP B 802 23.64 -18.78 22.72
C ASP B 802 23.88 -17.63 21.76
N GLY B 803 23.98 -16.39 22.25
CA GLY B 803 24.33 -15.25 21.44
C GLY B 803 23.16 -14.44 20.91
N ARG B 804 21.94 -14.94 21.02
CA ARG B 804 20.78 -14.23 20.49
C ARG B 804 20.46 -13.01 21.33
N ARG B 805 20.15 -11.90 20.67
CA ARG B 805 19.86 -10.65 21.37
C ARG B 805 18.51 -10.74 22.08
N VAL B 806 18.51 -10.51 23.39
CA VAL B 806 17.33 -10.65 24.21
C VAL B 806 17.05 -9.33 24.91
N ASN B 807 15.86 -9.23 25.50
CA ASN B 807 15.48 -8.07 26.30
C ASN B 807 14.46 -8.51 27.33
N PHE B 808 14.39 -7.78 28.43
CA PHE B 808 13.44 -8.11 29.48
C PHE B 808 12.02 -7.84 29.01
N HIS B 809 11.15 -8.82 29.20
CA HIS B 809 9.74 -8.61 28.90
C HIS B 809 9.20 -7.49 29.79
N PRO B 810 8.37 -6.59 29.25
CA PRO B 810 7.87 -5.46 30.07
C PRO B 810 7.19 -5.89 31.35
N SER B 811 6.65 -7.11 31.43
CA SER B 811 6.03 -7.58 32.66
C SER B 811 7.06 -7.90 33.74
N SER B 812 8.29 -8.20 33.36
CA SER B 812 9.34 -8.45 34.35
C SER B 812 9.71 -7.15 35.06
N VAL B 813 10.01 -7.26 36.35
CA VAL B 813 10.39 -6.08 37.13
C VAL B 813 11.76 -5.55 36.75
N ASN B 814 12.54 -6.30 35.97
CA ASN B 814 13.83 -5.84 35.50
C ASN B 814 13.74 -5.10 34.18
N SER B 815 12.55 -4.92 33.63
CA SER B 815 12.39 -4.24 32.36
C SER B 815 12.64 -2.75 32.54
N GLY B 816 13.50 -2.19 31.69
CA GLY B 816 13.79 -0.77 31.74
C GLY B 816 14.53 -0.30 32.97
N GLU B 817 15.03 -1.21 33.79
CA GLU B 817 15.78 -0.83 34.98
C GLU B 817 17.23 -0.55 34.60
N SER B 818 17.94 0.10 35.52
CA SER B 818 19.34 0.47 35.31
C SER B 818 20.12 0.25 36.59
N GLY B 819 21.44 0.26 36.46
CA GLY B 819 22.32 0.12 37.60
C GLY B 819 22.18 -1.18 38.35
N PHE B 820 22.48 -2.29 37.69
CA PHE B 820 22.45 -3.60 38.32
C PHE B 820 23.78 -3.89 39.00
N ASP B 821 23.71 -4.52 40.17
CA ASP B 821 24.94 -4.92 40.86
C ASP B 821 25.74 -5.94 40.06
N SER B 822 25.10 -6.63 39.11
CA SER B 822 25.76 -7.62 38.29
C SER B 822 25.08 -7.64 36.92
N ALA B 823 25.86 -8.01 35.90
CA ALA B 823 25.38 -7.98 34.53
C ALA B 823 24.78 -9.29 34.06
N TYR B 824 24.74 -10.32 34.92
CA TYR B 824 24.33 -11.66 34.52
C TYR B 824 22.97 -12.01 35.11
N PHE B 825 22.20 -12.78 34.34
CA PHE B 825 20.82 -13.10 34.68
C PHE B 825 20.52 -14.53 34.29
N VAL B 826 19.61 -15.15 35.07
CA VAL B 826 19.06 -16.45 34.72
C VAL B 826 17.55 -16.30 34.54
N TYR B 827 17.00 -17.10 33.63
CA TYR B 827 15.59 -16.99 33.27
C TYR B 827 14.98 -18.38 33.16
N PHE B 828 13.65 -18.43 33.19
CA PHE B 828 12.92 -19.67 33.02
C PHE B 828 12.37 -19.85 31.61
N GLN B 829 11.79 -18.80 31.05
CA GLN B 829 11.18 -18.86 29.73
C GLN B 829 11.62 -17.67 28.89
N ARG B 830 12.03 -17.96 27.66
CA ARG B 830 12.34 -16.95 26.68
C ARG B 830 11.35 -17.08 25.52
N GLN B 831 10.79 -15.96 25.09
CA GLN B 831 9.67 -15.98 24.16
C GLN B 831 9.75 -14.81 23.20
N LYS B 832 9.38 -15.03 21.94
CA LYS B 832 9.38 -14.00 20.91
C LYS B 832 7.93 -13.68 20.55
N SER B 833 7.51 -12.45 20.84
CA SER B 833 6.21 -11.95 20.42
C SER B 833 6.36 -10.73 19.53
N THR B 834 6.89 -9.62 20.05
CA THR B 834 7.33 -8.50 19.24
C THR B 834 8.85 -8.37 19.23
N ASP B 835 9.52 -9.14 20.08
CA ASP B 835 10.97 -9.26 20.17
C ASP B 835 11.20 -10.45 21.09
N LEU B 836 12.41 -10.99 21.05
CA LEU B 836 12.70 -12.18 21.84
C LEU B 836 12.95 -11.75 23.28
N PHE B 837 11.96 -11.98 24.14
CA PHE B 837 11.93 -11.47 25.50
C PHE B 837 12.29 -12.54 26.52
N LEU B 838 12.66 -12.09 27.71
CA LEU B 838 12.83 -12.95 28.88
C LEU B 838 11.65 -12.69 29.82
N LEU B 839 10.73 -13.66 29.88
CA LEU B 839 9.50 -13.47 30.64
C LEU B 839 9.75 -13.28 32.14
N ASP B 840 10.90 -13.75 32.64
CA ASP B 840 11.22 -13.67 34.05
C ASP B 840 12.73 -13.75 34.18
N SER B 841 13.27 -13.09 35.20
CA SER B 841 14.71 -13.04 35.35
C SER B 841 15.09 -12.89 36.82
N THR B 842 16.34 -13.23 37.11
CA THR B 842 16.93 -13.06 38.42
C THR B 842 18.40 -12.71 38.24
N MET B 843 18.83 -11.61 38.85
CA MET B 843 20.22 -11.21 38.76
C MET B 843 21.09 -12.16 39.58
N VAL B 844 22.12 -12.71 38.94
CA VAL B 844 22.99 -13.70 39.56
C VAL B 844 24.43 -13.22 39.47
N PHE B 845 25.26 -13.69 40.40
CA PHE B 845 26.66 -13.32 40.36
C PHE B 845 27.49 -14.47 39.79
N PRO B 846 28.59 -14.14 39.09
CA PRO B 846 29.34 -15.19 38.37
C PRO B 846 29.83 -16.31 39.25
N MET B 847 30.27 -16.02 40.48
CA MET B 847 30.78 -17.06 41.36
C MET B 847 29.71 -18.09 41.70
N ALA B 848 28.45 -17.65 41.82
CA ALA B 848 27.37 -18.61 42.03
C ALA B 848 27.16 -19.49 40.82
N LEU B 849 27.28 -18.92 39.62
CA LEU B 849 27.05 -19.69 38.40
C LEU B 849 28.09 -20.77 38.22
N ILE B 850 29.37 -20.44 38.40
CA ILE B 850 30.43 -21.41 38.16
C ILE B 850 30.42 -22.51 39.23
N ILE B 851 29.93 -22.20 40.43
CA ILE B 851 29.87 -23.21 41.47
C ILE B 851 28.82 -24.26 41.14
N PHE B 852 27.62 -23.82 40.78
CA PHE B 852 26.49 -24.71 40.56
C PHE B 852 26.30 -25.09 39.09
N GLY B 853 27.14 -24.57 38.19
CA GLY B 853 27.03 -24.87 36.78
C GLY B 853 28.00 -25.95 36.34
N ASP B 854 28.19 -26.04 35.03
CA ASP B 854 29.17 -26.95 34.45
C ASP B 854 29.94 -26.19 33.38
N GLY B 855 30.79 -26.90 32.64
CA GLY B 855 31.68 -26.24 31.71
C GLY B 855 32.65 -25.31 32.38
N VAL B 856 33.18 -25.72 33.53
CA VAL B 856 34.05 -24.89 34.36
C VAL B 856 35.48 -25.41 34.20
N GLU B 857 36.33 -24.62 33.55
CA GLU B 857 37.75 -24.91 33.45
C GLU B 857 38.53 -23.66 33.83
N ALA B 858 39.77 -23.87 34.27
CA ALA B 858 40.66 -22.78 34.65
C ALA B 858 41.85 -22.77 33.69
N GLY B 859 42.19 -21.57 33.22
CA GLY B 859 43.29 -21.45 32.28
C GLY B 859 43.83 -20.04 32.20
N VAL B 860 44.59 -19.79 31.13
CA VAL B 860 45.23 -18.50 30.87
C VAL B 860 45.22 -18.27 29.36
N THR B 861 44.60 -17.19 28.89
CA THR B 861 44.46 -17.00 27.45
C THR B 861 45.18 -15.76 26.92
N GLN B 862 44.89 -14.56 27.43
CA GLN B 862 45.64 -13.39 27.00
C GLN B 862 47.07 -13.56 27.48
N ASN B 863 47.33 -13.10 28.70
CA ASN B 863 48.35 -13.69 29.57
C ASN B 863 47.75 -13.79 30.97
N THR B 864 46.41 -13.82 31.05
CA THR B 864 45.57 -13.59 32.20
C THR B 864 44.93 -14.89 32.65
N PRO B 865 44.91 -15.19 33.95
CA PRO B 865 44.23 -16.40 34.42
C PRO B 865 42.72 -16.19 34.45
N TYR B 866 42.00 -17.21 33.98
CA TYR B 866 40.55 -17.11 33.87
C TYR B 866 39.89 -18.27 34.59
N LEU B 867 38.59 -18.14 34.77
CA LEU B 867 37.75 -19.23 35.25
C LEU B 867 36.37 -19.06 34.64
N CYS B 868 35.96 -20.03 33.83
CA CYS B 868 34.81 -19.90 32.98
C CYS B 868 33.65 -20.76 33.46
N VAL B 869 32.47 -20.50 32.89
CA VAL B 869 31.26 -21.28 33.12
C VAL B 869 30.64 -21.58 31.77
N ALA B 870 30.08 -22.79 31.64
CA ALA B 870 29.53 -23.31 30.39
C ALA B 870 30.51 -23.22 29.23
N LYS B 871 31.79 -22.98 29.52
CA LYS B 871 32.80 -22.66 28.50
C LYS B 871 32.28 -21.57 27.55
N THR B 872 31.56 -20.61 28.12
CA THR B 872 30.94 -19.49 27.41
C THR B 872 31.26 -18.15 28.04
N TYR B 873 31.29 -18.06 29.37
CA TYR B 873 31.58 -16.82 30.09
C TYR B 873 32.89 -17.00 30.84
N TYR B 874 33.93 -16.29 30.42
CA TYR B 874 35.24 -16.38 31.04
C TYR B 874 35.45 -15.17 31.95
N PHE B 875 35.87 -15.43 33.19
CA PHE B 875 36.09 -14.39 34.18
C PHE B 875 37.53 -14.43 34.69
N LYS B 876 38.11 -13.24 34.89
CA LYS B 876 39.45 -13.17 35.46
C LYS B 876 39.45 -13.73 36.88
N CYS B 877 40.39 -14.62 37.15
CA CYS B 877 40.45 -15.29 38.45
C CYS B 877 41.86 -15.82 38.65
N ASN B 878 42.49 -15.43 39.75
CA ASN B 878 43.84 -15.91 40.04
C ASN B 878 43.83 -17.41 40.31
N ARG B 879 45.00 -18.02 40.14
CA ARG B 879 45.12 -19.47 40.24
C ARG B 879 44.69 -19.99 41.61
N GLU B 880 44.93 -19.21 42.67
CA GLU B 880 44.69 -19.72 44.01
C GLU B 880 43.20 -19.92 44.29
N THR B 881 42.37 -18.94 43.91
CA THR B 881 40.93 -19.15 44.05
C THR B 881 40.41 -20.17 43.05
N ALA B 882 41.04 -20.25 41.87
CA ALA B 882 40.56 -21.17 40.85
C ALA B 882 40.61 -22.61 41.33
N ASP B 883 41.74 -23.03 41.89
CA ASP B 883 41.89 -24.41 42.33
C ASP B 883 40.94 -24.75 43.47
N VAL B 884 40.70 -23.81 44.38
CA VAL B 884 39.82 -24.14 45.51
C VAL B 884 38.36 -24.10 45.08
N VAL B 885 38.03 -23.32 44.05
CA VAL B 885 36.66 -23.31 43.55
C VAL B 885 36.32 -24.65 42.91
N ILE B 886 37.22 -25.16 42.05
CA ILE B 886 37.01 -26.45 41.42
C ILE B 886 37.00 -27.56 42.47
N GLN B 887 37.97 -27.54 43.38
CA GLN B 887 37.98 -28.48 44.49
C GLN B 887 36.70 -28.39 45.31
N LEU B 888 36.14 -27.19 45.42
CA LEU B 888 34.84 -27.03 46.08
C LEU B 888 33.73 -27.70 45.29
N ARG B 889 33.78 -27.59 43.96
CA ARG B 889 32.76 -28.23 43.13
C ARG B 889 32.85 -29.75 43.20
N SER B 890 34.06 -30.30 43.35
CA SER B 890 34.21 -31.73 43.50
C SER B 890 33.51 -32.23 44.76
N ASN B 891 33.77 -31.58 45.89
CA ASN B 891 33.12 -31.96 47.14
C ASN B 891 31.61 -31.74 47.07
N LEU B 892 31.17 -30.70 46.37
CA LEU B 892 29.73 -30.50 46.20
C LEU B 892 29.12 -31.63 45.38
N GLU B 893 29.81 -32.06 44.32
CA GLU B 893 29.30 -33.17 43.52
C GLU B 893 29.18 -34.45 44.33
N LYS B 894 30.17 -34.72 45.19
CA LYS B 894 30.15 -35.94 45.98
C LYS B 894 29.14 -35.87 47.12
N LEU B 895 28.87 -34.69 47.65
CA LEU B 895 27.82 -34.55 48.64
C LEU B 895 26.44 -34.78 48.02
N LEU B 896 26.19 -34.15 46.87
CA LEU B 896 24.90 -34.33 46.18
C LEU B 896 24.66 -35.79 45.83
N LEU B 897 25.71 -36.51 45.43
CA LEU B 897 25.56 -37.93 45.14
C LEU B 897 25.20 -38.72 46.40
N LYS B 898 25.90 -38.44 47.51
CA LYS B 898 25.61 -39.14 48.75
C LYS B 898 24.23 -38.77 49.27
N LYS B 899 23.86 -37.49 49.19
CA LYS B 899 22.57 -37.05 49.73
C LYS B 899 21.41 -37.70 48.99
N ALA B 900 21.56 -37.90 47.67
CA ALA B 900 20.49 -38.54 46.90
C ALA B 900 20.36 -40.01 47.25
N LEU B 901 21.48 -40.71 47.39
CA LEU B 901 21.45 -42.15 47.62
C LEU B 901 21.04 -42.47 49.06
N TYR B 902 21.48 -41.66 50.02
CA TYR B 902 21.23 -41.88 51.43
C TYR B 902 20.59 -40.62 52.02
N PRO B 903 19.30 -40.40 51.74
CA PRO B 903 18.65 -39.13 52.13
C PRO B 903 18.54 -39.00 53.65
N ALA B 904 19.12 -37.92 54.16
CA ALA B 904 18.98 -37.50 55.55
C ALA B 904 19.16 -36.00 55.60
N PRO B 905 18.56 -35.31 56.57
CA PRO B 905 18.81 -33.88 56.69
C PRO B 905 20.25 -33.62 57.10
N ILE B 906 20.72 -32.42 56.78
CA ILE B 906 22.09 -32.03 57.07
C ILE B 906 22.17 -31.59 58.53
N GLU B 907 22.98 -32.30 59.32
CA GLU B 907 23.23 -31.87 60.68
C GLU B 907 23.93 -30.52 60.68
N GLU B 908 23.50 -29.63 61.58
CA GLU B 908 24.11 -28.31 61.65
C GLU B 908 25.56 -28.39 62.12
N ASN B 909 25.84 -29.24 63.09
CA ASN B 909 27.19 -29.41 63.62
C ASN B 909 27.80 -30.73 63.17
N GLY B 910 27.63 -31.05 61.88
CA GLY B 910 28.21 -32.24 61.29
C GLY B 910 29.24 -31.90 60.22
N TYR B 911 29.74 -32.96 59.58
CA TYR B 911 30.79 -32.79 58.58
C TYR B 911 30.28 -32.06 57.34
N GLU B 912 29.12 -32.48 56.82
CA GLU B 912 28.67 -31.99 55.52
C GLU B 912 28.22 -30.55 55.54
N LYS B 913 27.77 -30.03 56.69
CA LYS B 913 27.42 -28.62 56.74
C LYS B 913 28.67 -27.73 56.72
N GLN B 914 29.81 -28.25 57.16
CA GLN B 914 31.06 -27.53 56.97
C GLN B 914 31.33 -27.28 55.49
N LEU B 915 30.89 -28.19 54.62
CA LEU B 915 30.97 -27.93 53.19
C LEU B 915 29.97 -26.87 52.75
N ILE B 916 28.78 -26.84 53.37
CA ILE B 916 27.79 -25.83 52.99
C ILE B 916 28.17 -24.48 53.56
N LYS B 917 28.78 -24.46 54.75
CA LYS B 917 29.34 -23.22 55.26
C LYS B 917 30.45 -22.70 54.36
N ALA B 918 31.24 -23.61 53.77
CA ALA B 918 32.27 -23.19 52.82
C ALA B 918 31.66 -22.63 51.55
N ILE B 919 30.53 -23.17 51.10
CA ILE B 919 29.90 -22.66 49.90
C ILE B 919 29.24 -21.31 50.19
N GLU B 920 28.62 -21.16 51.37
CA GLU B 920 28.04 -19.87 51.73
C GLU B 920 29.10 -18.80 51.87
N LEU B 921 30.26 -19.15 52.44
CA LEU B 921 31.31 -18.17 52.67
C LEU B 921 31.72 -17.46 51.39
N LEU B 922 31.85 -18.21 50.29
CA LEU B 922 32.23 -17.59 49.04
C LEU B 922 31.08 -16.81 48.41
N LEU B 923 29.86 -17.32 48.54
CA LEU B 923 28.70 -16.66 47.92
C LEU B 923 28.39 -15.33 48.61
N SER B 924 28.77 -15.17 49.87
CA SER B 924 28.48 -13.94 50.59
C SER B 924 29.36 -12.78 50.17
N LEU B 925 30.46 -13.04 49.46
CA LEU B 925 31.36 -11.97 49.03
C LEU B 925 30.71 -11.02 48.03
N ASP B 926 29.50 -11.32 47.54
CA ASP B 926 28.81 -10.49 46.57
C ASP B 926 27.63 -9.74 47.19
N GLU B 927 27.59 -9.62 48.51
CA GLU B 927 26.46 -8.98 49.17
C GLU B 927 26.47 -7.47 48.94
N ARG B 928 25.28 -6.88 49.01
CA ARG B 928 25.13 -5.46 48.76
C ARG B 928 25.88 -4.64 49.81
N LEU B 929 26.51 -3.56 49.37
CA LEU B 929 27.25 -2.68 50.26
C LEU B 929 26.31 -1.94 51.20
#